data_4O7K
# 
_entry.id   4O7K 
# 
_audit_conform.dict_name       mmcif_pdbx.dic 
_audit_conform.dict_version    5.388 
_audit_conform.dict_location   http://mmcif.pdb.org/dictionaries/ascii/mmcif_pdbx.dic 
# 
loop_
_database_2.database_id 
_database_2.database_code 
_database_2.pdbx_database_accession 
_database_2.pdbx_DOI 
PDB   4O7K         pdb_00004o7k 10.2210/pdb4o7k/pdb 
RCSB  RCSB084141   ?            ?                   
WWPDB D_1000084141 ?            ?                   
# 
loop_
_pdbx_audit_revision_history.ordinal 
_pdbx_audit_revision_history.data_content_type 
_pdbx_audit_revision_history.major_revision 
_pdbx_audit_revision_history.minor_revision 
_pdbx_audit_revision_history.revision_date 
1 'Structure model' 1 0 2014-11-05 
2 'Structure model' 1 1 2014-12-24 
3 'Structure model' 1 2 2024-03-20 
# 
_pdbx_audit_revision_details.ordinal             1 
_pdbx_audit_revision_details.revision_ordinal    1 
_pdbx_audit_revision_details.data_content_type   'Structure model' 
_pdbx_audit_revision_details.provider            repository 
_pdbx_audit_revision_details.type                'Initial release' 
_pdbx_audit_revision_details.description         ? 
_pdbx_audit_revision_details.details             ? 
# 
loop_
_pdbx_audit_revision_group.ordinal 
_pdbx_audit_revision_group.revision_ordinal 
_pdbx_audit_revision_group.data_content_type 
_pdbx_audit_revision_group.group 
1 2 'Structure model' 'Database references'  
2 3 'Structure model' 'Data collection'      
3 3 'Structure model' 'Database references'  
4 3 'Structure model' 'Derived calculations' 
# 
loop_
_pdbx_audit_revision_category.ordinal 
_pdbx_audit_revision_category.revision_ordinal 
_pdbx_audit_revision_category.data_content_type 
_pdbx_audit_revision_category.category 
1 3 'Structure model' chem_comp_atom     
2 3 'Structure model' chem_comp_bond     
3 3 'Structure model' database_2         
4 3 'Structure model' struct_ref_seq_dif 
5 3 'Structure model' struct_site        
# 
loop_
_pdbx_audit_revision_item.ordinal 
_pdbx_audit_revision_item.revision_ordinal 
_pdbx_audit_revision_item.data_content_type 
_pdbx_audit_revision_item.item 
1 3 'Structure model' '_database_2.pdbx_DOI'                
2 3 'Structure model' '_database_2.pdbx_database_accession' 
3 3 'Structure model' '_struct_ref_seq_dif.details'         
4 3 'Structure model' '_struct_site.pdbx_auth_asym_id'      
5 3 'Structure model' '_struct_site.pdbx_auth_comp_id'      
6 3 'Structure model' '_struct_site.pdbx_auth_seq_id'       
# 
_pdbx_database_status.status_code                     REL 
_pdbx_database_status.entry_id                        4O7K 
_pdbx_database_status.recvd_initial_deposition_date   2013-12-25 
_pdbx_database_status.deposit_site                    RCSB 
_pdbx_database_status.process_site                    PDBJ 
_pdbx_database_status.methods_development_category    ? 
_pdbx_database_status.status_code_sf                  REL 
_pdbx_database_status.status_code_mr                  ? 
_pdbx_database_status.SG_entry                        ? 
_pdbx_database_status.status_code_cs                  ? 
_pdbx_database_status.pdb_format_compatible           Y 
_pdbx_database_status.status_code_nmr_data            ? 
# 
_pdbx_database_related.db_name        PDB 
_pdbx_database_related.db_id          4OVB 
_pdbx_database_related.details        . 
_pdbx_database_related.content_type   unspecified 
# 
loop_
_audit_author.name 
_audit_author.pdbx_ordinal 
'Maindola, P.' 1 
'Goyal, P.'    2 
'Arulandu, A.' 3 
# 
_citation.id                        primary 
_citation.title                     
'Multiple enzymatic activities of ParB/Srx superfamily mediate sexual conflict among conjugative plasmids' 
_citation.journal_abbrev            'Nat Commun' 
_citation.journal_volume            5 
_citation.page_first                5322 
_citation.page_last                 5322 
_citation.year                      2014 
_citation.journal_id_ASTM           ? 
_citation.country                   UK 
_citation.journal_id_ISSN           2041-1723 
_citation.journal_id_CSD            ? 
_citation.book_publisher            ? 
_citation.pdbx_database_id_PubMed   25358815 
_citation.pdbx_database_id_DOI      10.1038/ncomms6322 
# 
loop_
_citation_author.citation_id 
_citation_author.name 
_citation_author.ordinal 
_citation_author.identifier_ORCID 
primary 'Maindola, P.'    1  ? 
primary 'Raina, R.'       2  ? 
primary 'Goyal, P.'       3  ? 
primary 'Atmakuri, K.'    4  ? 
primary 'Ojha, A.'        5  ? 
primary 'Gupta, S.'       6  ? 
primary 'Christie, P.J.'  7  ? 
primary 'Iyer, L.M.'      8  ? 
primary 'Aravind, L.'     9  ? 
primary 'Arockiasamy, A.' 10 ? 
# 
loop_
_entity.id 
_entity.type 
_entity.src_method 
_entity.pdbx_description 
_entity.formula_weight 
_entity.pdbx_number_of_molecules 
_entity.pdbx_ec 
_entity.pdbx_mutation 
_entity.pdbx_fragment 
_entity.details 
1 polymer     man 'Protein osa'       21277.684 1   ? R4W ? ? 
2 non-polymer syn 'PHOSPHATE ION'     94.971    2   ? ?   ? ? 
3 non-polymer syn 'CHLORIDE ION'      35.453    1   ? ?   ? ? 
4 non-polymer syn 'ISOPROPYL ALCOHOL' 60.095    2   ? ?   ? ? 
5 water       nat water               18.015    111 ? ?   ? ? 
# 
_entity_name_com.entity_id   1 
_entity_name_com.name        'ONCOGENIC SUPPRESSION ACTIVITY PROTEIN' 
# 
_entity_poly.entity_id                      1 
_entity_poly.type                           'polypeptide(L)' 
_entity_poly.nstd_linkage                   no 
_entity_poly.nstd_monomer                   no 
_entity_poly.pdbx_seq_one_letter_code       
;HHMLLWRRCRAWLEIRRLDKELAQSSGLPLELPQIVPNAWNEVVWRLPVPNHPDAFMTASNAAQSDFIVYVNGLAFYRAW
LALGVEDSQACPLKQDMPKDRKYPSSAAHFAVGIDSPVPLADVSPTMILGHFAVCFTDGMTRSMWLLAHEVAVFPVLSRD
EASAVMLAEHVGVAAPIQVSKLREQCRKIL
;
_entity_poly.pdbx_seq_one_letter_code_can   
;HHMLLWRRCRAWLEIRRLDKELAQSSGLPLELPQIVPNAWNEVVWRLPVPNHPDAFMTASNAAQSDFIVYVNGLAFYRAW
LALGVEDSQACPLKQDMPKDRKYPSSAAHFAVGIDSPVPLADVSPTMILGHFAVCFTDGMTRSMWLLAHEVAVFPVLSRD
EASAVMLAEHVGVAAPIQVSKLREQCRKIL
;
_entity_poly.pdbx_strand_id                 A 
_entity_poly.pdbx_target_identifier         ? 
# 
loop_
_pdbx_entity_nonpoly.entity_id 
_pdbx_entity_nonpoly.name 
_pdbx_entity_nonpoly.comp_id 
2 'PHOSPHATE ION'     PO4 
3 'CHLORIDE ION'      CL  
4 'ISOPROPYL ALCOHOL' IPA 
5 water               HOH 
# 
loop_
_entity_poly_seq.entity_id 
_entity_poly_seq.num 
_entity_poly_seq.mon_id 
_entity_poly_seq.hetero 
1 1   HIS n 
1 2   HIS n 
1 3   MET n 
1 4   LEU n 
1 5   LEU n 
1 6   TRP n 
1 7   ARG n 
1 8   ARG n 
1 9   CYS n 
1 10  ARG n 
1 11  ALA n 
1 12  TRP n 
1 13  LEU n 
1 14  GLU n 
1 15  ILE n 
1 16  ARG n 
1 17  ARG n 
1 18  LEU n 
1 19  ASP n 
1 20  LYS n 
1 21  GLU n 
1 22  LEU n 
1 23  ALA n 
1 24  GLN n 
1 25  SER n 
1 26  SER n 
1 27  GLY n 
1 28  LEU n 
1 29  PRO n 
1 30  LEU n 
1 31  GLU n 
1 32  LEU n 
1 33  PRO n 
1 34  GLN n 
1 35  ILE n 
1 36  VAL n 
1 37  PRO n 
1 38  ASN n 
1 39  ALA n 
1 40  TRP n 
1 41  ASN n 
1 42  GLU n 
1 43  VAL n 
1 44  VAL n 
1 45  TRP n 
1 46  ARG n 
1 47  LEU n 
1 48  PRO n 
1 49  VAL n 
1 50  PRO n 
1 51  ASN n 
1 52  HIS n 
1 53  PRO n 
1 54  ASP n 
1 55  ALA n 
1 56  PHE n 
1 57  MET n 
1 58  THR n 
1 59  ALA n 
1 60  SER n 
1 61  ASN n 
1 62  ALA n 
1 63  ALA n 
1 64  GLN n 
1 65  SER n 
1 66  ASP n 
1 67  PHE n 
1 68  ILE n 
1 69  VAL n 
1 70  TYR n 
1 71  VAL n 
1 72  ASN n 
1 73  GLY n 
1 74  LEU n 
1 75  ALA n 
1 76  PHE n 
1 77  TYR n 
1 78  ARG n 
1 79  ALA n 
1 80  TRP n 
1 81  LEU n 
1 82  ALA n 
1 83  LEU n 
1 84  GLY n 
1 85  VAL n 
1 86  GLU n 
1 87  ASP n 
1 88  SER n 
1 89  GLN n 
1 90  ALA n 
1 91  CYS n 
1 92  PRO n 
1 93  LEU n 
1 94  LYS n 
1 95  GLN n 
1 96  ASP n 
1 97  MET n 
1 98  PRO n 
1 99  LYS n 
1 100 ASP n 
1 101 ARG n 
1 102 LYS n 
1 103 TYR n 
1 104 PRO n 
1 105 SER n 
1 106 SER n 
1 107 ALA n 
1 108 ALA n 
1 109 HIS n 
1 110 PHE n 
1 111 ALA n 
1 112 VAL n 
1 113 GLY n 
1 114 ILE n 
1 115 ASP n 
1 116 SER n 
1 117 PRO n 
1 118 VAL n 
1 119 PRO n 
1 120 LEU n 
1 121 ALA n 
1 122 ASP n 
1 123 VAL n 
1 124 SER n 
1 125 PRO n 
1 126 THR n 
1 127 MET n 
1 128 ILE n 
1 129 LEU n 
1 130 GLY n 
1 131 HIS n 
1 132 PHE n 
1 133 ALA n 
1 134 VAL n 
1 135 CYS n 
1 136 PHE n 
1 137 THR n 
1 138 ASP n 
1 139 GLY n 
1 140 MET n 
1 141 THR n 
1 142 ARG n 
1 143 SER n 
1 144 MET n 
1 145 TRP n 
1 146 LEU n 
1 147 LEU n 
1 148 ALA n 
1 149 HIS n 
1 150 GLU n 
1 151 VAL n 
1 152 ALA n 
1 153 VAL n 
1 154 PHE n 
1 155 PRO n 
1 156 VAL n 
1 157 LEU n 
1 158 SER n 
1 159 ARG n 
1 160 ASP n 
1 161 GLU n 
1 162 ALA n 
1 163 SER n 
1 164 ALA n 
1 165 VAL n 
1 166 MET n 
1 167 LEU n 
1 168 ALA n 
1 169 GLU n 
1 170 HIS n 
1 171 VAL n 
1 172 GLY n 
1 173 VAL n 
1 174 ALA n 
1 175 ALA n 
1 176 PRO n 
1 177 ILE n 
1 178 GLN n 
1 179 VAL n 
1 180 SER n 
1 181 LYS n 
1 182 LEU n 
1 183 ARG n 
1 184 GLU n 
1 185 GLN n 
1 186 CYS n 
1 187 ARG n 
1 188 LYS n 
1 189 ILE n 
1 190 LEU n 
# 
_entity_src_gen.entity_id                          1 
_entity_src_gen.pdbx_src_id                        1 
_entity_src_gen.pdbx_alt_source_flag               sample 
_entity_src_gen.pdbx_seq_type                      ? 
_entity_src_gen.pdbx_beg_seq_num                   ? 
_entity_src_gen.pdbx_end_seq_num                   ? 
_entity_src_gen.gene_src_common_name               ? 
_entity_src_gen.gene_src_genus                     ? 
_entity_src_gen.pdbx_gene_src_gene                 osa 
_entity_src_gen.gene_src_species                   ? 
_entity_src_gen.gene_src_strain                    ? 
_entity_src_gen.gene_src_tissue                    ? 
_entity_src_gen.gene_src_tissue_fraction           ? 
_entity_src_gen.gene_src_details                   'IncW plasmid Sa (pSa)' 
_entity_src_gen.pdbx_gene_src_fragment             ? 
_entity_src_gen.pdbx_gene_src_scientific_name      'Shigella flexneri' 
_entity_src_gen.pdbx_gene_src_ncbi_taxonomy_id     623 
_entity_src_gen.pdbx_gene_src_variant              ? 
_entity_src_gen.pdbx_gene_src_cell_line            ? 
_entity_src_gen.pdbx_gene_src_atcc                 ? 
_entity_src_gen.pdbx_gene_src_organ                ? 
_entity_src_gen.pdbx_gene_src_organelle            ? 
_entity_src_gen.pdbx_gene_src_cell                 ? 
_entity_src_gen.pdbx_gene_src_cellular_location    ? 
_entity_src_gen.host_org_common_name               ? 
_entity_src_gen.pdbx_host_org_scientific_name      'Escherichia coli' 
_entity_src_gen.pdbx_host_org_ncbi_taxonomy_id     562 
_entity_src_gen.host_org_genus                     ? 
_entity_src_gen.pdbx_host_org_gene                 ? 
_entity_src_gen.pdbx_host_org_organ                ? 
_entity_src_gen.host_org_species                   ? 
_entity_src_gen.pdbx_host_org_tissue               ? 
_entity_src_gen.pdbx_host_org_tissue_fraction      ? 
_entity_src_gen.pdbx_host_org_strain               'BL21(DE3)pLysS' 
_entity_src_gen.pdbx_host_org_variant              ? 
_entity_src_gen.pdbx_host_org_cell_line            ? 
_entity_src_gen.pdbx_host_org_atcc                 ? 
_entity_src_gen.pdbx_host_org_culture_collection   ? 
_entity_src_gen.pdbx_host_org_cell                 ? 
_entity_src_gen.pdbx_host_org_organelle            ? 
_entity_src_gen.pdbx_host_org_cellular_location    ? 
_entity_src_gen.pdbx_host_org_vector_type          plasmid 
_entity_src_gen.pdbx_host_org_vector               ? 
_entity_src_gen.host_org_details                   ? 
_entity_src_gen.expression_system_id               ? 
_entity_src_gen.plasmid_name                       ? 
_entity_src_gen.plasmid_details                    ? 
_entity_src_gen.pdbx_description                   ? 
# 
loop_
_chem_comp.id 
_chem_comp.type 
_chem_comp.mon_nstd_flag 
_chem_comp.name 
_chem_comp.pdbx_synonyms 
_chem_comp.formula 
_chem_comp.formula_weight 
ALA 'L-peptide linking' y ALANINE             ?          'C3 H7 N O2'     89.093  
ARG 'L-peptide linking' y ARGININE            ?          'C6 H15 N4 O2 1' 175.209 
ASN 'L-peptide linking' y ASPARAGINE          ?          'C4 H8 N2 O3'    132.118 
ASP 'L-peptide linking' y 'ASPARTIC ACID'     ?          'C4 H7 N O4'     133.103 
CL  non-polymer         . 'CHLORIDE ION'      ?          'Cl -1'          35.453  
CYS 'L-peptide linking' y CYSTEINE            ?          'C3 H7 N O2 S'   121.158 
GLN 'L-peptide linking' y GLUTAMINE           ?          'C5 H10 N2 O3'   146.144 
GLU 'L-peptide linking' y 'GLUTAMIC ACID'     ?          'C5 H9 N O4'     147.129 
GLY 'peptide linking'   y GLYCINE             ?          'C2 H5 N O2'     75.067  
HIS 'L-peptide linking' y HISTIDINE           ?          'C6 H10 N3 O2 1' 156.162 
HOH non-polymer         . WATER               ?          'H2 O'           18.015  
ILE 'L-peptide linking' y ISOLEUCINE          ?          'C6 H13 N O2'    131.173 
IPA non-polymer         . 'ISOPROPYL ALCOHOL' 2-PROPANOL 'C3 H8 O'        60.095  
LEU 'L-peptide linking' y LEUCINE             ?          'C6 H13 N O2'    131.173 
LYS 'L-peptide linking' y LYSINE              ?          'C6 H15 N2 O2 1' 147.195 
MET 'L-peptide linking' y METHIONINE          ?          'C5 H11 N O2 S'  149.211 
PHE 'L-peptide linking' y PHENYLALANINE       ?          'C9 H11 N O2'    165.189 
PO4 non-polymer         . 'PHOSPHATE ION'     ?          'O4 P -3'        94.971  
PRO 'L-peptide linking' y PROLINE             ?          'C5 H9 N O2'     115.130 
SER 'L-peptide linking' y SERINE              ?          'C3 H7 N O3'     105.093 
THR 'L-peptide linking' y THREONINE           ?          'C4 H9 N O3'     119.119 
TRP 'L-peptide linking' y TRYPTOPHAN          ?          'C11 H12 N2 O2'  204.225 
TYR 'L-peptide linking' y TYROSINE            ?          'C9 H11 N O3'    181.189 
VAL 'L-peptide linking' y VALINE              ?          'C5 H11 N O2'    117.146 
# 
loop_
_pdbx_poly_seq_scheme.asym_id 
_pdbx_poly_seq_scheme.entity_id 
_pdbx_poly_seq_scheme.seq_id 
_pdbx_poly_seq_scheme.mon_id 
_pdbx_poly_seq_scheme.ndb_seq_num 
_pdbx_poly_seq_scheme.pdb_seq_num 
_pdbx_poly_seq_scheme.auth_seq_num 
_pdbx_poly_seq_scheme.pdb_mon_id 
_pdbx_poly_seq_scheme.auth_mon_id 
_pdbx_poly_seq_scheme.pdb_strand_id 
_pdbx_poly_seq_scheme.pdb_ins_code 
_pdbx_poly_seq_scheme.hetero 
A 1 1   HIS 1   -1  -1  HIS HIS A . n 
A 1 2   HIS 2   0   0   HIS HIS A . n 
A 1 3   MET 3   1   1   MET MET A . n 
A 1 4   LEU 4   2   2   LEU LEU A . n 
A 1 5   LEU 5   3   3   LEU LEU A . n 
A 1 6   TRP 6   4   4   TRP TRP A . n 
A 1 7   ARG 7   5   5   ARG ARG A . n 
A 1 8   ARG 8   6   6   ARG ARG A . n 
A 1 9   CYS 9   7   7   CYS CYS A . n 
A 1 10  ARG 10  8   8   ARG ARG A . n 
A 1 11  ALA 11  9   9   ALA ALA A . n 
A 1 12  TRP 12  10  10  TRP TRP A . n 
A 1 13  LEU 13  11  11  LEU LEU A . n 
A 1 14  GLU 14  12  12  GLU GLU A . n 
A 1 15  ILE 15  13  13  ILE ILE A . n 
A 1 16  ARG 16  14  14  ARG ARG A . n 
A 1 17  ARG 17  15  15  ARG ARG A . n 
A 1 18  LEU 18  16  16  LEU LEU A . n 
A 1 19  ASP 19  17  17  ASP ASP A . n 
A 1 20  LYS 20  18  18  LYS LYS A . n 
A 1 21  GLU 21  19  19  GLU GLU A . n 
A 1 22  LEU 22  20  20  LEU LEU A . n 
A 1 23  ALA 23  21  21  ALA ALA A . n 
A 1 24  GLN 24  22  22  GLN GLN A . n 
A 1 25  SER 25  23  23  SER SER A . n 
A 1 26  SER 26  24  24  SER SER A . n 
A 1 27  GLY 27  25  25  GLY GLY A . n 
A 1 28  LEU 28  26  26  LEU LEU A . n 
A 1 29  PRO 29  27  27  PRO PRO A . n 
A 1 30  LEU 30  28  28  LEU LEU A . n 
A 1 31  GLU 31  29  29  GLU GLU A . n 
A 1 32  LEU 32  30  30  LEU LEU A . n 
A 1 33  PRO 33  31  31  PRO PRO A . n 
A 1 34  GLN 34  32  32  GLN GLN A . n 
A 1 35  ILE 35  33  33  ILE ILE A . n 
A 1 36  VAL 36  34  34  VAL VAL A . n 
A 1 37  PRO 37  35  35  PRO PRO A . n 
A 1 38  ASN 38  36  36  ASN ASN A . n 
A 1 39  ALA 39  37  37  ALA ALA A . n 
A 1 40  TRP 40  38  38  TRP TRP A . n 
A 1 41  ASN 41  39  39  ASN ASN A . n 
A 1 42  GLU 42  40  40  GLU GLU A . n 
A 1 43  VAL 43  41  41  VAL VAL A . n 
A 1 44  VAL 44  42  42  VAL VAL A . n 
A 1 45  TRP 45  43  43  TRP TRP A . n 
A 1 46  ARG 46  44  44  ARG ARG A . n 
A 1 47  LEU 47  45  45  LEU LEU A . n 
A 1 48  PRO 48  46  46  PRO PRO A . n 
A 1 49  VAL 49  47  47  VAL VAL A . n 
A 1 50  PRO 50  48  48  PRO PRO A . n 
A 1 51  ASN 51  49  49  ASN ASN A . n 
A 1 52  HIS 52  50  50  HIS HIS A . n 
A 1 53  PRO 53  51  51  PRO PRO A . n 
A 1 54  ASP 54  52  52  ASP ASP A . n 
A 1 55  ALA 55  53  53  ALA ALA A . n 
A 1 56  PHE 56  54  54  PHE PHE A . n 
A 1 57  MET 57  55  55  MET MET A . n 
A 1 58  THR 58  56  56  THR THR A . n 
A 1 59  ALA 59  57  57  ALA ALA A . n 
A 1 60  SER 60  58  58  SER SER A . n 
A 1 61  ASN 61  59  59  ASN ASN A . n 
A 1 62  ALA 62  60  60  ALA ALA A . n 
A 1 63  ALA 63  61  61  ALA ALA A . n 
A 1 64  GLN 64  62  62  GLN GLN A . n 
A 1 65  SER 65  63  63  SER SER A . n 
A 1 66  ASP 66  64  64  ASP ASP A . n 
A 1 67  PHE 67  65  65  PHE PHE A . n 
A 1 68  ILE 68  66  66  ILE ILE A . n 
A 1 69  VAL 69  67  67  VAL VAL A . n 
A 1 70  TYR 70  68  68  TYR TYR A . n 
A 1 71  VAL 71  69  69  VAL VAL A . n 
A 1 72  ASN 72  70  70  ASN ASN A . n 
A 1 73  GLY 73  71  71  GLY GLY A . n 
A 1 74  LEU 74  72  72  LEU LEU A . n 
A 1 75  ALA 75  73  73  ALA ALA A . n 
A 1 76  PHE 76  74  74  PHE PHE A . n 
A 1 77  TYR 77  75  75  TYR TYR A . n 
A 1 78  ARG 78  76  76  ARG ARG A . n 
A 1 79  ALA 79  77  77  ALA ALA A . n 
A 1 80  TRP 80  78  78  TRP TRP A . n 
A 1 81  LEU 81  79  79  LEU LEU A . n 
A 1 82  ALA 82  80  80  ALA ALA A . n 
A 1 83  LEU 83  81  81  LEU LEU A . n 
A 1 84  GLY 84  82  82  GLY GLY A . n 
A 1 85  VAL 85  83  83  VAL VAL A . n 
A 1 86  GLU 86  84  84  GLU GLU A . n 
A 1 87  ASP 87  85  85  ASP ASP A . n 
A 1 88  SER 88  86  86  SER SER A . n 
A 1 89  GLN 89  87  87  GLN GLN A . n 
A 1 90  ALA 90  88  88  ALA ALA A . n 
A 1 91  CYS 91  89  89  CYS CYS A . n 
A 1 92  PRO 92  90  90  PRO PRO A . n 
A 1 93  LEU 93  91  91  LEU LEU A . n 
A 1 94  LYS 94  92  92  LYS LYS A . n 
A 1 95  GLN 95  93  93  GLN GLN A . n 
A 1 96  ASP 96  94  94  ASP ASP A . n 
A 1 97  MET 97  95  95  MET MET A . n 
A 1 98  PRO 98  96  96  PRO PRO A . n 
A 1 99  LYS 99  97  97  LYS LYS A . n 
A 1 100 ASP 100 98  98  ASP ASP A . n 
A 1 101 ARG 101 99  99  ARG ARG A . n 
A 1 102 LYS 102 100 100 LYS LYS A . n 
A 1 103 TYR 103 101 101 TYR TYR A . n 
A 1 104 PRO 104 102 102 PRO PRO A . n 
A 1 105 SER 105 103 103 SER SER A . n 
A 1 106 SER 106 104 104 SER SER A . n 
A 1 107 ALA 107 105 105 ALA ALA A . n 
A 1 108 ALA 108 106 106 ALA ALA A . n 
A 1 109 HIS 109 107 107 HIS HIS A . n 
A 1 110 PHE 110 108 108 PHE PHE A . n 
A 1 111 ALA 111 109 109 ALA ALA A . n 
A 1 112 VAL 112 110 110 VAL VAL A . n 
A 1 113 GLY 113 111 111 GLY GLY A . n 
A 1 114 ILE 114 112 112 ILE ILE A . n 
A 1 115 ASP 115 113 113 ASP ASP A . n 
A 1 116 SER 116 114 114 SER SER A . n 
A 1 117 PRO 117 115 115 PRO PRO A . n 
A 1 118 VAL 118 116 116 VAL VAL A . n 
A 1 119 PRO 119 117 117 PRO PRO A . n 
A 1 120 LEU 120 118 118 LEU LEU A . n 
A 1 121 ALA 121 119 119 ALA ALA A . n 
A 1 122 ASP 122 120 120 ASP ASP A . n 
A 1 123 VAL 123 121 121 VAL VAL A . n 
A 1 124 SER 124 122 122 SER SER A . n 
A 1 125 PRO 125 123 123 PRO PRO A . n 
A 1 126 THR 126 124 124 THR THR A . n 
A 1 127 MET 127 125 125 MET MET A . n 
A 1 128 ILE 128 126 126 ILE ILE A . n 
A 1 129 LEU 129 127 127 LEU LEU A . n 
A 1 130 GLY 130 128 128 GLY GLY A . n 
A 1 131 HIS 131 129 129 HIS HIS A . n 
A 1 132 PHE 132 130 130 PHE PHE A . n 
A 1 133 ALA 133 131 131 ALA ALA A . n 
A 1 134 VAL 134 132 132 VAL VAL A . n 
A 1 135 CYS 135 133 133 CYS CYS A . n 
A 1 136 PHE 136 134 134 PHE PHE A . n 
A 1 137 THR 137 135 135 THR THR A . n 
A 1 138 ASP 138 136 136 ASP ASP A . n 
A 1 139 GLY 139 137 137 GLY GLY A . n 
A 1 140 MET 140 138 138 MET MET A . n 
A 1 141 THR 141 139 139 THR THR A . n 
A 1 142 ARG 142 140 140 ARG ARG A . n 
A 1 143 SER 143 141 141 SER SER A . n 
A 1 144 MET 144 142 142 MET MET A . n 
A 1 145 TRP 145 143 143 TRP TRP A . n 
A 1 146 LEU 146 144 144 LEU LEU A . n 
A 1 147 LEU 147 145 145 LEU LEU A . n 
A 1 148 ALA 148 146 146 ALA ALA A . n 
A 1 149 HIS 149 147 147 HIS HIS A . n 
A 1 150 GLU 150 148 148 GLU GLU A . n 
A 1 151 VAL 151 149 149 VAL VAL A . n 
A 1 152 ALA 152 150 150 ALA ALA A . n 
A 1 153 VAL 153 151 151 VAL VAL A . n 
A 1 154 PHE 154 152 152 PHE PHE A . n 
A 1 155 PRO 155 153 153 PRO PRO A . n 
A 1 156 VAL 156 154 154 VAL VAL A . n 
A 1 157 LEU 157 155 155 LEU LEU A . n 
A 1 158 SER 158 156 156 SER SER A . n 
A 1 159 ARG 159 157 157 ARG ARG A . n 
A 1 160 ASP 160 158 158 ASP ASP A . n 
A 1 161 GLU 161 159 159 GLU GLU A . n 
A 1 162 ALA 162 160 160 ALA ALA A . n 
A 1 163 SER 163 161 161 SER SER A . n 
A 1 164 ALA 164 162 162 ALA ALA A . n 
A 1 165 VAL 165 163 163 VAL VAL A . n 
A 1 166 MET 166 164 164 MET MET A . n 
A 1 167 LEU 167 165 165 LEU LEU A . n 
A 1 168 ALA 168 166 166 ALA ALA A . n 
A 1 169 GLU 169 167 167 GLU GLU A . n 
A 1 170 HIS 170 168 168 HIS HIS A . n 
A 1 171 VAL 171 169 169 VAL VAL A . n 
A 1 172 GLY 172 170 170 GLY GLY A . n 
A 1 173 VAL 173 171 171 VAL VAL A . n 
A 1 174 ALA 174 172 172 ALA ALA A . n 
A 1 175 ALA 175 173 173 ALA ALA A . n 
A 1 176 PRO 176 174 174 PRO PRO A . n 
A 1 177 ILE 177 175 175 ILE ILE A . n 
A 1 178 GLN 178 176 176 GLN GLN A . n 
A 1 179 VAL 179 177 177 VAL VAL A . n 
A 1 180 SER 180 178 178 SER SER A . n 
A 1 181 LYS 181 179 179 LYS LYS A . n 
A 1 182 LEU 182 180 180 LEU LEU A . n 
A 1 183 ARG 183 181 181 ARG ARG A . n 
A 1 184 GLU 184 182 182 GLU GLU A . n 
A 1 185 GLN 185 183 183 GLN GLN A . n 
A 1 186 CYS 186 184 184 CYS CYS A . n 
A 1 187 ARG 187 185 185 ARG ARG A . n 
A 1 188 LYS 188 186 186 LYS LYS A . n 
A 1 189 ILE 189 187 187 ILE ILE A . n 
A 1 190 LEU 190 188 188 LEU LEU A . n 
# 
loop_
_pdbx_nonpoly_scheme.asym_id 
_pdbx_nonpoly_scheme.entity_id 
_pdbx_nonpoly_scheme.mon_id 
_pdbx_nonpoly_scheme.ndb_seq_num 
_pdbx_nonpoly_scheme.pdb_seq_num 
_pdbx_nonpoly_scheme.auth_seq_num 
_pdbx_nonpoly_scheme.pdb_mon_id 
_pdbx_nonpoly_scheme.auth_mon_id 
_pdbx_nonpoly_scheme.pdb_strand_id 
_pdbx_nonpoly_scheme.pdb_ins_code 
B 2 PO4 1   201 1   PO4 PO4 A . 
C 2 PO4 1   202 2   PO4 PO4 A . 
D 3 CL  1   203 1   CL  CL  A . 
E 4 IPA 1   204 1   IPA IPA A . 
F 4 IPA 1   205 2   IPA IPA A . 
G 5 HOH 1   301 1   HOH HOH A . 
G 5 HOH 2   302 2   HOH HOH A . 
G 5 HOH 3   303 3   HOH HOH A . 
G 5 HOH 4   304 4   HOH HOH A . 
G 5 HOH 5   305 5   HOH HOH A . 
G 5 HOH 6   306 6   HOH HOH A . 
G 5 HOH 7   307 7   HOH HOH A . 
G 5 HOH 8   308 8   HOH HOH A . 
G 5 HOH 9   309 9   HOH HOH A . 
G 5 HOH 10  310 10  HOH HOH A . 
G 5 HOH 11  311 11  HOH HOH A . 
G 5 HOH 12  312 12  HOH HOH A . 
G 5 HOH 13  313 13  HOH HOH A . 
G 5 HOH 14  314 14  HOH HOH A . 
G 5 HOH 15  315 15  HOH HOH A . 
G 5 HOH 16  316 16  HOH HOH A . 
G 5 HOH 17  317 17  HOH HOH A . 
G 5 HOH 18  318 18  HOH HOH A . 
G 5 HOH 19  319 19  HOH HOH A . 
G 5 HOH 20  320 20  HOH HOH A . 
G 5 HOH 21  321 21  HOH HOH A . 
G 5 HOH 22  322 22  HOH HOH A . 
G 5 HOH 23  323 23  HOH HOH A . 
G 5 HOH 24  324 24  HOH HOH A . 
G 5 HOH 25  325 25  HOH HOH A . 
G 5 HOH 26  326 26  HOH HOH A . 
G 5 HOH 27  327 27  HOH HOH A . 
G 5 HOH 28  328 28  HOH HOH A . 
G 5 HOH 29  329 29  HOH HOH A . 
G 5 HOH 30  330 30  HOH HOH A . 
G 5 HOH 31  331 31  HOH HOH A . 
G 5 HOH 32  332 32  HOH HOH A . 
G 5 HOH 33  333 33  HOH HOH A . 
G 5 HOH 34  334 34  HOH HOH A . 
G 5 HOH 35  335 35  HOH HOH A . 
G 5 HOH 36  336 36  HOH HOH A . 
G 5 HOH 37  337 37  HOH HOH A . 
G 5 HOH 38  338 38  HOH HOH A . 
G 5 HOH 39  339 39  HOH HOH A . 
G 5 HOH 40  340 40  HOH HOH A . 
G 5 HOH 41  341 41  HOH HOH A . 
G 5 HOH 42  342 42  HOH HOH A . 
G 5 HOH 43  343 43  HOH HOH A . 
G 5 HOH 44  344 44  HOH HOH A . 
G 5 HOH 45  345 45  HOH HOH A . 
G 5 HOH 46  346 46  HOH HOH A . 
G 5 HOH 47  347 47  HOH HOH A . 
G 5 HOH 48  348 48  HOH HOH A . 
G 5 HOH 49  349 49  HOH HOH A . 
G 5 HOH 50  350 50  HOH HOH A . 
G 5 HOH 51  351 51  HOH HOH A . 
G 5 HOH 52  352 52  HOH HOH A . 
G 5 HOH 53  353 53  HOH HOH A . 
G 5 HOH 54  354 54  HOH HOH A . 
G 5 HOH 55  355 55  HOH HOH A . 
G 5 HOH 56  356 56  HOH HOH A . 
G 5 HOH 57  357 57  HOH HOH A . 
G 5 HOH 58  358 58  HOH HOH A . 
G 5 HOH 59  359 59  HOH HOH A . 
G 5 HOH 60  360 60  HOH HOH A . 
G 5 HOH 61  361 61  HOH HOH A . 
G 5 HOH 62  362 62  HOH HOH A . 
G 5 HOH 63  363 63  HOH HOH A . 
G 5 HOH 64  364 64  HOH HOH A . 
G 5 HOH 65  365 65  HOH HOH A . 
G 5 HOH 66  366 66  HOH HOH A . 
G 5 HOH 67  367 67  HOH HOH A . 
G 5 HOH 68  368 68  HOH HOH A . 
G 5 HOH 69  369 69  HOH HOH A . 
G 5 HOH 70  370 70  HOH HOH A . 
G 5 HOH 71  371 71  HOH HOH A . 
G 5 HOH 72  372 72  HOH HOH A . 
G 5 HOH 73  373 73  HOH HOH A . 
G 5 HOH 74  374 74  HOH HOH A . 
G 5 HOH 75  375 75  HOH HOH A . 
G 5 HOH 76  376 76  HOH HOH A . 
G 5 HOH 77  377 77  HOH HOH A . 
G 5 HOH 78  378 78  HOH HOH A . 
G 5 HOH 79  379 79  HOH HOH A . 
G 5 HOH 80  380 80  HOH HOH A . 
G 5 HOH 81  381 81  HOH HOH A . 
G 5 HOH 82  382 82  HOH HOH A . 
G 5 HOH 83  383 83  HOH HOH A . 
G 5 HOH 84  384 84  HOH HOH A . 
G 5 HOH 85  385 85  HOH HOH A . 
G 5 HOH 86  386 86  HOH HOH A . 
G 5 HOH 87  387 87  HOH HOH A . 
G 5 HOH 88  388 88  HOH HOH A . 
G 5 HOH 89  389 89  HOH HOH A . 
G 5 HOH 90  390 90  HOH HOH A . 
G 5 HOH 91  391 91  HOH HOH A . 
G 5 HOH 92  392 92  HOH HOH A . 
G 5 HOH 93  393 93  HOH HOH A . 
G 5 HOH 94  394 94  HOH HOH A . 
G 5 HOH 95  395 95  HOH HOH A . 
G 5 HOH 96  396 96  HOH HOH A . 
G 5 HOH 97  397 97  HOH HOH A . 
G 5 HOH 98  398 98  HOH HOH A . 
G 5 HOH 99  399 99  HOH HOH A . 
G 5 HOH 100 400 100 HOH HOH A . 
G 5 HOH 101 401 101 HOH HOH A . 
G 5 HOH 102 402 102 HOH HOH A . 
G 5 HOH 103 403 103 HOH HOH A . 
G 5 HOH 104 404 104 HOH HOH A . 
G 5 HOH 105 405 105 HOH HOH A . 
G 5 HOH 106 406 106 HOH HOH A . 
G 5 HOH 107 407 107 HOH HOH A . 
G 5 HOH 108 408 108 HOH HOH A . 
G 5 HOH 109 409 109 HOH HOH A . 
G 5 HOH 110 410 110 HOH HOH A . 
G 5 HOH 111 411 111 HOH HOH A . 
# 
loop_
_pdbx_unobs_or_zero_occ_atoms.id 
_pdbx_unobs_or_zero_occ_atoms.PDB_model_num 
_pdbx_unobs_or_zero_occ_atoms.polymer_flag 
_pdbx_unobs_or_zero_occ_atoms.occupancy_flag 
_pdbx_unobs_or_zero_occ_atoms.auth_asym_id 
_pdbx_unobs_or_zero_occ_atoms.auth_comp_id 
_pdbx_unobs_or_zero_occ_atoms.auth_seq_id 
_pdbx_unobs_or_zero_occ_atoms.PDB_ins_code 
_pdbx_unobs_or_zero_occ_atoms.auth_atom_id 
_pdbx_unobs_or_zero_occ_atoms.label_alt_id 
_pdbx_unobs_or_zero_occ_atoms.label_asym_id 
_pdbx_unobs_or_zero_occ_atoms.label_comp_id 
_pdbx_unobs_or_zero_occ_atoms.label_seq_id 
_pdbx_unobs_or_zero_occ_atoms.label_atom_id 
1 1 Y 1 A ARG 185 ? CD  ? A ARG 187 CD  
2 1 Y 1 A ARG 185 ? NE  ? A ARG 187 NE  
3 1 Y 1 A ARG 185 ? CZ  ? A ARG 187 CZ  
4 1 Y 1 A ARG 185 ? NH1 ? A ARG 187 NH1 
5 1 Y 1 A ARG 185 ? NH2 ? A ARG 187 NH2 
6 1 Y 1 A LYS 186 ? CD  ? A LYS 188 CD  
7 1 Y 1 A LYS 186 ? CE  ? A LYS 188 CE  
8 1 Y 1 A LYS 186 ? NZ  ? A LYS 188 NZ  
# 
loop_
_software.name 
_software.classification 
_software.version 
_software.citation_id 
_software.pdbx_ordinal 
MAR345dtb 'data collection' .                             ? 1 
SHELX     'model building'  CDE                           ? 2 
PHENIX    refinement        '(phenix.refine: 1.8.4_1496)' ? 3 
HKL-2000  'data reduction'  .                             ? 4 
HKL-2000  'data scaling'    .                             ? 5 
SHELX     phasing           CDE                           ? 6 
# 
_cell.entry_id           4O7K 
_cell.length_a           60.869 
_cell.length_b           60.869 
_cell.length_c           126.898 
_cell.angle_alpha        90.00 
_cell.angle_beta         90.00 
_cell.angle_gamma        90.00 
_cell.Z_PDB              8 
_cell.pdbx_unique_axis   ? 
_cell.length_a_esd       ? 
_cell.length_b_esd       ? 
_cell.length_c_esd       ? 
_cell.angle_alpha_esd    ? 
_cell.angle_beta_esd     ? 
_cell.angle_gamma_esd    ? 
# 
_symmetry.entry_id                         4O7K 
_symmetry.space_group_name_H-M             'P 43 21 2' 
_symmetry.pdbx_full_space_group_name_H-M   ? 
_symmetry.cell_setting                     ? 
_symmetry.Int_Tables_number                96 
_symmetry.space_group_name_Hall            ? 
# 
_exptl.entry_id          4O7K 
_exptl.method            'X-RAY DIFFRACTION' 
_exptl.crystals_number   1 
# 
_exptl_crystal.id                    1 
_exptl_crystal.density_meas          ? 
_exptl_crystal.density_Matthews      2.76 
_exptl_crystal.density_percent_sol   55.47 
_exptl_crystal.description           ? 
_exptl_crystal.F_000                 ? 
_exptl_crystal.preparation           ? 
# 
_exptl_crystal_grow.crystal_id      1 
_exptl_crystal_grow.method          'VAPOR DIFFUSION' 
_exptl_crystal_grow.temp            293 
_exptl_crystal_grow.temp_details    ? 
_exptl_crystal_grow.pH              4.2 
_exptl_crystal_grow.pdbx_details    
'10% Isopropanol, 0.5M lithium sulphate, 0.1M phosphate-citrate buffer pH 4.2, 0.2M NDSB-201, VAPOR DIFFUSION, temperature 293K' 
_exptl_crystal_grow.pdbx_pH_range   . 
# 
_diffrn.id                     1 
_diffrn.ambient_temp           100 
_diffrn.ambient_temp_details   ? 
_diffrn.crystal_id             1 
# 
_diffrn_detector.diffrn_id              1 
_diffrn_detector.detector               'IMAGE PLATE' 
_diffrn_detector.type                   'MAR scanner 345 mm plate' 
_diffrn_detector.pdbx_collection_date   2007-08-31 
_diffrn_detector.details                VariMax 
# 
_diffrn_radiation.diffrn_id                        1 
_diffrn_radiation.wavelength_id                    1 
_diffrn_radiation.pdbx_monochromatic_or_laue_m_l   M 
_diffrn_radiation.monochromator                    'SAGITALLY FOCUSED Si(111)' 
_diffrn_radiation.pdbx_diffrn_protocol             'SINGLE WAVELENGTH' 
_diffrn_radiation.pdbx_scattering_type             x-ray 
# 
_diffrn_radiation_wavelength.id           1 
_diffrn_radiation_wavelength.wavelength   1.5418 
_diffrn_radiation_wavelength.wt           1.0 
# 
_diffrn_source.diffrn_id                   1 
_diffrn_source.source                      'ROTATING ANODE' 
_diffrn_source.type                        'RIGAKU MICROMAX-007' 
_diffrn_source.pdbx_synchrotron_site       ? 
_diffrn_source.pdbx_synchrotron_beamline   ? 
_diffrn_source.pdbx_wavelength             ? 
_diffrn_source.pdbx_wavelength_list        1.5418 
# 
_reflns.entry_id                     4O7K 
_reflns.observed_criterion_sigma_I   2.0 
_reflns.observed_criterion_sigma_F   2.0 
_reflns.d_resolution_low             50.00 
_reflns.d_resolution_high            1.748 
_reflns.number_obs                   24068 
_reflns.number_all                   25018 
_reflns.percent_possible_obs         96.2 
_reflns.pdbx_Rmerge_I_obs            0.057 
_reflns.pdbx_Rsym_value              ? 
_reflns.pdbx_netI_over_sigmaI        ? 
_reflns.B_iso_Wilson_estimate        28.010 
_reflns.pdbx_redundancy              25.8 
_reflns.R_free_details               ? 
_reflns.limit_h_max                  ? 
_reflns.limit_h_min                  ? 
_reflns.limit_k_max                  ? 
_reflns.limit_k_min                  ? 
_reflns.limit_l_max                  ? 
_reflns.limit_l_min                  ? 
_reflns.observed_criterion_F_max     ? 
_reflns.observed_criterion_F_min     ? 
_reflns.pdbx_chi_squared             ? 
_reflns.pdbx_scaling_rejects         ? 
_reflns.pdbx_ordinal                 1 
_reflns.pdbx_diffrn_id               1 
# 
_reflns_shell.d_res_high                  1.748 
_reflns_shell.d_res_low                   1.81 
_reflns_shell.percent_possible_all        80.1 
_reflns_shell.Rmerge_I_obs                0.433 
_reflns_shell.pdbx_Rsym_value             ? 
_reflns_shell.meanI_over_sigI_obs         ? 
_reflns_shell.pdbx_redundancy             ? 
_reflns_shell.percent_possible_obs        ? 
_reflns_shell.number_unique_all           ? 
_reflns_shell.number_measured_all         ? 
_reflns_shell.number_measured_obs         ? 
_reflns_shell.number_unique_obs           ? 
_reflns_shell.pdbx_chi_squared            ? 
_reflns_shell.pdbx_rejects                ? 
_reflns_shell.pdbx_netI_over_sigmaI_obs   ? 
_reflns_shell.number_possible             ? 
_reflns_shell.Rmerge_F_all                ? 
_reflns_shell.Rmerge_F_obs                ? 
_reflns_shell.Rmerge_I_all                ? 
_reflns_shell.meanI_over_sigI_all         ? 
_reflns_shell.pdbx_Rrim_I_all             ? 
_reflns_shell.pdbx_Rpim_I_all             ? 
_reflns_shell.pdbx_ordinal                1 
_reflns_shell.pdbx_diffrn_id              1 
# 
_refine.entry_id                                 4O7K 
_refine.ls_number_reflns_obs                     24031 
_refine.ls_number_reflns_all                     24923 
_refine.pdbx_ls_sigma_I                          ? 
_refine.pdbx_ls_sigma_F                          1.41 
_refine.pdbx_data_cutoff_high_absF               ? 
_refine.pdbx_data_cutoff_low_absF                ? 
_refine.pdbx_data_cutoff_high_rms_absF           ? 
_refine.ls_d_res_low                             25.537 
_refine.ls_d_res_high                            1.748 
_refine.ls_percent_reflns_obs                    96.42 
_refine.ls_R_factor_obs                          0.1986 
_refine.ls_R_factor_all                          0.1986 
_refine.ls_R_factor_R_work                       0.1966 
_refine.ls_R_factor_R_free                       0.2357 
_refine.ls_R_factor_R_free_error                 ? 
_refine.ls_R_factor_R_free_error_details         ? 
_refine.ls_percent_reflns_R_free                 5.06 
_refine.ls_number_reflns_R_free                  1217 
_refine.ls_number_parameters                     ? 
_refine.ls_number_restraints                     ? 
_refine.occupancy_min                            ? 
_refine.occupancy_max                            ? 
_refine.correlation_coeff_Fo_to_Fc               ? 
_refine.correlation_coeff_Fo_to_Fc_free          ? 
_refine.B_iso_mean                               35.1900 
_refine.aniso_B[1][1]                            ? 
_refine.aniso_B[2][2]                            ? 
_refine.aniso_B[3][3]                            ? 
_refine.aniso_B[1][2]                            ? 
_refine.aniso_B[1][3]                            ? 
_refine.aniso_B[2][3]                            ? 
_refine.solvent_model_details                    'FLAT BULK SOLVENT MODEL' 
_refine.solvent_model_param_ksol                 ? 
_refine.solvent_model_param_bsol                 ? 
_refine.pdbx_solvent_vdw_probe_radii             1.11 
_refine.pdbx_solvent_ion_probe_radii             ? 
_refine.pdbx_solvent_shrinkage_radii             0.90 
_refine.pdbx_ls_cross_valid_method               ? 
_refine.details                                  ? 
_refine.pdbx_starting_model                      ? 
_refine.pdbx_method_to_determine_struct          SIRAS 
_refine.pdbx_isotropic_thermal_model             ? 
_refine.pdbx_stereochemistry_target_values       ML 
_refine.pdbx_stereochem_target_val_spec_case     ? 
_refine.pdbx_R_Free_selection_details            RANDOM 
_refine.pdbx_overall_ESU_R                       ? 
_refine.pdbx_overall_ESU_R_Free                  ? 
_refine.overall_SU_ML                            0.22 
_refine.overall_FOM_work_R_set                   0.7847 
_refine.B_iso_max                                84.600 
_refine.B_iso_min                                19.780 
_refine.pdbx_overall_phase_error                 25.7700 
_refine.pdbx_diffrn_id                           1 
_refine.pdbx_refine_id                           'X-RAY DIFFRACTION' 
_refine.ls_redundancy_reflns_obs                 ? 
_refine.overall_SU_B                             ? 
_refine.overall_SU_R_Cruickshank_DPI             ? 
_refine.overall_SU_R_free                        ? 
_refine.ls_wR_factor_R_free                      ? 
_refine.ls_wR_factor_R_work                      ? 
_refine.overall_FOM_free_R_set                   ? 
_refine.pdbx_TLS_residual_ADP_flag               ? 
_refine.pdbx_overall_SU_R_free_Cruickshank_DPI   ? 
_refine.pdbx_overall_SU_R_Blow_DPI               ? 
_refine.pdbx_overall_SU_R_free_Blow_DPI          ? 
# 
_refine_hist.pdbx_refine_id                   'X-RAY DIFFRACTION' 
_refine_hist.cycle_id                         LAST 
_refine_hist.pdbx_number_atoms_protein        1487 
_refine_hist.pdbx_number_atoms_nucleic_acid   0 
_refine_hist.pdbx_number_atoms_ligand         19 
_refine_hist.number_atoms_solvent             111 
_refine_hist.number_atoms_total               1617 
_refine_hist.d_res_high                       1.748 
_refine_hist.d_res_low                        25.537 
# 
loop_
_refine_ls_restr.type 
_refine_ls_restr.dev_ideal 
_refine_ls_restr.dev_ideal_target 
_refine_ls_restr.weight 
_refine_ls_restr.number 
_refine_ls_restr.pdbx_restraint_function 
_refine_ls_restr.pdbx_refine_id 
f_bond_d           0.006  ? ? 1611 ? 'X-RAY DIFFRACTION' 
f_angle_d          0.991  ? ? 2210 ? 'X-RAY DIFFRACTION' 
f_dihedral_angle_d 14.768 ? ? 585  ? 'X-RAY DIFFRACTION' 
f_chiral_restr     0.037  ? ? 241  ? 'X-RAY DIFFRACTION' 
f_plane_restr      0.005  ? ? 285  ? 'X-RAY DIFFRACTION' 
# 
loop_
_refine_ls_shell.d_res_high 
_refine_ls_shell.d_res_low 
_refine_ls_shell.pdbx_total_number_of_bins_used 
_refine_ls_shell.percent_reflns_obs 
_refine_ls_shell.number_reflns_R_work 
_refine_ls_shell.R_factor_all 
_refine_ls_shell.R_factor_R_work 
_refine_ls_shell.R_factor_R_free 
_refine_ls_shell.percent_reflns_R_free 
_refine_ls_shell.number_reflns_R_free 
_refine_ls_shell.R_factor_R_free_error 
_refine_ls_shell.number_reflns_all 
_refine_ls_shell.number_reflns_obs 
_refine_ls_shell.pdbx_refine_id 
_refine_ls_shell.redundancy_reflns_obs 
1.7485 1.8185  9 81.0000  2090 . 0.3324 0.3808 . 99  . 2189 . 'X-RAY DIFFRACTION' . 
1.8185 1.9012  9 95.0000  2451 . 0.2951 0.3370 . 142 . 2593 . 'X-RAY DIFFRACTION' . 
1.9012 2.0014  9 97.0000  2516 . 0.2480 0.2983 . 129 . 2645 . 'X-RAY DIFFRACTION' . 
2.0014 2.1267  9 98.0000  2535 . 0.2203 0.2919 . 125 . 2660 . 'X-RAY DIFFRACTION' . 
2.1267 2.2908  9 98.0000  2536 . 0.1938 0.2619 . 155 . 2691 . 'X-RAY DIFFRACTION' . 
2.2908 2.5212  9 99.0000  2581 . 0.1942 0.2629 . 138 . 2719 . 'X-RAY DIFFRACTION' . 
2.5212 2.8856  9 99.0000  2608 . 0.1994 0.2493 . 148 . 2756 . 'X-RAY DIFFRACTION' . 
2.8856 3.6339  9 100.0000 2665 . 0.1958 0.2229 . 132 . 2797 . 'X-RAY DIFFRACTION' . 
3.6339 25.5398 9 100.0000 2832 . 0.1692 0.1886 . 149 . 2981 . 'X-RAY DIFFRACTION' . 
# 
_struct.entry_id                  4O7K 
_struct.title                     
'Crystal structure of Oncogenic Suppression Activity Protein - A Plasmid Fertility Inhibition Factor' 
_struct.pdbx_model_details        ? 
_struct.pdbx_CASP_flag            ? 
_struct.pdbx_model_type_details   ? 
# 
_struct_keywords.entry_id        4O7K 
_struct_keywords.pdbx_keywords   'ANTITUMOR PROTEIN' 
_struct_keywords.text            'Plasmid Fertility Inhibition, ANTITUMOR PROTEIN' 
# 
loop_
_struct_asym.id 
_struct_asym.pdbx_blank_PDB_chainid_flag 
_struct_asym.pdbx_modified 
_struct_asym.entity_id 
_struct_asym.details 
A N N 1 ? 
B N N 2 ? 
C N N 2 ? 
D N N 3 ? 
E N N 4 ? 
F N N 4 ? 
G N N 5 ? 
# 
_struct_ref.id                         1 
_struct_ref.db_name                    UNP 
_struct_ref.db_code                    OSA_SHIFL 
_struct_ref.pdbx_db_accession          P29772 
_struct_ref.entity_id                  1 
_struct_ref.pdbx_seq_one_letter_code   
;MLLRRRCRAWLEIRRLDKELAQSSGLPLELPQIVPNAWNEVVWRLPVPNHPDAFMTASNAAQSDFIVYVNGLAFYRAWLA
LGVEDSQACPLKQDMPKDRKYPSSAAHFAVGIDSPVPLADVSPTMILGHFAVCFTDGMTRSMWLLAHEVAVFPVLSRDEA
SAVMLAEHVGVAAPIQVSKLREQCRKI
;
_struct_ref.pdbx_align_begin           3 
_struct_ref.pdbx_db_isoform            ? 
# 
_struct_ref_seq.align_id                      1 
_struct_ref_seq.ref_id                        1 
_struct_ref_seq.pdbx_PDB_id_code              4O7K 
_struct_ref_seq.pdbx_strand_id                A 
_struct_ref_seq.seq_align_beg                 3 
_struct_ref_seq.pdbx_seq_align_beg_ins_code   ? 
_struct_ref_seq.seq_align_end                 189 
_struct_ref_seq.pdbx_seq_align_end_ins_code   ? 
_struct_ref_seq.pdbx_db_accession             P29772 
_struct_ref_seq.db_align_beg                  3 
_struct_ref_seq.pdbx_db_align_beg_ins_code    ? 
_struct_ref_seq.db_align_end                  189 
_struct_ref_seq.pdbx_db_align_end_ins_code    ? 
_struct_ref_seq.pdbx_auth_seq_align_beg       1 
_struct_ref_seq.pdbx_auth_seq_align_end       187 
# 
loop_
_struct_ref_seq_dif.align_id 
_struct_ref_seq_dif.pdbx_pdb_id_code 
_struct_ref_seq_dif.mon_id 
_struct_ref_seq_dif.pdbx_pdb_strand_id 
_struct_ref_seq_dif.seq_num 
_struct_ref_seq_dif.pdbx_pdb_ins_code 
_struct_ref_seq_dif.pdbx_seq_db_name 
_struct_ref_seq_dif.pdbx_seq_db_accession_code 
_struct_ref_seq_dif.db_mon_id 
_struct_ref_seq_dif.pdbx_seq_db_seq_num 
_struct_ref_seq_dif.details 
_struct_ref_seq_dif.pdbx_auth_seq_num 
_struct_ref_seq_dif.pdbx_ordinal 
1 4O7K HIS A 1   ? UNP P29772 ?   ? 'expression tag'      -1  1 
1 4O7K HIS A 2   ? UNP P29772 ?   ? 'expression tag'      0   2 
1 4O7K TRP A 6   ? UNP P29772 ARG 6 'engineered mutation' 4   3 
1 4O7K LEU A 190 ? UNP P29772 ?   ? 'expression tag'      188 4 
# 
_pdbx_struct_assembly.id                   1 
_pdbx_struct_assembly.details              author_and_software_defined_assembly 
_pdbx_struct_assembly.method_details       PISA 
_pdbx_struct_assembly.oligomeric_details   monomeric 
_pdbx_struct_assembly.oligomeric_count     1 
# 
_pdbx_struct_assembly_gen.assembly_id       1 
_pdbx_struct_assembly_gen.oper_expression   1 
_pdbx_struct_assembly_gen.asym_id_list      A,B,C,D,E,F,G 
# 
_pdbx_struct_oper_list.id                   1 
_pdbx_struct_oper_list.type                 'identity operation' 
_pdbx_struct_oper_list.name                 1_555 
_pdbx_struct_oper_list.symmetry_operation   x,y,z 
_pdbx_struct_oper_list.matrix[1][1]         1.0000000000 
_pdbx_struct_oper_list.matrix[1][2]         0.0000000000 
_pdbx_struct_oper_list.matrix[1][3]         0.0000000000 
_pdbx_struct_oper_list.vector[1]            0.0000000000 
_pdbx_struct_oper_list.matrix[2][1]         0.0000000000 
_pdbx_struct_oper_list.matrix[2][2]         1.0000000000 
_pdbx_struct_oper_list.matrix[2][3]         0.0000000000 
_pdbx_struct_oper_list.vector[2]            0.0000000000 
_pdbx_struct_oper_list.matrix[3][1]         0.0000000000 
_pdbx_struct_oper_list.matrix[3][2]         0.0000000000 
_pdbx_struct_oper_list.matrix[3][3]         1.0000000000 
_pdbx_struct_oper_list.vector[3]            0.0000000000 
# 
_struct_biol.id        1 
_struct_biol.details   ? 
# 
loop_
_struct_conf.conf_type_id 
_struct_conf.id 
_struct_conf.pdbx_PDB_helix_id 
_struct_conf.beg_label_comp_id 
_struct_conf.beg_label_asym_id 
_struct_conf.beg_label_seq_id 
_struct_conf.pdbx_beg_PDB_ins_code 
_struct_conf.end_label_comp_id 
_struct_conf.end_label_asym_id 
_struct_conf.end_label_seq_id 
_struct_conf.pdbx_end_PDB_ins_code 
_struct_conf.beg_auth_comp_id 
_struct_conf.beg_auth_asym_id 
_struct_conf.beg_auth_seq_id 
_struct_conf.end_auth_comp_id 
_struct_conf.end_auth_asym_id 
_struct_conf.end_auth_seq_id 
_struct_conf.pdbx_PDB_helix_class 
_struct_conf.details 
_struct_conf.pdbx_PDB_helix_length 
HELX_P HELX_P1 1 MET A 3   ? SER A 25  ? MET A 1   SER A 23  1 ? 23 
HELX_P HELX_P2 2 GLY A 73  ? ALA A 82  ? GLY A 71  ALA A 80  1 ? 10 
HELX_P HELX_P3 3 LEU A 93  ? ASP A 100 ? LEU A 91  ASP A 98  5 ? 8  
HELX_P HELX_P4 4 LYS A 102 ? GLY A 113 ? LYS A 100 GLY A 111 1 ? 12 
HELX_P HELX_P5 5 GLY A 139 ? HIS A 149 ? GLY A 137 HIS A 147 1 ? 11 
HELX_P HELX_P6 6 ASP A 160 ? GLY A 172 ? ASP A 158 GLY A 170 1 ? 13 
HELX_P HELX_P7 7 VAL A 179 ? LEU A 190 ? VAL A 177 LEU A 188 1 ? 12 
# 
_struct_conf_type.id          HELX_P 
_struct_conf_type.criteria    ? 
_struct_conf_type.reference   ? 
# 
loop_
_struct_sheet.id 
_struct_sheet.type 
_struct_sheet.number_strands 
_struct_sheet.details 
A ? 4 ? 
B ? 3 ? 
C ? 2 ? 
# 
loop_
_struct_sheet_order.sheet_id 
_struct_sheet_order.range_id_1 
_struct_sheet_order.range_id_2 
_struct_sheet_order.offset 
_struct_sheet_order.sense 
A 1 2 ? anti-parallel 
A 2 3 ? anti-parallel 
A 3 4 ? parallel      
B 1 2 ? anti-parallel 
B 2 3 ? anti-parallel 
C 1 2 ? anti-parallel 
# 
loop_
_struct_sheet_range.sheet_id 
_struct_sheet_range.id 
_struct_sheet_range.beg_label_comp_id 
_struct_sheet_range.beg_label_asym_id 
_struct_sheet_range.beg_label_seq_id 
_struct_sheet_range.pdbx_beg_PDB_ins_code 
_struct_sheet_range.end_label_comp_id 
_struct_sheet_range.end_label_asym_id 
_struct_sheet_range.end_label_seq_id 
_struct_sheet_range.pdbx_end_PDB_ins_code 
_struct_sheet_range.beg_auth_comp_id 
_struct_sheet_range.beg_auth_asym_id 
_struct_sheet_range.beg_auth_seq_id 
_struct_sheet_range.end_auth_comp_id 
_struct_sheet_range.end_auth_asym_id 
_struct_sheet_range.end_auth_seq_id 
A 1 GLN A 34  ? ILE A 35  ? GLN A 32  ILE A 33  
A 2 VAL A 44  ? LEU A 47  ? VAL A 42  LEU A 45  
A 3 ALA A 55  ? THR A 58  ? ALA A 53  THR A 56  
A 4 VAL A 118 ? PRO A 119 ? VAL A 116 PRO A 117 
B 1 VAL A 153 ? SER A 158 ? VAL A 151 SER A 156 
B 2 PHE A 67  ? ASN A 72  ? PHE A 65  ASN A 70  
B 3 ILE A 177 ? GLN A 178 ? ILE A 175 GLN A 176 
C 1 ASP A 122 ? ILE A 128 ? ASP A 120 ILE A 126 
C 2 HIS A 131 ? ASP A 138 ? HIS A 129 ASP A 136 
# 
loop_
_pdbx_struct_sheet_hbond.sheet_id 
_pdbx_struct_sheet_hbond.range_id_1 
_pdbx_struct_sheet_hbond.range_id_2 
_pdbx_struct_sheet_hbond.range_1_label_atom_id 
_pdbx_struct_sheet_hbond.range_1_label_comp_id 
_pdbx_struct_sheet_hbond.range_1_label_asym_id 
_pdbx_struct_sheet_hbond.range_1_label_seq_id 
_pdbx_struct_sheet_hbond.range_1_PDB_ins_code 
_pdbx_struct_sheet_hbond.range_1_auth_atom_id 
_pdbx_struct_sheet_hbond.range_1_auth_comp_id 
_pdbx_struct_sheet_hbond.range_1_auth_asym_id 
_pdbx_struct_sheet_hbond.range_1_auth_seq_id 
_pdbx_struct_sheet_hbond.range_2_label_atom_id 
_pdbx_struct_sheet_hbond.range_2_label_comp_id 
_pdbx_struct_sheet_hbond.range_2_label_asym_id 
_pdbx_struct_sheet_hbond.range_2_label_seq_id 
_pdbx_struct_sheet_hbond.range_2_PDB_ins_code 
_pdbx_struct_sheet_hbond.range_2_auth_atom_id 
_pdbx_struct_sheet_hbond.range_2_auth_comp_id 
_pdbx_struct_sheet_hbond.range_2_auth_asym_id 
_pdbx_struct_sheet_hbond.range_2_auth_seq_id 
A 1 2 N GLN A 34  ? N GLN A 32  O ARG A 46  ? O ARG A 44  
A 2 3 N LEU A 47  ? N LEU A 45  O ALA A 55  ? O ALA A 53  
A 3 4 N PHE A 56  ? N PHE A 54  O VAL A 118 ? O VAL A 116 
B 1 2 O PHE A 154 ? O PHE A 152 N VAL A 71  ? N VAL A 69  
B 2 3 N ILE A 68  ? N ILE A 66  O ILE A 177 ? O ILE A 175 
C 1 2 N ASP A 122 ? N ASP A 120 O THR A 137 ? O THR A 135 
# 
loop_
_struct_site.id 
_struct_site.pdbx_evidence_code 
_struct_site.pdbx_auth_asym_id 
_struct_site.pdbx_auth_comp_id 
_struct_site.pdbx_auth_seq_id 
_struct_site.pdbx_auth_ins_code 
_struct_site.pdbx_num_residues 
_struct_site.details 
AC1 Software A PO4 201 ? 6 'BINDING SITE FOR RESIDUE PO4 A 201' 
AC2 Software A PO4 202 ? 5 'BINDING SITE FOR RESIDUE PO4 A 202' 
AC3 Software A CL  203 ? 5 'BINDING SITE FOR RESIDUE CL A 203'  
AC4 Software A IPA 204 ? 4 'BINDING SITE FOR RESIDUE IPA A 204' 
AC5 Software A IPA 205 ? 4 'BINDING SITE FOR RESIDUE IPA A 205' 
# 
loop_
_struct_site_gen.id 
_struct_site_gen.site_id 
_struct_site_gen.pdbx_num_res 
_struct_site_gen.label_comp_id 
_struct_site_gen.label_asym_id 
_struct_site_gen.label_seq_id 
_struct_site_gen.pdbx_auth_ins_code 
_struct_site_gen.auth_comp_id 
_struct_site_gen.auth_asym_id 
_struct_site_gen.auth_seq_id 
_struct_site_gen.label_atom_id 
_struct_site_gen.label_alt_id 
_struct_site_gen.symmetry 
_struct_site_gen.details 
1  AC1 6 LYS A 102 ? LYS A 100 . ? 1_555 ? 
2  AC1 6 GLY A 139 ? GLY A 137 . ? 1_555 ? 
3  AC1 6 MET A 140 ? MET A 138 . ? 1_555 ? 
4  AC1 6 THR A 141 ? THR A 139 . ? 1_555 ? 
5  AC1 6 ARG A 142 ? ARG A 140 . ? 1_555 ? 
6  AC1 6 HOH G .   ? HOH A 357 . ? 1_555 ? 
7  AC2 5 HIS A 52  ? HIS A 50  . ? 1_555 ? 
8  AC2 5 ALA A 107 ? ALA A 105 . ? 1_555 ? 
9  AC2 5 TRP A 145 ? TRP A 143 . ? 1_555 ? 
10 AC2 5 HIS A 149 ? HIS A 147 . ? 1_555 ? 
11 AC2 5 HOH G .   ? HOH A 332 . ? 1_555 ? 
12 AC3 5 GLU A 42  ? GLU A 40  . ? 1_555 ? 
13 AC3 5 VAL A 43  ? VAL A 41  . ? 1_555 ? 
14 AC3 5 ALA A 59  ? ALA A 57  . ? 1_555 ? 
15 AC3 5 SER A 60  ? SER A 58  . ? 1_555 ? 
16 AC3 5 ARG A 183 ? ARG A 181 . ? 1_555 ? 
17 AC4 4 HIS A 109 ? HIS A 107 . ? 1_555 ? 
18 AC4 4 PRO A 119 ? PRO A 117 . ? 1_555 ? 
19 AC4 4 ARG A 142 ? ARG A 140 . ? 1_555 ? 
20 AC4 4 HOH G .   ? HOH A 341 . ? 1_555 ? 
21 AC5 4 TRP A 6   ? TRP A 4   . ? 5_555 ? 
22 AC5 4 ARG A 78  ? ARG A 76  . ? 1_555 ? 
23 AC5 4 HIS A 170 ? HIS A 168 . ? 1_555 ? 
24 AC5 4 HOH G .   ? HOH A 330 . ? 1_555 ? 
# 
loop_
_pdbx_validate_torsion.id 
_pdbx_validate_torsion.PDB_model_num 
_pdbx_validate_torsion.auth_comp_id 
_pdbx_validate_torsion.auth_asym_id 
_pdbx_validate_torsion.auth_seq_id 
_pdbx_validate_torsion.PDB_ins_code 
_pdbx_validate_torsion.label_alt_id 
_pdbx_validate_torsion.phi 
_pdbx_validate_torsion.psi 
1 1 HIS A 0   ? ? -121.69 -168.71 
2 1 ASN A 39  ? ? -113.45 68.22   
3 1 SER A 114 ? ? -150.95 76.23   
# 
loop_
_chem_comp_atom.comp_id 
_chem_comp_atom.atom_id 
_chem_comp_atom.type_symbol 
_chem_comp_atom.pdbx_aromatic_flag 
_chem_comp_atom.pdbx_stereo_config 
_chem_comp_atom.pdbx_ordinal 
ALA N    N  N N 1   
ALA CA   C  N S 2   
ALA C    C  N N 3   
ALA O    O  N N 4   
ALA CB   C  N N 5   
ALA OXT  O  N N 6   
ALA H    H  N N 7   
ALA H2   H  N N 8   
ALA HA   H  N N 9   
ALA HB1  H  N N 10  
ALA HB2  H  N N 11  
ALA HB3  H  N N 12  
ALA HXT  H  N N 13  
ARG N    N  N N 14  
ARG CA   C  N S 15  
ARG C    C  N N 16  
ARG O    O  N N 17  
ARG CB   C  N N 18  
ARG CG   C  N N 19  
ARG CD   C  N N 20  
ARG NE   N  N N 21  
ARG CZ   C  N N 22  
ARG NH1  N  N N 23  
ARG NH2  N  N N 24  
ARG OXT  O  N N 25  
ARG H    H  N N 26  
ARG H2   H  N N 27  
ARG HA   H  N N 28  
ARG HB2  H  N N 29  
ARG HB3  H  N N 30  
ARG HG2  H  N N 31  
ARG HG3  H  N N 32  
ARG HD2  H  N N 33  
ARG HD3  H  N N 34  
ARG HE   H  N N 35  
ARG HH11 H  N N 36  
ARG HH12 H  N N 37  
ARG HH21 H  N N 38  
ARG HH22 H  N N 39  
ARG HXT  H  N N 40  
ASN N    N  N N 41  
ASN CA   C  N S 42  
ASN C    C  N N 43  
ASN O    O  N N 44  
ASN CB   C  N N 45  
ASN CG   C  N N 46  
ASN OD1  O  N N 47  
ASN ND2  N  N N 48  
ASN OXT  O  N N 49  
ASN H    H  N N 50  
ASN H2   H  N N 51  
ASN HA   H  N N 52  
ASN HB2  H  N N 53  
ASN HB3  H  N N 54  
ASN HD21 H  N N 55  
ASN HD22 H  N N 56  
ASN HXT  H  N N 57  
ASP N    N  N N 58  
ASP CA   C  N S 59  
ASP C    C  N N 60  
ASP O    O  N N 61  
ASP CB   C  N N 62  
ASP CG   C  N N 63  
ASP OD1  O  N N 64  
ASP OD2  O  N N 65  
ASP OXT  O  N N 66  
ASP H    H  N N 67  
ASP H2   H  N N 68  
ASP HA   H  N N 69  
ASP HB2  H  N N 70  
ASP HB3  H  N N 71  
ASP HD2  H  N N 72  
ASP HXT  H  N N 73  
CL  CL   CL N N 74  
CYS N    N  N N 75  
CYS CA   C  N R 76  
CYS C    C  N N 77  
CYS O    O  N N 78  
CYS CB   C  N N 79  
CYS SG   S  N N 80  
CYS OXT  O  N N 81  
CYS H    H  N N 82  
CYS H2   H  N N 83  
CYS HA   H  N N 84  
CYS HB2  H  N N 85  
CYS HB3  H  N N 86  
CYS HG   H  N N 87  
CYS HXT  H  N N 88  
GLN N    N  N N 89  
GLN CA   C  N S 90  
GLN C    C  N N 91  
GLN O    O  N N 92  
GLN CB   C  N N 93  
GLN CG   C  N N 94  
GLN CD   C  N N 95  
GLN OE1  O  N N 96  
GLN NE2  N  N N 97  
GLN OXT  O  N N 98  
GLN H    H  N N 99  
GLN H2   H  N N 100 
GLN HA   H  N N 101 
GLN HB2  H  N N 102 
GLN HB3  H  N N 103 
GLN HG2  H  N N 104 
GLN HG3  H  N N 105 
GLN HE21 H  N N 106 
GLN HE22 H  N N 107 
GLN HXT  H  N N 108 
GLU N    N  N N 109 
GLU CA   C  N S 110 
GLU C    C  N N 111 
GLU O    O  N N 112 
GLU CB   C  N N 113 
GLU CG   C  N N 114 
GLU CD   C  N N 115 
GLU OE1  O  N N 116 
GLU OE2  O  N N 117 
GLU OXT  O  N N 118 
GLU H    H  N N 119 
GLU H2   H  N N 120 
GLU HA   H  N N 121 
GLU HB2  H  N N 122 
GLU HB3  H  N N 123 
GLU HG2  H  N N 124 
GLU HG3  H  N N 125 
GLU HE2  H  N N 126 
GLU HXT  H  N N 127 
GLY N    N  N N 128 
GLY CA   C  N N 129 
GLY C    C  N N 130 
GLY O    O  N N 131 
GLY OXT  O  N N 132 
GLY H    H  N N 133 
GLY H2   H  N N 134 
GLY HA2  H  N N 135 
GLY HA3  H  N N 136 
GLY HXT  H  N N 137 
HIS N    N  N N 138 
HIS CA   C  N S 139 
HIS C    C  N N 140 
HIS O    O  N N 141 
HIS CB   C  N N 142 
HIS CG   C  Y N 143 
HIS ND1  N  Y N 144 
HIS CD2  C  Y N 145 
HIS CE1  C  Y N 146 
HIS NE2  N  Y N 147 
HIS OXT  O  N N 148 
HIS H    H  N N 149 
HIS H2   H  N N 150 
HIS HA   H  N N 151 
HIS HB2  H  N N 152 
HIS HB3  H  N N 153 
HIS HD1  H  N N 154 
HIS HD2  H  N N 155 
HIS HE1  H  N N 156 
HIS HE2  H  N N 157 
HIS HXT  H  N N 158 
HOH O    O  N N 159 
HOH H1   H  N N 160 
HOH H2   H  N N 161 
ILE N    N  N N 162 
ILE CA   C  N S 163 
ILE C    C  N N 164 
ILE O    O  N N 165 
ILE CB   C  N S 166 
ILE CG1  C  N N 167 
ILE CG2  C  N N 168 
ILE CD1  C  N N 169 
ILE OXT  O  N N 170 
ILE H    H  N N 171 
ILE H2   H  N N 172 
ILE HA   H  N N 173 
ILE HB   H  N N 174 
ILE HG12 H  N N 175 
ILE HG13 H  N N 176 
ILE HG21 H  N N 177 
ILE HG22 H  N N 178 
ILE HG23 H  N N 179 
ILE HD11 H  N N 180 
ILE HD12 H  N N 181 
ILE HD13 H  N N 182 
ILE HXT  H  N N 183 
IPA C1   C  N N 184 
IPA C2   C  N N 185 
IPA C3   C  N N 186 
IPA O2   O  N N 187 
IPA H11  H  N N 188 
IPA H12  H  N N 189 
IPA H13  H  N N 190 
IPA H2   H  N N 191 
IPA H31  H  N N 192 
IPA H32  H  N N 193 
IPA H33  H  N N 194 
IPA HO2  H  N N 195 
LEU N    N  N N 196 
LEU CA   C  N S 197 
LEU C    C  N N 198 
LEU O    O  N N 199 
LEU CB   C  N N 200 
LEU CG   C  N N 201 
LEU CD1  C  N N 202 
LEU CD2  C  N N 203 
LEU OXT  O  N N 204 
LEU H    H  N N 205 
LEU H2   H  N N 206 
LEU HA   H  N N 207 
LEU HB2  H  N N 208 
LEU HB3  H  N N 209 
LEU HG   H  N N 210 
LEU HD11 H  N N 211 
LEU HD12 H  N N 212 
LEU HD13 H  N N 213 
LEU HD21 H  N N 214 
LEU HD22 H  N N 215 
LEU HD23 H  N N 216 
LEU HXT  H  N N 217 
LYS N    N  N N 218 
LYS CA   C  N S 219 
LYS C    C  N N 220 
LYS O    O  N N 221 
LYS CB   C  N N 222 
LYS CG   C  N N 223 
LYS CD   C  N N 224 
LYS CE   C  N N 225 
LYS NZ   N  N N 226 
LYS OXT  O  N N 227 
LYS H    H  N N 228 
LYS H2   H  N N 229 
LYS HA   H  N N 230 
LYS HB2  H  N N 231 
LYS HB3  H  N N 232 
LYS HG2  H  N N 233 
LYS HG3  H  N N 234 
LYS HD2  H  N N 235 
LYS HD3  H  N N 236 
LYS HE2  H  N N 237 
LYS HE3  H  N N 238 
LYS HZ1  H  N N 239 
LYS HZ2  H  N N 240 
LYS HZ3  H  N N 241 
LYS HXT  H  N N 242 
MET N    N  N N 243 
MET CA   C  N S 244 
MET C    C  N N 245 
MET O    O  N N 246 
MET CB   C  N N 247 
MET CG   C  N N 248 
MET SD   S  N N 249 
MET CE   C  N N 250 
MET OXT  O  N N 251 
MET H    H  N N 252 
MET H2   H  N N 253 
MET HA   H  N N 254 
MET HB2  H  N N 255 
MET HB3  H  N N 256 
MET HG2  H  N N 257 
MET HG3  H  N N 258 
MET HE1  H  N N 259 
MET HE2  H  N N 260 
MET HE3  H  N N 261 
MET HXT  H  N N 262 
PHE N    N  N N 263 
PHE CA   C  N S 264 
PHE C    C  N N 265 
PHE O    O  N N 266 
PHE CB   C  N N 267 
PHE CG   C  Y N 268 
PHE CD1  C  Y N 269 
PHE CD2  C  Y N 270 
PHE CE1  C  Y N 271 
PHE CE2  C  Y N 272 
PHE CZ   C  Y N 273 
PHE OXT  O  N N 274 
PHE H    H  N N 275 
PHE H2   H  N N 276 
PHE HA   H  N N 277 
PHE HB2  H  N N 278 
PHE HB3  H  N N 279 
PHE HD1  H  N N 280 
PHE HD2  H  N N 281 
PHE HE1  H  N N 282 
PHE HE2  H  N N 283 
PHE HZ   H  N N 284 
PHE HXT  H  N N 285 
PO4 P    P  N N 286 
PO4 O1   O  N N 287 
PO4 O2   O  N N 288 
PO4 O3   O  N N 289 
PO4 O4   O  N N 290 
PRO N    N  N N 291 
PRO CA   C  N S 292 
PRO C    C  N N 293 
PRO O    O  N N 294 
PRO CB   C  N N 295 
PRO CG   C  N N 296 
PRO CD   C  N N 297 
PRO OXT  O  N N 298 
PRO H    H  N N 299 
PRO HA   H  N N 300 
PRO HB2  H  N N 301 
PRO HB3  H  N N 302 
PRO HG2  H  N N 303 
PRO HG3  H  N N 304 
PRO HD2  H  N N 305 
PRO HD3  H  N N 306 
PRO HXT  H  N N 307 
SER N    N  N N 308 
SER CA   C  N S 309 
SER C    C  N N 310 
SER O    O  N N 311 
SER CB   C  N N 312 
SER OG   O  N N 313 
SER OXT  O  N N 314 
SER H    H  N N 315 
SER H2   H  N N 316 
SER HA   H  N N 317 
SER HB2  H  N N 318 
SER HB3  H  N N 319 
SER HG   H  N N 320 
SER HXT  H  N N 321 
THR N    N  N N 322 
THR CA   C  N S 323 
THR C    C  N N 324 
THR O    O  N N 325 
THR CB   C  N R 326 
THR OG1  O  N N 327 
THR CG2  C  N N 328 
THR OXT  O  N N 329 
THR H    H  N N 330 
THR H2   H  N N 331 
THR HA   H  N N 332 
THR HB   H  N N 333 
THR HG1  H  N N 334 
THR HG21 H  N N 335 
THR HG22 H  N N 336 
THR HG23 H  N N 337 
THR HXT  H  N N 338 
TRP N    N  N N 339 
TRP CA   C  N S 340 
TRP C    C  N N 341 
TRP O    O  N N 342 
TRP CB   C  N N 343 
TRP CG   C  Y N 344 
TRP CD1  C  Y N 345 
TRP CD2  C  Y N 346 
TRP NE1  N  Y N 347 
TRP CE2  C  Y N 348 
TRP CE3  C  Y N 349 
TRP CZ2  C  Y N 350 
TRP CZ3  C  Y N 351 
TRP CH2  C  Y N 352 
TRP OXT  O  N N 353 
TRP H    H  N N 354 
TRP H2   H  N N 355 
TRP HA   H  N N 356 
TRP HB2  H  N N 357 
TRP HB3  H  N N 358 
TRP HD1  H  N N 359 
TRP HE1  H  N N 360 
TRP HE3  H  N N 361 
TRP HZ2  H  N N 362 
TRP HZ3  H  N N 363 
TRP HH2  H  N N 364 
TRP HXT  H  N N 365 
TYR N    N  N N 366 
TYR CA   C  N S 367 
TYR C    C  N N 368 
TYR O    O  N N 369 
TYR CB   C  N N 370 
TYR CG   C  Y N 371 
TYR CD1  C  Y N 372 
TYR CD2  C  Y N 373 
TYR CE1  C  Y N 374 
TYR CE2  C  Y N 375 
TYR CZ   C  Y N 376 
TYR OH   O  N N 377 
TYR OXT  O  N N 378 
TYR H    H  N N 379 
TYR H2   H  N N 380 
TYR HA   H  N N 381 
TYR HB2  H  N N 382 
TYR HB3  H  N N 383 
TYR HD1  H  N N 384 
TYR HD2  H  N N 385 
TYR HE1  H  N N 386 
TYR HE2  H  N N 387 
TYR HH   H  N N 388 
TYR HXT  H  N N 389 
VAL N    N  N N 390 
VAL CA   C  N S 391 
VAL C    C  N N 392 
VAL O    O  N N 393 
VAL CB   C  N N 394 
VAL CG1  C  N N 395 
VAL CG2  C  N N 396 
VAL OXT  O  N N 397 
VAL H    H  N N 398 
VAL H2   H  N N 399 
VAL HA   H  N N 400 
VAL HB   H  N N 401 
VAL HG11 H  N N 402 
VAL HG12 H  N N 403 
VAL HG13 H  N N 404 
VAL HG21 H  N N 405 
VAL HG22 H  N N 406 
VAL HG23 H  N N 407 
VAL HXT  H  N N 408 
# 
loop_
_chem_comp_bond.comp_id 
_chem_comp_bond.atom_id_1 
_chem_comp_bond.atom_id_2 
_chem_comp_bond.value_order 
_chem_comp_bond.pdbx_aromatic_flag 
_chem_comp_bond.pdbx_stereo_config 
_chem_comp_bond.pdbx_ordinal 
ALA N   CA   sing N N 1   
ALA N   H    sing N N 2   
ALA N   H2   sing N N 3   
ALA CA  C    sing N N 4   
ALA CA  CB   sing N N 5   
ALA CA  HA   sing N N 6   
ALA C   O    doub N N 7   
ALA C   OXT  sing N N 8   
ALA CB  HB1  sing N N 9   
ALA CB  HB2  sing N N 10  
ALA CB  HB3  sing N N 11  
ALA OXT HXT  sing N N 12  
ARG N   CA   sing N N 13  
ARG N   H    sing N N 14  
ARG N   H2   sing N N 15  
ARG CA  C    sing N N 16  
ARG CA  CB   sing N N 17  
ARG CA  HA   sing N N 18  
ARG C   O    doub N N 19  
ARG C   OXT  sing N N 20  
ARG CB  CG   sing N N 21  
ARG CB  HB2  sing N N 22  
ARG CB  HB3  sing N N 23  
ARG CG  CD   sing N N 24  
ARG CG  HG2  sing N N 25  
ARG CG  HG3  sing N N 26  
ARG CD  NE   sing N N 27  
ARG CD  HD2  sing N N 28  
ARG CD  HD3  sing N N 29  
ARG NE  CZ   sing N N 30  
ARG NE  HE   sing N N 31  
ARG CZ  NH1  sing N N 32  
ARG CZ  NH2  doub N N 33  
ARG NH1 HH11 sing N N 34  
ARG NH1 HH12 sing N N 35  
ARG NH2 HH21 sing N N 36  
ARG NH2 HH22 sing N N 37  
ARG OXT HXT  sing N N 38  
ASN N   CA   sing N N 39  
ASN N   H    sing N N 40  
ASN N   H2   sing N N 41  
ASN CA  C    sing N N 42  
ASN CA  CB   sing N N 43  
ASN CA  HA   sing N N 44  
ASN C   O    doub N N 45  
ASN C   OXT  sing N N 46  
ASN CB  CG   sing N N 47  
ASN CB  HB2  sing N N 48  
ASN CB  HB3  sing N N 49  
ASN CG  OD1  doub N N 50  
ASN CG  ND2  sing N N 51  
ASN ND2 HD21 sing N N 52  
ASN ND2 HD22 sing N N 53  
ASN OXT HXT  sing N N 54  
ASP N   CA   sing N N 55  
ASP N   H    sing N N 56  
ASP N   H2   sing N N 57  
ASP CA  C    sing N N 58  
ASP CA  CB   sing N N 59  
ASP CA  HA   sing N N 60  
ASP C   O    doub N N 61  
ASP C   OXT  sing N N 62  
ASP CB  CG   sing N N 63  
ASP CB  HB2  sing N N 64  
ASP CB  HB3  sing N N 65  
ASP CG  OD1  doub N N 66  
ASP CG  OD2  sing N N 67  
ASP OD2 HD2  sing N N 68  
ASP OXT HXT  sing N N 69  
CYS N   CA   sing N N 70  
CYS N   H    sing N N 71  
CYS N   H2   sing N N 72  
CYS CA  C    sing N N 73  
CYS CA  CB   sing N N 74  
CYS CA  HA   sing N N 75  
CYS C   O    doub N N 76  
CYS C   OXT  sing N N 77  
CYS CB  SG   sing N N 78  
CYS CB  HB2  sing N N 79  
CYS CB  HB3  sing N N 80  
CYS SG  HG   sing N N 81  
CYS OXT HXT  sing N N 82  
GLN N   CA   sing N N 83  
GLN N   H    sing N N 84  
GLN N   H2   sing N N 85  
GLN CA  C    sing N N 86  
GLN CA  CB   sing N N 87  
GLN CA  HA   sing N N 88  
GLN C   O    doub N N 89  
GLN C   OXT  sing N N 90  
GLN CB  CG   sing N N 91  
GLN CB  HB2  sing N N 92  
GLN CB  HB3  sing N N 93  
GLN CG  CD   sing N N 94  
GLN CG  HG2  sing N N 95  
GLN CG  HG3  sing N N 96  
GLN CD  OE1  doub N N 97  
GLN CD  NE2  sing N N 98  
GLN NE2 HE21 sing N N 99  
GLN NE2 HE22 sing N N 100 
GLN OXT HXT  sing N N 101 
GLU N   CA   sing N N 102 
GLU N   H    sing N N 103 
GLU N   H2   sing N N 104 
GLU CA  C    sing N N 105 
GLU CA  CB   sing N N 106 
GLU CA  HA   sing N N 107 
GLU C   O    doub N N 108 
GLU C   OXT  sing N N 109 
GLU CB  CG   sing N N 110 
GLU CB  HB2  sing N N 111 
GLU CB  HB3  sing N N 112 
GLU CG  CD   sing N N 113 
GLU CG  HG2  sing N N 114 
GLU CG  HG3  sing N N 115 
GLU CD  OE1  doub N N 116 
GLU CD  OE2  sing N N 117 
GLU OE2 HE2  sing N N 118 
GLU OXT HXT  sing N N 119 
GLY N   CA   sing N N 120 
GLY N   H    sing N N 121 
GLY N   H2   sing N N 122 
GLY CA  C    sing N N 123 
GLY CA  HA2  sing N N 124 
GLY CA  HA3  sing N N 125 
GLY C   O    doub N N 126 
GLY C   OXT  sing N N 127 
GLY OXT HXT  sing N N 128 
HIS N   CA   sing N N 129 
HIS N   H    sing N N 130 
HIS N   H2   sing N N 131 
HIS CA  C    sing N N 132 
HIS CA  CB   sing N N 133 
HIS CA  HA   sing N N 134 
HIS C   O    doub N N 135 
HIS C   OXT  sing N N 136 
HIS CB  CG   sing N N 137 
HIS CB  HB2  sing N N 138 
HIS CB  HB3  sing N N 139 
HIS CG  ND1  sing Y N 140 
HIS CG  CD2  doub Y N 141 
HIS ND1 CE1  doub Y N 142 
HIS ND1 HD1  sing N N 143 
HIS CD2 NE2  sing Y N 144 
HIS CD2 HD2  sing N N 145 
HIS CE1 NE2  sing Y N 146 
HIS CE1 HE1  sing N N 147 
HIS NE2 HE2  sing N N 148 
HIS OXT HXT  sing N N 149 
HOH O   H1   sing N N 150 
HOH O   H2   sing N N 151 
ILE N   CA   sing N N 152 
ILE N   H    sing N N 153 
ILE N   H2   sing N N 154 
ILE CA  C    sing N N 155 
ILE CA  CB   sing N N 156 
ILE CA  HA   sing N N 157 
ILE C   O    doub N N 158 
ILE C   OXT  sing N N 159 
ILE CB  CG1  sing N N 160 
ILE CB  CG2  sing N N 161 
ILE CB  HB   sing N N 162 
ILE CG1 CD1  sing N N 163 
ILE CG1 HG12 sing N N 164 
ILE CG1 HG13 sing N N 165 
ILE CG2 HG21 sing N N 166 
ILE CG2 HG22 sing N N 167 
ILE CG2 HG23 sing N N 168 
ILE CD1 HD11 sing N N 169 
ILE CD1 HD12 sing N N 170 
ILE CD1 HD13 sing N N 171 
ILE OXT HXT  sing N N 172 
IPA C1  C2   sing N N 173 
IPA C1  H11  sing N N 174 
IPA C1  H12  sing N N 175 
IPA C1  H13  sing N N 176 
IPA C2  C3   sing N N 177 
IPA C2  O2   sing N N 178 
IPA C2  H2   sing N N 179 
IPA C3  H31  sing N N 180 
IPA C3  H32  sing N N 181 
IPA C3  H33  sing N N 182 
IPA O2  HO2  sing N N 183 
LEU N   CA   sing N N 184 
LEU N   H    sing N N 185 
LEU N   H2   sing N N 186 
LEU CA  C    sing N N 187 
LEU CA  CB   sing N N 188 
LEU CA  HA   sing N N 189 
LEU C   O    doub N N 190 
LEU C   OXT  sing N N 191 
LEU CB  CG   sing N N 192 
LEU CB  HB2  sing N N 193 
LEU CB  HB3  sing N N 194 
LEU CG  CD1  sing N N 195 
LEU CG  CD2  sing N N 196 
LEU CG  HG   sing N N 197 
LEU CD1 HD11 sing N N 198 
LEU CD1 HD12 sing N N 199 
LEU CD1 HD13 sing N N 200 
LEU CD2 HD21 sing N N 201 
LEU CD2 HD22 sing N N 202 
LEU CD2 HD23 sing N N 203 
LEU OXT HXT  sing N N 204 
LYS N   CA   sing N N 205 
LYS N   H    sing N N 206 
LYS N   H2   sing N N 207 
LYS CA  C    sing N N 208 
LYS CA  CB   sing N N 209 
LYS CA  HA   sing N N 210 
LYS C   O    doub N N 211 
LYS C   OXT  sing N N 212 
LYS CB  CG   sing N N 213 
LYS CB  HB2  sing N N 214 
LYS CB  HB3  sing N N 215 
LYS CG  CD   sing N N 216 
LYS CG  HG2  sing N N 217 
LYS CG  HG3  sing N N 218 
LYS CD  CE   sing N N 219 
LYS CD  HD2  sing N N 220 
LYS CD  HD3  sing N N 221 
LYS CE  NZ   sing N N 222 
LYS CE  HE2  sing N N 223 
LYS CE  HE3  sing N N 224 
LYS NZ  HZ1  sing N N 225 
LYS NZ  HZ2  sing N N 226 
LYS NZ  HZ3  sing N N 227 
LYS OXT HXT  sing N N 228 
MET N   CA   sing N N 229 
MET N   H    sing N N 230 
MET N   H2   sing N N 231 
MET CA  C    sing N N 232 
MET CA  CB   sing N N 233 
MET CA  HA   sing N N 234 
MET C   O    doub N N 235 
MET C   OXT  sing N N 236 
MET CB  CG   sing N N 237 
MET CB  HB2  sing N N 238 
MET CB  HB3  sing N N 239 
MET CG  SD   sing N N 240 
MET CG  HG2  sing N N 241 
MET CG  HG3  sing N N 242 
MET SD  CE   sing N N 243 
MET CE  HE1  sing N N 244 
MET CE  HE2  sing N N 245 
MET CE  HE3  sing N N 246 
MET OXT HXT  sing N N 247 
PHE N   CA   sing N N 248 
PHE N   H    sing N N 249 
PHE N   H2   sing N N 250 
PHE CA  C    sing N N 251 
PHE CA  CB   sing N N 252 
PHE CA  HA   sing N N 253 
PHE C   O    doub N N 254 
PHE C   OXT  sing N N 255 
PHE CB  CG   sing N N 256 
PHE CB  HB2  sing N N 257 
PHE CB  HB3  sing N N 258 
PHE CG  CD1  doub Y N 259 
PHE CG  CD2  sing Y N 260 
PHE CD1 CE1  sing Y N 261 
PHE CD1 HD1  sing N N 262 
PHE CD2 CE2  doub Y N 263 
PHE CD2 HD2  sing N N 264 
PHE CE1 CZ   doub Y N 265 
PHE CE1 HE1  sing N N 266 
PHE CE2 CZ   sing Y N 267 
PHE CE2 HE2  sing N N 268 
PHE CZ  HZ   sing N N 269 
PHE OXT HXT  sing N N 270 
PO4 P   O1   doub N N 271 
PO4 P   O2   sing N N 272 
PO4 P   O3   sing N N 273 
PO4 P   O4   sing N N 274 
PRO N   CA   sing N N 275 
PRO N   CD   sing N N 276 
PRO N   H    sing N N 277 
PRO CA  C    sing N N 278 
PRO CA  CB   sing N N 279 
PRO CA  HA   sing N N 280 
PRO C   O    doub N N 281 
PRO C   OXT  sing N N 282 
PRO CB  CG   sing N N 283 
PRO CB  HB2  sing N N 284 
PRO CB  HB3  sing N N 285 
PRO CG  CD   sing N N 286 
PRO CG  HG2  sing N N 287 
PRO CG  HG3  sing N N 288 
PRO CD  HD2  sing N N 289 
PRO CD  HD3  sing N N 290 
PRO OXT HXT  sing N N 291 
SER N   CA   sing N N 292 
SER N   H    sing N N 293 
SER N   H2   sing N N 294 
SER CA  C    sing N N 295 
SER CA  CB   sing N N 296 
SER CA  HA   sing N N 297 
SER C   O    doub N N 298 
SER C   OXT  sing N N 299 
SER CB  OG   sing N N 300 
SER CB  HB2  sing N N 301 
SER CB  HB3  sing N N 302 
SER OG  HG   sing N N 303 
SER OXT HXT  sing N N 304 
THR N   CA   sing N N 305 
THR N   H    sing N N 306 
THR N   H2   sing N N 307 
THR CA  C    sing N N 308 
THR CA  CB   sing N N 309 
THR CA  HA   sing N N 310 
THR C   O    doub N N 311 
THR C   OXT  sing N N 312 
THR CB  OG1  sing N N 313 
THR CB  CG2  sing N N 314 
THR CB  HB   sing N N 315 
THR OG1 HG1  sing N N 316 
THR CG2 HG21 sing N N 317 
THR CG2 HG22 sing N N 318 
THR CG2 HG23 sing N N 319 
THR OXT HXT  sing N N 320 
TRP N   CA   sing N N 321 
TRP N   H    sing N N 322 
TRP N   H2   sing N N 323 
TRP CA  C    sing N N 324 
TRP CA  CB   sing N N 325 
TRP CA  HA   sing N N 326 
TRP C   O    doub N N 327 
TRP C   OXT  sing N N 328 
TRP CB  CG   sing N N 329 
TRP CB  HB2  sing N N 330 
TRP CB  HB3  sing N N 331 
TRP CG  CD1  doub Y N 332 
TRP CG  CD2  sing Y N 333 
TRP CD1 NE1  sing Y N 334 
TRP CD1 HD1  sing N N 335 
TRP CD2 CE2  doub Y N 336 
TRP CD2 CE3  sing Y N 337 
TRP NE1 CE2  sing Y N 338 
TRP NE1 HE1  sing N N 339 
TRP CE2 CZ2  sing Y N 340 
TRP CE3 CZ3  doub Y N 341 
TRP CE3 HE3  sing N N 342 
TRP CZ2 CH2  doub Y N 343 
TRP CZ2 HZ2  sing N N 344 
TRP CZ3 CH2  sing Y N 345 
TRP CZ3 HZ3  sing N N 346 
TRP CH2 HH2  sing N N 347 
TRP OXT HXT  sing N N 348 
TYR N   CA   sing N N 349 
TYR N   H    sing N N 350 
TYR N   H2   sing N N 351 
TYR CA  C    sing N N 352 
TYR CA  CB   sing N N 353 
TYR CA  HA   sing N N 354 
TYR C   O    doub N N 355 
TYR C   OXT  sing N N 356 
TYR CB  CG   sing N N 357 
TYR CB  HB2  sing N N 358 
TYR CB  HB3  sing N N 359 
TYR CG  CD1  doub Y N 360 
TYR CG  CD2  sing Y N 361 
TYR CD1 CE1  sing Y N 362 
TYR CD1 HD1  sing N N 363 
TYR CD2 CE2  doub Y N 364 
TYR CD2 HD2  sing N N 365 
TYR CE1 CZ   doub Y N 366 
TYR CE1 HE1  sing N N 367 
TYR CE2 CZ   sing Y N 368 
TYR CE2 HE2  sing N N 369 
TYR CZ  OH   sing N N 370 
TYR OH  HH   sing N N 371 
TYR OXT HXT  sing N N 372 
VAL N   CA   sing N N 373 
VAL N   H    sing N N 374 
VAL N   H2   sing N N 375 
VAL CA  C    sing N N 376 
VAL CA  CB   sing N N 377 
VAL CA  HA   sing N N 378 
VAL C   O    doub N N 379 
VAL C   OXT  sing N N 380 
VAL CB  CG1  sing N N 381 
VAL CB  CG2  sing N N 382 
VAL CB  HB   sing N N 383 
VAL CG1 HG11 sing N N 384 
VAL CG1 HG12 sing N N 385 
VAL CG1 HG13 sing N N 386 
VAL CG2 HG21 sing N N 387 
VAL CG2 HG22 sing N N 388 
VAL CG2 HG23 sing N N 389 
VAL OXT HXT  sing N N 390 
# 
_atom_sites.entry_id                    4O7K 
_atom_sites.fract_transf_matrix[1][1]   -0.01021555 
_atom_sites.fract_transf_matrix[1][2]   0.01224930 
_atom_sites.fract_transf_matrix[1][3]   0.00393817 
_atom_sites.fract_transf_matrix[2][1]   -0.00964682 
_atom_sites.fract_transf_matrix[2][2]   -0.00396402 
_atom_sites.fract_transf_matrix[2][3]   -0.01269399 
_atom_sites.fract_transf_matrix[3][1]   -0.00408380 
_atom_sites.fract_transf_matrix[3][2]   -0.00489499 
_atom_sites.fract_transf_matrix[3][3]   0.00463207 
_atom_sites.fract_transf_vector[1]      0.447572 
_atom_sites.fract_transf_vector[2]      -0.072700 
_atom_sites.fract_transf_vector[3]      0.438797 
# 
loop_
_atom_type.symbol 
C  
CL 
N  
O  
P  
S  
# 
loop_
_atom_site.group_PDB 
_atom_site.id 
_atom_site.type_symbol 
_atom_site.label_atom_id 
_atom_site.label_alt_id 
_atom_site.label_comp_id 
_atom_site.label_asym_id 
_atom_site.label_entity_id 
_atom_site.label_seq_id 
_atom_site.pdbx_PDB_ins_code 
_atom_site.Cartn_x 
_atom_site.Cartn_y 
_atom_site.Cartn_z 
_atom_site.occupancy 
_atom_site.B_iso_or_equiv 
_atom_site.pdbx_formal_charge 
_atom_site.auth_seq_id 
_atom_site.auth_comp_id 
_atom_site.auth_asym_id 
_atom_site.auth_atom_id 
_atom_site.pdbx_PDB_model_num 
ATOM   1    N  N   . HIS A 1 1   ? 19.423  13.037  7.324   0.98 75.49 ? -1  HIS A N   1 
ATOM   2    C  CA  . HIS A 1 1   ? 19.848  12.483  8.609   0.98 76.27 ? -1  HIS A CA  1 
ATOM   3    C  C   . HIS A 1 1   ? 21.302  12.007  8.554   0.98 79.07 ? -1  HIS A C   1 
ATOM   4    O  O   . HIS A 1 1   ? 22.110  12.351  9.418   0.98 82.89 ? -1  HIS A O   1 
ATOM   5    C  CB  . HIS A 1 1   ? 18.916  11.339  9.050   0.98 76.77 ? -1  HIS A CB  1 
ATOM   6    C  CG  . HIS A 1 1   ? 18.368  10.515  7.925   0.98 78.36 ? -1  HIS A CG  1 
ATOM   7    N  ND1 . HIS A 1 1   ? 18.714  9.190   7.733   0.98 73.98 ? -1  HIS A ND1 1 
ATOM   8    C  CD2 . HIS A 1 1   ? 17.473  10.807  6.951   0.98 74.92 ? -1  HIS A CD2 1 
ATOM   9    C  CE1 . HIS A 1 1   ? 18.070  8.714   6.686   0.98 71.06 ? -1  HIS A CE1 1 
ATOM   10   N  NE2 . HIS A 1 1   ? 17.309  9.677   6.190   0.98 67.15 ? -1  HIS A NE2 1 
ATOM   11   N  N   . HIS A 1 2   ? 21.632  11.216  7.540   0.83 72.11 ? 0   HIS A N   1 
ATOM   12   C  CA  . HIS A 1 2   ? 23.023  10.869  7.273   0.83 64.11 ? 0   HIS A CA  1 
ATOM   13   C  C   . HIS A 1 2   ? 23.393  11.308  5.865   0.83 57.69 ? 0   HIS A C   1 
ATOM   14   O  O   . HIS A 1 2   ? 22.636  12.025  5.216   0.83 58.66 ? 0   HIS A O   1 
ATOM   15   C  CB  . HIS A 1 2   ? 23.265  9.371   7.421   0.83 53.46 ? 0   HIS A CB  1 
ATOM   16   C  CG  . HIS A 1 2   ? 23.184  8.869   8.828   0.83 58.87 ? 0   HIS A CG  1 
ATOM   17   N  ND1 . HIS A 1 2   ? 21.992  8.522   9.428   0.83 65.21 ? 0   HIS A ND1 1 
ATOM   18   C  CD2 . HIS A 1 2   ? 24.152  8.624   9.744   0.83 56.24 ? 0   HIS A CD2 1 
ATOM   19   C  CE1 . HIS A 1 2   ? 22.227  8.099   10.658  0.83 57.77 ? 0   HIS A CE1 1 
ATOM   20   N  NE2 . HIS A 1 2   ? 23.529  8.150   10.873  0.83 57.95 ? 0   HIS A NE2 1 
ATOM   21   N  N   . MET A 1 3   ? 24.552  10.856  5.392   1.00 57.20 ? 1   MET A N   1 
ATOM   22   C  CA  A MET A 1 3   ? 25.006  11.190  4.048   0.46 49.52 ? 1   MET A CA  1 
ATOM   23   C  CA  B MET A 1 3   ? 25.021  11.180  4.049   0.54 49.51 ? 1   MET A CA  1 
ATOM   24   C  C   . MET A 1 3   ? 24.390  10.255  3.005   1.00 44.29 ? 1   MET A C   1 
ATOM   25   O  O   . MET A 1 3   ? 23.782  9.237   3.343   1.00 41.02 ? 1   MET A O   1 
ATOM   26   C  CB  A MET A 1 3   ? 26.535  11.140  3.972   0.46 52.60 ? 1   MET A CB  1 
ATOM   27   C  CB  B MET A 1 3   ? 26.551  11.091  3.980   0.54 52.62 ? 1   MET A CB  1 
ATOM   28   C  CG  A MET A 1 3   ? 27.234  12.139  4.888   0.46 54.14 ? 1   MET A CG  1 
ATOM   29   C  CG  B MET A 1 3   ? 27.296  12.087  4.871   0.54 54.13 ? 1   MET A CG  1 
ATOM   30   S  SD  A MET A 1 3   ? 26.827  13.858  4.510   0.46 66.08 ? 1   MET A SD  1 
ATOM   31   S  SD  B MET A 1 3   ? 27.923  13.551  4.010   0.54 67.57 ? 1   MET A SD  1 
ATOM   32   C  CE  A MET A 1 3   ? 27.927  14.178  3.130   0.46 57.68 ? 1   MET A CE  1 
ATOM   33   C  CE  B MET A 1 3   ? 26.435  14.540  3.845   0.54 61.95 ? 1   MET A CE  1 
ATOM   34   N  N   . LEU A 1 4   ? 24.547  10.614  1.739   1.00 38.19 ? 2   LEU A N   1 
ATOM   35   C  CA  . LEU A 1 4   ? 23.976  9.874   0.621   1.00 40.17 ? 2   LEU A CA  1 
ATOM   36   C  C   . LEU A 1 4   ? 24.442  8.419   0.530   1.00 41.37 ? 2   LEU A C   1 
ATOM   37   O  O   . LEU A 1 4   ? 23.643  7.524   0.259   1.00 35.17 ? 2   LEU A O   1 
ATOM   38   C  CB  . LEU A 1 4   ? 24.305  10.599  -0.690  1.00 43.07 ? 2   LEU A CB  1 
ATOM   39   C  CG  . LEU A 1 4   ? 23.729  10.028  -1.985  1.00 40.01 ? 2   LEU A CG  1 
ATOM   40   C  CD1 . LEU A 1 4   ? 22.211  9.962   -1.902  1.00 52.71 ? 2   LEU A CD1 1 
ATOM   41   C  CD2 . LEU A 1 4   ? 24.162  10.868  -3.169  1.00 51.44 ? 2   LEU A CD2 1 
ATOM   42   N  N   . LEU A 1 5   ? 25.733  8.182   0.729   1.00 38.27 ? 3   LEU A N   1 
ATOM   43   C  CA  . LEU A 1 5   ? 26.260  6.824   0.624   1.00 37.08 ? 3   LEU A CA  1 
ATOM   44   C  C   . LEU A 1 5   ? 25.594  5.935   1.662   1.00 34.22 ? 3   LEU A C   1 
ATOM   45   O  O   . LEU A 1 5   ? 25.180  4.812   1.370   1.00 36.03 ? 3   LEU A O   1 
ATOM   46   C  CB  . LEU A 1 5   ? 27.776  6.810   0.805   1.00 34.10 ? 3   LEU A CB  1 
ATOM   47   C  CG  . LEU A 1 5   ? 28.382  5.409   0.751   1.00 33.64 ? 3   LEU A CG  1 
ATOM   48   C  CD1 . LEU A 1 5   ? 28.149  4.801   -0.630  1.00 30.71 ? 3   LEU A CD1 1 
ATOM   49   C  CD2 . LEU A 1 5   ? 29.867  5.454   1.086   1.00 31.17 ? 3   LEU A CD2 1 
ATOM   50   N  N   . TRP A 1 6   ? 25.510  6.465   2.878   1.00 37.00 ? 4   TRP A N   1 
ATOM   51   C  CA  A TRP A 1 6   ? 24.828  5.799   3.984   0.57 38.17 ? 4   TRP A CA  1 
ATOM   52   C  CA  B TRP A 1 6   ? 24.828  5.807   3.980   0.43 38.17 ? 4   TRP A CA  1 
ATOM   53   C  C   . TRP A 1 6   ? 23.404  5.431   3.588   1.00 37.70 ? 4   TRP A C   1 
ATOM   54   O  O   . TRP A 1 6   ? 22.982  4.281   3.730   1.00 34.54 ? 4   TRP A O   1 
ATOM   55   C  CB  A TRP A 1 6   ? 24.814  6.695   5.233   0.57 40.17 ? 4   TRP A CB  1 
ATOM   56   C  CB  B TRP A 1 6   ? 24.814  6.727   5.203   0.43 40.20 ? 4   TRP A CB  1 
ATOM   57   C  CG  A TRP A 1 6   ? 23.957  6.175   6.376   0.57 44.83 ? 4   TRP A CG  1 
ATOM   58   C  CG  B TRP A 1 6   ? 24.408  6.071   6.486   0.43 44.12 ? 4   TRP A CG  1 
ATOM   59   C  CD1 A TRP A 1 6   ? 22.590  6.144   6.431   0.57 48.16 ? 4   TRP A CD1 1 
ATOM   60   C  CD1 B TRP A 1 6   ? 25.225  5.432   7.370   0.43 42.90 ? 4   TRP A CD1 1 
ATOM   61   C  CD2 A TRP A 1 6   ? 24.415  5.653   7.633   0.57 44.61 ? 4   TRP A CD2 1 
ATOM   62   C  CD2 B TRP A 1 6   ? 23.089  6.016   7.048   0.43 47.76 ? 4   TRP A CD2 1 
ATOM   63   N  NE1 A TRP A 1 6   ? 22.172  5.615   7.628   0.57 48.99 ? 4   TRP A NE1 1 
ATOM   64   N  NE1 B TRP A 1 6   ? 24.500  4.972   8.440   0.43 45.63 ? 4   TRP A NE1 1 
ATOM   65   C  CE2 A TRP A 1 6   ? 23.272  5.308   8.386   0.57 48.51 ? 4   TRP A CE2 1 
ATOM   66   C  CE2 B TRP A 1 6   ? 23.184  5.320   8.268   0.43 48.45 ? 4   TRP A CE2 1 
ATOM   67   C  CE3 A TRP A 1 6   ? 25.679  5.439   8.194   0.57 43.10 ? 4   TRP A CE3 1 
ATOM   68   C  CE3 B TRP A 1 6   ? 21.836  6.483   6.636   0.43 50.28 ? 4   TRP A CE3 1 
ATOM   69   C  CZ2 A TRP A 1 6   ? 23.354  4.759   9.668   0.57 49.49 ? 4   TRP A CZ2 1 
ATOM   70   C  CZ2 B TRP A 1 6   ? 22.078  5.079   9.080   0.43 53.31 ? 4   TRP A CZ2 1 
ATOM   71   C  CZ3 A TRP A 1 6   ? 25.759  4.892   9.468   0.57 44.06 ? 4   TRP A CZ3 1 
ATOM   72   C  CZ3 B TRP A 1 6   ? 20.737  6.247   7.447   0.43 50.70 ? 4   TRP A CZ3 1 
ATOM   73   C  CH2 A TRP A 1 6   ? 24.602  4.558   10.190  0.57 45.48 ? 4   TRP A CH2 1 
ATOM   74   C  CH2 B TRP A 1 6   ? 20.867  5.553   8.654   0.43 55.21 ? 4   TRP A CH2 1 
ATOM   75   N  N   . ARG A 1 7   ? 22.670  6.415   3.093   1.00 34.05 ? 5   ARG A N   1 
ATOM   76   C  CA  . ARG A 1 7   ? 21.266  6.220   2.773   1.00 40.57 ? 5   ARG A CA  1 
ATOM   77   C  C   . ARG A 1 7   ? 21.068  5.256   1.603   1.00 37.11 ? 5   ARG A C   1 
ATOM   78   O  O   . ARG A 1 7   ? 20.147  4.442   1.621   1.00 37.24 ? 5   ARG A O   1 
ATOM   79   C  CB  . ARG A 1 7   ? 20.604  7.576   2.509   1.00 34.71 ? 5   ARG A CB  1 
ATOM   80   C  CG  . ARG A 1 7   ? 20.416  8.372   3.803   1.00 43.03 ? 5   ARG A CG  1 
ATOM   81   C  CD  . ARG A 1 7   ? 19.514  9.587   3.624   1.00 53.73 ? 5   ARG A CD  1 
ATOM   82   N  NE  . ARG A 1 7   ? 20.255  10.744  3.137   1.00 65.00 ? 5   ARG A NE  1 
ATOM   83   C  CZ  . ARG A 1 7   ? 20.175  11.221  1.899   1.00 63.60 ? 5   ARG A CZ  1 
ATOM   84   N  NH1 . ARG A 1 7   ? 19.376  10.640  1.013   1.00 62.78 ? 5   ARG A NH1 1 
ATOM   85   N  NH2 . ARG A 1 7   ? 20.897  12.280  1.546   1.00 59.76 ? 5   ARG A NH2 1 
ATOM   86   N  N   . ARG A 1 8   ? 21.949  5.312   0.611   1.00 34.53 ? 6   ARG A N   1 
ATOM   87   C  CA  . ARG A 1 8   ? 21.874  4.371   -0.507  1.00 35.55 ? 6   ARG A CA  1 
ATOM   88   C  C   . ARG A 1 8   ? 22.199  2.941   -0.089  1.00 30.42 ? 6   ARG A C   1 
ATOM   89   O  O   . ARG A 1 8   ? 21.563  1.995   -0.546  1.00 29.12 ? 6   ARG A O   1 
ATOM   90   C  CB  . ARG A 1 8   ? 22.815  4.793   -1.640  1.00 35.18 ? 6   ARG A CB  1 
ATOM   91   C  CG  . ARG A 1 8   ? 22.390  6.068   -2.337  1.00 39.98 ? 6   ARG A CG  1 
ATOM   92   C  CD  . ARG A 1 8   ? 22.762  6.026   -3.801  1.00 51.75 ? 6   ARG A CD  1 
ATOM   93   N  NE  . ARG A 1 8   ? 23.566  7.176   -4.183  1.00 62.05 ? 6   ARG A NE  1 
ATOM   94   C  CZ  . ARG A 1 8   ? 23.792  7.539   -5.439  1.00 66.47 ? 6   ARG A CZ  1 
ATOM   95   N  NH1 . ARG A 1 8   ? 24.539  8.603   -5.700  1.00 72.64 ? 6   ARG A NH1 1 
ATOM   96   N  NH2 . ARG A 1 8   ? 23.265  6.836   -6.433  1.00 76.42 ? 6   ARG A NH2 1 
ATOM   97   N  N   . CYS A 1 9   ? 23.210  2.782   0.755   1.00 29.74 ? 7   CYS A N   1 
ATOM   98   C  CA  . CYS A 1 9   ? 23.607  1.443   1.175   1.00 31.02 ? 7   CYS A CA  1 
ATOM   99   C  C   . CYS A 1 9   ? 22.506  0.804   2.013   1.00 33.07 ? 7   CYS A C   1 
ATOM   100  O  O   . CYS A 1 9   ? 22.216  -0.386  1.879   1.00 30.78 ? 7   CYS A O   1 
ATOM   101  C  CB  . CYS A 1 9   ? 24.917  1.488   1.957   1.00 31.32 ? 7   CYS A CB  1 
ATOM   102  S  SG  . CYS A 1 9   ? 26.390  1.825   0.955   1.00 30.16 ? 7   CYS A SG  1 
ATOM   103  N  N   . ARG A 1 10  ? 21.884  1.614   2.865   1.00 32.54 ? 8   ARG A N   1 
ATOM   104  C  CA  . ARG A 1 10  ? 20.814  1.142   3.738   1.00 35.57 ? 8   ARG A CA  1 
ATOM   105  C  C   . ARG A 1 10  ? 19.626  0.655   2.917   1.00 34.23 ? 8   ARG A C   1 
ATOM   106  O  O   . ARG A 1 10  ? 19.073  -0.422  3.170   1.00 31.22 ? 8   ARG A O   1 
ATOM   107  C  CB  . ARG A 1 10  ? 20.373  2.254   4.692   1.00 36.04 ? 8   ARG A CB  1 
ATOM   108  C  CG  . ARG A 1 10  ? 19.746  1.752   5.974   1.00 47.89 ? 8   ARG A CG  1 
ATOM   109  C  CD  . ARG A 1 10  ? 19.697  2.855   7.026   1.00 52.40 ? 8   ARG A CD  1 
ATOM   110  N  NE  . ARG A 1 10  ? 19.655  2.317   8.385   1.00 67.30 ? 8   ARG A NE  1 
ATOM   111  C  CZ  . ARG A 1 10  ? 18.861  2.776   9.349   1.00 75.11 ? 8   ARG A CZ  1 
ATOM   112  N  NH1 . ARG A 1 10  ? 18.039  3.792   9.109   1.00 71.30 ? 8   ARG A NH1 1 
ATOM   113  N  NH2 . ARG A 1 10  ? 18.885  2.220   10.554  1.00 74.83 ? 8   ARG A NH2 1 
ATOM   114  N  N   . ALA A 1 11  ? 19.245  1.459   1.928   1.00 27.80 ? 9   ALA A N   1 
ATOM   115  C  CA  . ALA A 1 11  ? 18.134  1.123   1.041   1.00 32.65 ? 9   ALA A CA  1 
ATOM   116  C  C   . ALA A 1 11  ? 18.414  -0.167  0.273   1.00 29.77 ? 9   ALA A C   1 
ATOM   117  O  O   . ALA A 1 11  ? 17.544  -1.040  0.147   1.00 28.60 ? 9   ALA A O   1 
ATOM   118  C  CB  . ALA A 1 11  ? 17.865  2.275   0.073   1.00 30.93 ? 9   ALA A CB  1 
ATOM   119  N  N   . TRP A 1 12  ? 19.635  -0.273  -0.233  1.00 26.29 ? 10  TRP A N   1 
ATOM   120  C  CA  . TRP A 1 12  ? 20.082  -1.442  -0.967  1.00 28.14 ? 10  TRP A CA  1 
ATOM   121  C  C   . TRP A 1 12  ? 19.908  -2.712  -0.129  1.00 30.53 ? 10  TRP A C   1 
ATOM   122  O  O   . TRP A 1 12  ? 19.369  -3.716  -0.601  1.00 30.74 ? 10  TRP A O   1 
ATOM   123  C  CB  . TRP A 1 12  ? 21.548  -1.270  -1.377  1.00 31.84 ? 10  TRP A CB  1 
ATOM   124  C  CG  . TRP A 1 12  ? 22.047  -2.364  -2.265  1.00 28.92 ? 10  TRP A CG  1 
ATOM   125  C  CD1 . TRP A 1 12  ? 22.078  -2.357  -3.627  1.00 30.81 ? 10  TRP A CD1 1 
ATOM   126  C  CD2 . TRP A 1 12  ? 22.589  -3.621  -1.855  1.00 27.98 ? 10  TRP A CD2 1 
ATOM   127  N  NE1 . TRP A 1 12  ? 22.605  -3.533  -4.091  1.00 35.13 ? 10  TRP A NE1 1 
ATOM   128  C  CE2 . TRP A 1 12  ? 22.917  -4.332  -3.021  1.00 29.76 ? 10  TRP A CE2 1 
ATOM   129  C  CE3 . TRP A 1 12  ? 22.814  -4.228  -0.609  1.00 28.31 ? 10  TRP A CE3 1 
ATOM   130  C  CZ2 . TRP A 1 12  ? 23.473  -5.608  -2.985  1.00 28.12 ? 10  TRP A CZ2 1 
ATOM   131  C  CZ3 . TRP A 1 12  ? 23.361  -5.489  -0.576  1.00 30.78 ? 10  TRP A CZ3 1 
ATOM   132  C  CH2 . TRP A 1 12  ? 23.689  -6.167  -1.755  1.00 31.54 ? 10  TRP A CH2 1 
ATOM   133  N  N   . LEU A 1 13  ? 20.367  -2.656  1.116   1.00 27.45 ? 11  LEU A N   1 
ATOM   134  C  CA  . LEU A 1 13  ? 20.327  -3.811  1.995   1.00 28.05 ? 11  LEU A CA  1 
ATOM   135  C  C   . LEU A 1 13  ? 18.884  -4.200  2.325   1.00 31.06 ? 11  LEU A C   1 
ATOM   136  O  O   . LEU A 1 13  ? 18.546  -5.381  2.363   1.00 26.86 ? 11  LEU A O   1 
ATOM   137  C  CB  . LEU A 1 13  ? 21.115  -3.528  3.270   1.00 32.84 ? 11  LEU A CB  1 
ATOM   138  C  CG  . LEU A 1 13  ? 22.636  -3.575  3.123   1.00 28.20 ? 11  LEU A CG  1 
ATOM   139  C  CD1 . LEU A 1 13  ? 23.281  -2.906  4.320   1.00 32.49 ? 11  LEU A CD1 1 
ATOM   140  C  CD2 . LEU A 1 13  ? 23.137  -4.999  2.953   1.00 27.32 ? 11  LEU A CD2 1 
ATOM   141  N  N   . GLU A 1 14  ? 18.035  -3.198  2.531   1.00 26.68 ? 12  GLU A N   1 
ATOM   142  C  CA  . GLU A 1 14  ? 16.621  -3.446  2.808   1.00 28.63 ? 12  GLU A CA  1 
ATOM   143  C  C   . GLU A 1 14  ? 15.919  -4.090  1.617   1.00 30.70 ? 12  GLU A C   1 
ATOM   144  O  O   . GLU A 1 14  ? 15.147  -5.026  1.783   1.00 30.25 ? 12  GLU A O   1 
ATOM   145  C  CB  . GLU A 1 14  ? 15.905  -2.154  3.201   1.00 25.21 ? 12  GLU A CB  1 
ATOM   146  C  CG  . GLU A 1 14  ? 14.423  -2.356  3.600   1.00 24.35 ? 12  GLU A CG  1 
ATOM   147  C  CD  . GLU A 1 14  ? 14.231  -3.000  4.980   1.00 45.22 ? 12  GLU A CD  1 
ATOM   148  O  OE1 . GLU A 1 14  ? 15.150  -3.696  5.469   1.00 37.28 ? 12  GLU A OE1 1 
ATOM   149  O  OE2 . GLU A 1 14  ? 13.145  -2.805  5.577   1.00 44.94 ? 12  GLU A OE2 1 
ATOM   150  N  N   . ILE A 1 15  ? 16.193  -3.596  0.416   1.00 27.88 ? 13  ILE A N   1 
ATOM   151  C  CA  . ILE A 1 15  ? 15.660  -4.222  -0.788  1.00 31.87 ? 13  ILE A CA  1 
ATOM   152  C  C   . ILE A 1 15  ? 16.124  -5.673  -0.891  1.00 32.51 ? 13  ILE A C   1 
ATOM   153  O  O   . ILE A 1 15  ? 15.338  -6.568  -1.199  1.00 29.45 ? 13  ILE A O   1 
ATOM   154  C  CB  . ILE A 1 15  ? 16.070  -3.430  -2.051  1.00 28.86 ? 13  ILE A CB  1 
ATOM   155  C  CG1 . ILE A 1 15  ? 15.323  -2.094  -2.072  1.00 26.68 ? 13  ILE A CG1 1 
ATOM   156  C  CG2 . ILE A 1 15  ? 15.807  -4.239  -3.317  1.00 29.35 ? 13  ILE A CG2 1 
ATOM   157  C  CD1 . ILE A 1 15  ? 15.888  -1.085  -3.069  1.00 27.76 ? 13  ILE A CD1 1 
ATOM   158  N  N   . ARG A 1 16  ? 17.392  -5.922  -0.594  1.00 29.45 ? 14  ARG A N   1 
ATOM   159  C  CA  . ARG A 1 16  ? 17.887  -7.296  -0.642  1.00 33.18 ? 14  ARG A CA  1 
ATOM   160  C  C   . ARG A 1 16  ? 17.186  -8.178  0.414   1.00 34.39 ? 14  ARG A C   1 
ATOM   161  O  O   . ARG A 1 16  ? 16.922  -9.357  0.162   1.00 38.38 ? 14  ARG A O   1 
ATOM   162  C  CB  . ARG A 1 16  ? 19.409  -7.317  -0.460  1.00 40.53 ? 14  ARG A CB  1 
ATOM   163  C  CG  . ARG A 1 16  ? 20.053  -8.691  -0.575  1.00 42.04 ? 14  ARG A CG  1 
ATOM   164  C  CD  . ARG A 1 16  ? 21.265  -8.783  0.338   1.00 55.14 ? 14  ARG A CD  1 
ATOM   165  N  NE  . ARG A 1 16  ? 21.989  -10.046 0.196   1.00 68.91 ? 14  ARG A NE  1 
ATOM   166  C  CZ  . ARG A 1 16  ? 22.251  -10.877 1.202   1.00 71.42 ? 14  ARG A CZ  1 
ATOM   167  N  NH1 . ARG A 1 16  ? 21.824  -10.596 2.429   1.00 59.83 ? 14  ARG A NH1 1 
ATOM   168  N  NH2 . ARG A 1 16  ? 22.919  -12.003 0.978   1.00 72.19 ? 14  ARG A NH2 1 
ATOM   169  N  N   A ARG A 1 17  ? 16.883  -7.608  1.577   0.43 32.18 ? 15  ARG A N   1 
ATOM   170  N  N   B ARG A 1 17  ? 16.889  -7.601  1.579   0.57 32.15 ? 15  ARG A N   1 
ATOM   171  C  CA  A ARG A 1 17  ? 16.180  -8.345  2.627   0.43 32.81 ? 15  ARG A CA  1 
ATOM   172  C  CA  B ARG A 1 17  ? 16.164  -8.305  2.646   0.57 32.79 ? 15  ARG A CA  1 
ATOM   173  C  C   A ARG A 1 17  ? 14.763  -8.690  2.181   0.43 36.25 ? 15  ARG A C   1 
ATOM   174  C  C   B ARG A 1 17  ? 14.775  -8.691  2.162   0.57 36.29 ? 15  ARG A C   1 
ATOM   175  O  O   A ARG A 1 17  ? 14.275  -9.799  2.417   0.43 35.82 ? 15  ARG A O   1 
ATOM   176  O  O   B ARG A 1 17  ? 14.320  -9.825  2.352   0.57 35.82 ? 15  ARG A O   1 
ATOM   177  C  CB  A ARG A 1 17  ? 16.144  -7.537  3.928   0.43 34.73 ? 15  ARG A CB  1 
ATOM   178  C  CB  B ARG A 1 17  ? 16.054  -7.432  3.904   0.57 34.70 ? 15  ARG A CB  1 
ATOM   179  C  CG  A ARG A 1 17  ? 15.433  -8.235  5.076   0.43 40.03 ? 15  ARG A CG  1 
ATOM   180  C  CG  B ARG A 1 17  ? 15.454  -8.133  5.122   0.57 40.07 ? 15  ARG A CG  1 
ATOM   181  C  CD  A ARG A 1 17  ? 15.094  -7.259  6.198   0.43 43.34 ? 15  ARG A CD  1 
ATOM   182  C  CD  B ARG A 1 17  ? 15.048  -7.145  6.234   0.57 43.42 ? 15  ARG A CD  1 
ATOM   183  N  NE  A ARG A 1 17  ? 16.238  -6.956  7.052   0.43 40.16 ? 15  ARG A NE  1 
ATOM   184  N  NE  B ARG A 1 17  ? 13.618  -6.814  6.202   0.57 47.21 ? 15  ARG A NE  1 
ATOM   185  C  CZ  A ARG A 1 17  ? 16.246  -6.003  7.979   0.43 41.17 ? 15  ARG A CZ  1 
ATOM   186  C  CZ  B ARG A 1 17  ? 13.005  -6.017  7.077   0.57 48.76 ? 15  ARG A CZ  1 
ATOM   187  N  NH1 A ARG A 1 17  ? 17.332  -5.802  8.714   0.43 41.64 ? 15  ARG A NH1 1 
ATOM   188  N  NH1 B ARG A 1 17  ? 13.693  -5.459  8.067   0.57 52.44 ? 15  ARG A NH1 1 
ATOM   189  N  NH2 A ARG A 1 17  ? 15.175  -5.243  8.166   0.43 35.01 ? 15  ARG A NH2 1 
ATOM   190  N  NH2 B ARG A 1 17  ? 11.705  -5.780  6.966   0.57 39.57 ? 15  ARG A NH2 1 
ATOM   191  N  N   . LEU A 1 18  ? 14.107  -7.732  1.531   1.00 31.04 ? 16  LEU A N   1 
ATOM   192  C  CA  . LEU A 1 18  ? 12.778  -7.952  0.981   1.00 31.53 ? 16  LEU A CA  1 
ATOM   193  C  C   . LEU A 1 18  ? 12.801  -9.021  -0.114  1.00 29.69 ? 16  LEU A C   1 
ATOM   194  O  O   . LEU A 1 18  ? 11.880  -9.828  -0.214  1.00 30.54 ? 16  LEU A O   1 
ATOM   195  C  CB  . LEU A 1 18  ? 12.214  -6.637  0.439   1.00 26.42 ? 16  LEU A CB  1 
ATOM   196  C  CG  . LEU A 1 18  ? 11.879  -5.636  1.552   1.00 28.54 ? 16  LEU A CG  1 
ATOM   197  C  CD1 . LEU A 1 18  ? 11.638  -4.237  0.989   1.00 27.96 ? 16  LEU A CD1 1 
ATOM   198  C  CD2 . LEU A 1 18  ? 10.677  -6.108  2.363   1.00 28.30 ? 16  LEU A CD2 1 
ATOM   199  N  N   . ASP A 1 19  ? 13.862  -9.027  -0.919  1.00 29.42 ? 17  ASP A N   1 
ATOM   200  C  CA  . ASP A 1 19  ? 13.999  -9.984  -2.012  1.00 33.75 ? 17  ASP A CA  1 
ATOM   201  C  C   . ASP A 1 19  ? 13.933  -11.390 -1.454  1.00 41.01 ? 17  ASP A C   1 
ATOM   202  O  O   . ASP A 1 19  ? 13.219  -12.252 -1.978  1.00 38.80 ? 17  ASP A O   1 
ATOM   203  C  CB  . ASP A 1 19  ? 15.316  -9.786  -2.767  1.00 34.11 ? 17  ASP A CB  1 
ATOM   204  C  CG  . ASP A 1 19  ? 15.287  -8.596  -3.718  1.00 42.81 ? 17  ASP A CG  1 
ATOM   205  O  OD1 . ASP A 1 19  ? 14.185  -8.094  -4.041  1.00 37.00 ? 17  ASP A OD1 1 
ATOM   206  O  OD2 . ASP A 1 19  ? 16.381  -8.167  -4.156  1.00 36.54 ? 17  ASP A OD2 1 
ATOM   207  N  N   . LYS A 1 20  ? 14.666  -11.603 -0.365  1.00 38.22 ? 18  LYS A N   1 
ATOM   208  C  CA  . LYS A 1 20  ? 14.707  -12.905 0.292   1.00 41.16 ? 18  LYS A CA  1 
ATOM   209  C  C   . LYS A 1 20  ? 13.407  -13.258 1.021   1.00 39.36 ? 18  LYS A C   1 
ATOM   210  O  O   . LYS A 1 20  ? 12.950  -14.393 0.938   1.00 44.46 ? 18  LYS A O   1 
ATOM   211  C  CB  . LYS A 1 20  ? 15.883  -12.956 1.264   1.00 36.44 ? 18  LYS A CB  1 
ATOM   212  C  CG  . LYS A 1 20  ? 17.206  -12.727 0.567   1.00 47.66 ? 18  LYS A CG  1 
ATOM   213  C  CD  . LYS A 1 20  ? 18.383  -12.996 1.470   1.00 61.36 ? 18  LYS A CD  1 
ATOM   214  C  CE  . LYS A 1 20  ? 19.671  -12.887 0.678   1.00 63.80 ? 18  LYS A CE  1 
ATOM   215  N  NZ  . LYS A 1 20  ? 19.697  -13.869 -0.453  1.00 70.98 ? 18  LYS A NZ  1 
ATOM   216  N  N   . GLU A 1 21  ? 12.817  -12.300 1.734   1.00 36.70 ? 19  GLU A N   1 
ATOM   217  C  CA  . GLU A 1 21  ? 11.553  -12.549 2.426   1.00 34.61 ? 19  GLU A CA  1 
ATOM   218  C  C   . GLU A 1 21  ? 10.490  -12.938 1.413   1.00 41.63 ? 19  GLU A C   1 
ATOM   219  O  O   . GLU A 1 21  ? 9.694   -13.848 1.647   1.00 42.66 ? 19  GLU A O   1 
ATOM   220  C  CB  . GLU A 1 21  ? 11.096  -11.330 3.228   1.00 34.06 ? 19  GLU A CB  1 
ATOM   221  C  CG  . GLU A 1 21  ? 11.966  -11.019 4.432   1.00 40.85 ? 19  GLU A CG  1 
ATOM   222  C  CD  . GLU A 1 21  ? 11.595  -9.712  5.103   1.00 48.23 ? 19  GLU A CD  1 
ATOM   223  O  OE1 . GLU A 1 21  ? 10.670  -9.031  4.613   1.00 46.15 ? 19  GLU A OE1 1 
ATOM   224  O  OE2 . GLU A 1 21  ? 12.225  -9.367  6.126   1.00 52.70 ? 19  GLU A OE2 1 
ATOM   225  N  N   . LEU A 1 22  ? 10.497  -12.257 0.275   1.00 30.50 ? 20  LEU A N   1 
ATOM   226  C  CA  . LEU A 1 22  ? 9.537   -12.532 -0.791  1.00 32.40 ? 20  LEU A CA  1 
ATOM   227  C  C   . LEU A 1 22  ? 9.782   -13.901 -1.414  1.00 45.79 ? 20  LEU A C   1 
ATOM   228  O  O   . LEU A 1 22  ? 8.834   -14.621 -1.751  1.00 38.26 ? 20  LEU A O   1 
ATOM   229  C  CB  . LEU A 1 22  ? 9.607   -11.438 -1.863  1.00 30.68 ? 20  LEU A CB  1 
ATOM   230  C  CG  . LEU A 1 22  ? 8.909   -10.132 -1.486  1.00 31.86 ? 20  LEU A CG  1 
ATOM   231  C  CD1 . LEU A 1 22  ? 9.360   -8.999  -2.394  1.00 29.92 ? 20  LEU A CD1 1 
ATOM   232  C  CD2 . LEU A 1 22  ? 7.396   -10.300 -1.549  1.00 31.01 ? 20  LEU A CD2 1 
ATOM   233  N  N   . ALA A 1 23  ? 11.054  -14.263 -1.559  1.00 39.35 ? 21  ALA A N   1 
ATOM   234  C  CA  . ALA A 1 23  ? 11.405  -15.554 -2.142  1.00 47.83 ? 21  ALA A CA  1 
ATOM   235  C  C   . ALA A 1 23  ? 11.011  -16.709 -1.219  1.00 46.53 ? 21  ALA A C   1 
ATOM   236  O  O   . ALA A 1 23  ? 10.622  -17.774 -1.693  1.00 47.73 ? 21  ALA A O   1 
ATOM   237  C  CB  . ALA A 1 23  ? 12.899  -15.605 -2.467  1.00 46.19 ? 21  ALA A CB  1 
ATOM   238  N  N   . GLN A 1 24  ? 11.104  -16.486 0.092   1.00 43.23 ? 22  GLN A N   1 
ATOM   239  C  CA  . GLN A 1 24  ? 10.755  -17.496 1.099   1.00 45.51 ? 22  GLN A CA  1 
ATOM   240  C  C   . GLN A 1 24  ? 9.247   -17.701 1.216   1.00 52.69 ? 22  GLN A C   1 
ATOM   241  O  O   . GLN A 1 24  ? 8.759   -18.830 1.293   1.00 52.32 ? 22  GLN A O   1 
ATOM   242  C  CB  . GLN A 1 24  ? 11.310  -17.099 2.473   1.00 49.55 ? 22  GLN A CB  1 
ATOM   243  C  CG  . GLN A 1 24  ? 12.823  -17.201 2.610   1.00 58.15 ? 22  GLN A CG  1 
ATOM   244  C  CD  . GLN A 1 24  ? 13.346  -16.495 3.855   1.00 70.37 ? 22  GLN A CD  1 
ATOM   245  O  OE1 . GLN A 1 24  ? 12.571  -15.944 4.641   1.00 70.67 ? 22  GLN A OE1 1 
ATOM   246  N  NE2 . GLN A 1 24  ? 14.666  -16.486 4.023   1.00 75.97 ? 22  GLN A NE2 1 
ATOM   247  N  N   . SER A 1 25  ? 8.517   -16.592 1.252   1.00 45.94 ? 23  SER A N   1 
ATOM   248  C  CA  . SER A 1 25  ? 7.070   -16.624 1.405   1.00 37.18 ? 23  SER A CA  1 
ATOM   249  C  C   . SER A 1 25  ? 6.350   -16.908 0.096   1.00 46.12 ? 23  SER A C   1 
ATOM   250  O  O   . SER A 1 25  ? 5.119   -16.923 0.060   1.00 43.79 ? 23  SER A O   1 
ATOM   251  C  CB  . SER A 1 25  ? 6.577   -15.294 1.968   1.00 40.83 ? 23  SER A CB  1 
ATOM   252  O  OG  . SER A 1 25  ? 6.703   -14.271 0.992   1.00 47.20 ? 23  SER A OG  1 
ATOM   253  N  N   . SER A 1 26  ? 7.108   -17.117 -0.979  1.00 43.79 ? 24  SER A N   1 
ATOM   254  C  CA  . SER A 1 26  ? 6.511   -17.315 -2.301  1.00 43.56 ? 24  SER A CA  1 
ATOM   255  C  C   . SER A 1 26  ? 5.539   -18.499 -2.298  1.00 54.49 ? 24  SER A C   1 
ATOM   256  O  O   . SER A 1 26  ? 5.837   -19.570 -1.757  1.00 48.24 ? 24  SER A O   1 
ATOM   257  C  CB  . SER A 1 26  ? 7.593   -17.525 -3.362  1.00 48.14 ? 24  SER A CB  1 
ATOM   258  O  OG  . SER A 1 26  ? 7.026   -17.648 -4.657  1.00 53.21 ? 24  SER A OG  1 
ATOM   259  N  N   . GLY A 1 27  ? 4.362   -18.286 -2.880  1.00 54.15 ? 25  GLY A N   1 
ATOM   260  C  CA  . GLY A 1 27  ? 3.369   -19.339 -2.995  1.00 58.87 ? 25  GLY A CA  1 
ATOM   261  C  C   . GLY A 1 27  ? 2.463   -19.519 -1.792  1.00 52.59 ? 25  GLY A C   1 
ATOM   262  O  O   . GLY A 1 27  ? 1.401   -20.123 -1.908  1.00 60.70 ? 25  GLY A O   1 
ATOM   263  N  N   . LEU A 1 28  ? 2.878   -18.998 -0.641  1.00 50.60 ? 26  LEU A N   1 
ATOM   264  C  CA  . LEU A 1 28  ? 2.124   -19.161 0.601   1.00 51.52 ? 26  LEU A CA  1 
ATOM   265  C  C   . LEU A 1 28  ? 0.933   -18.200 0.672   1.00 48.15 ? 26  LEU A C   1 
ATOM   266  O  O   . LEU A 1 28  ? 1.025   -17.055 0.232   1.00 46.90 ? 26  LEU A O   1 
ATOM   267  C  CB  . LEU A 1 28  ? 3.043   -18.948 1.812   1.00 52.43 ? 26  LEU A CB  1 
ATOM   268  C  CG  . LEU A 1 28  ? 4.201   -19.934 1.998   1.00 53.42 ? 26  LEU A CG  1 
ATOM   269  C  CD1 . LEU A 1 28  ? 5.029   -19.562 3.218   1.00 57.79 ? 26  LEU A CD1 1 
ATOM   270  C  CD2 . LEU A 1 28  ? 3.685   -21.362 2.114   1.00 51.09 ? 26  LEU A CD2 1 
ATOM   271  N  N   . PRO A 1 29  ? -0.189  -18.664 1.248   1.00 50.86 ? 27  PRO A N   1 
ATOM   272  C  CA  . PRO A 1 29  ? -1.387  -17.827 1.372   1.00 46.14 ? 27  PRO A CA  1 
ATOM   273  C  C   . PRO A 1 29  ? -1.150  -16.633 2.303   1.00 38.61 ? 27  PRO A C   1 
ATOM   274  O  O   . PRO A 1 29  ? -0.602  -16.796 3.393   1.00 44.57 ? 27  PRO A O   1 
ATOM   275  C  CB  . PRO A 1 29  ? -2.426  -18.797 1.957   1.00 42.88 ? 27  PRO A CB  1 
ATOM   276  C  CG  . PRO A 1 29  ? -1.618  -19.785 2.716   1.00 47.71 ? 27  PRO A CG  1 
ATOM   277  C  CD  . PRO A 1 29  ? -0.358  -19.969 1.908   1.00 44.36 ? 27  PRO A CD  1 
ATOM   278  N  N   . LEU A 1 30  ? -1.534  -15.439 1.866   1.00 41.93 ? 28  LEU A N   1 
ATOM   279  C  CA  . LEU A 1 30  ? -1.413  -14.259 2.712   1.00 35.48 ? 28  LEU A CA  1 
ATOM   280  C  C   . LEU A 1 30  ? -2.774  -13.961 3.339   1.00 41.81 ? 28  LEU A C   1 
ATOM   281  O  O   . LEU A 1 30  ? -3.794  -14.469 2.879   1.00 42.65 ? 28  LEU A O   1 
ATOM   282  C  CB  . LEU A 1 30  ? -0.895  -13.054 1.913   1.00 32.46 ? 28  LEU A CB  1 
ATOM   283  C  CG  . LEU A 1 30  ? 0.585   -13.105 1.503   1.00 34.34 ? 28  LEU A CG  1 
ATOM   284  C  CD1 . LEU A 1 30  ? 1.000   -11.867 0.682   1.00 39.37 ? 28  LEU A CD1 1 
ATOM   285  C  CD2 . LEU A 1 30  ? 1.480   -13.259 2.732   1.00 39.07 ? 28  LEU A CD2 1 
ATOM   286  N  N   . GLU A 1 31  ? -2.785  -13.179 4.412   1.00 37.08 ? 29  GLU A N   1 
ATOM   287  C  CA  . GLU A 1 31  ? -4.036  -12.683 4.965   1.00 40.68 ? 29  GLU A CA  1 
ATOM   288  C  C   . GLU A 1 31  ? -4.590  -11.569 4.076   1.00 32.13 ? 29  GLU A C   1 
ATOM   289  O  O   . GLU A 1 31  ? -3.949  -10.534 3.880   1.00 28.65 ? 29  GLU A O   1 
ATOM   290  C  CB  . GLU A 1 31  ? -3.845  -12.184 6.402   1.00 38.60 ? 29  GLU A CB  1 
ATOM   291  C  CG  . GLU A 1 31  ? -3.236  -13.218 7.337   1.00 50.07 ? 29  GLU A CG  1 
ATOM   292  C  CD  . GLU A 1 31  ? -4.006  -13.354 8.635   1.00 61.57 ? 29  GLU A CD  1 
ATOM   293  O  OE1 . GLU A 1 31  ? -4.763  -12.419 8.972   1.00 64.49 ? 29  GLU A OE1 1 
ATOM   294  O  OE2 . GLU A 1 31  ? -3.862  -14.399 9.313   1.00 70.13 ? 29  GLU A OE2 1 
ATOM   295  N  N   . LEU A 1 32  ? -5.792  -11.795 3.560   1.00 28.24 ? 30  LEU A N   1 
ATOM   296  C  CA  . LEU A 1 32  ? -6.479  -10.871 2.664   1.00 26.55 ? 30  LEU A CA  1 
ATOM   297  C  C   . LEU A 1 32  ? -7.371  -9.870  3.394   1.00 28.13 ? 30  LEU A C   1 
ATOM   298  O  O   . LEU A 1 32  ? -7.971  -10.191 4.433   1.00 29.59 ? 30  LEU A O   1 
ATOM   299  C  CB  . LEU A 1 32  ? -7.344  -11.650 1.666   1.00 24.61 ? 30  LEU A CB  1 
ATOM   300  C  CG  . LEU A 1 32  ? -6.734  -12.336 0.436   1.00 37.95 ? 30  LEU A CG  1 
ATOM   301  C  CD1 . LEU A 1 32  ? -5.721  -13.379 0.810   1.00 42.03 ? 30  LEU A CD1 1 
ATOM   302  C  CD2 . LEU A 1 32  ? -7.811  -12.962 -0.449  1.00 37.22 ? 30  LEU A CD2 1 
ATOM   303  N  N   . PRO A 1 33  ? -7.492  -8.652  2.839   1.00 26.29 ? 31  PRO A N   1 
ATOM   304  C  CA  . PRO A 1 33  ? -8.535  -7.761  3.354   1.00 24.65 ? 31  PRO A CA  1 
ATOM   305  C  C   . PRO A 1 33  ? -9.907  -8.402  3.133   1.00 26.28 ? 31  PRO A C   1 
ATOM   306  O  O   . PRO A 1 33  ? -10.083 -9.140  2.167   1.00 26.11 ? 31  PRO A O   1 
ATOM   307  C  CB  . PRO A 1 33  ? -8.363  -6.474  2.535   1.00 28.22 ? 31  PRO A CB  1 
ATOM   308  C  CG  . PRO A 1 33  ? -7.519  -6.845  1.360   1.00 27.38 ? 31  PRO A CG  1 
ATOM   309  C  CD  . PRO A 1 33  ? -6.671  -8.020  1.793   1.00 22.58 ? 31  PRO A CD  1 
ATOM   310  N  N   . GLN A 1 34  ? -10.848 -8.145  4.033   1.00 25.65 ? 32  GLN A N   1 
ATOM   311  C  CA  . GLN A 1 34  ? -12.178 -8.731  3.925   1.00 27.04 ? 32  GLN A CA  1 
ATOM   312  C  C   . GLN A 1 34  ? -13.205 -7.655  3.625   1.00 25.76 ? 32  GLN A C   1 
ATOM   313  O  O   . GLN A 1 34  ? -13.347 -6.696  4.388   1.00 25.72 ? 32  GLN A O   1 
ATOM   314  C  CB  . GLN A 1 34  ? -12.554 -9.471  5.212   1.00 25.09 ? 32  GLN A CB  1 
ATOM   315  C  CG  . GLN A 1 34  ? -11.566 -10.549 5.614   1.00 25.37 ? 32  GLN A CG  1 
ATOM   316  C  CD  . GLN A 1 34  ? -11.848 -11.085 7.012   1.00 25.83 ? 32  GLN A CD  1 
ATOM   317  O  OE1 . GLN A 1 34  ? -12.457 -10.403 7.836   1.00 27.26 ? 32  GLN A OE1 1 
ATOM   318  N  NE2 . GLN A 1 34  ? -11.400 -12.301 7.281   1.00 24.09 ? 32  GLN A NE2 1 
ATOM   319  N  N   . ILE A 1 35  ? -13.912 -7.802  2.508   1.00 24.36 ? 33  ILE A N   1 
ATOM   320  C  CA  . ILE A 1 35  ? -14.994 -6.884  2.204   1.00 24.56 ? 33  ILE A CA  1 
ATOM   321  C  C   . ILE A 1 35  ? -16.104 -7.096  3.226   1.00 25.21 ? 33  ILE A C   1 
ATOM   322  O  O   . ILE A 1 35  ? -16.530 -8.223  3.445   1.00 28.07 ? 33  ILE A O   1 
ATOM   323  C  CB  . ILE A 1 35  ? -15.533 -7.083  0.793   1.00 25.24 ? 33  ILE A CB  1 
ATOM   324  C  CG1 . ILE A 1 35  ? -14.504 -6.571  -0.224  1.00 27.06 ? 33  ILE A CG1 1 
ATOM   325  C  CG2 . ILE A 1 35  ? -16.849 -6.337  0.634   1.00 31.50 ? 33  ILE A CG2 1 
ATOM   326  C  CD1 . ILE A 1 35  ? -14.902 -6.790  -1.653  1.00 35.17 ? 33  ILE A CD1 1 
ATOM   327  N  N   . VAL A 1 36  ? -16.545 -6.022  3.873   1.00 30.26 ? 34  VAL A N   1 
ATOM   328  C  CA  . VAL A 1 36  ? -17.551 -6.169  4.927   1.00 32.36 ? 34  VAL A CA  1 
ATOM   329  C  C   . VAL A 1 36  ? -18.748 -5.265  4.733   1.00 35.91 ? 34  VAL A C   1 
ATOM   330  O  O   . VAL A 1 36  ? -18.637 -4.192  4.152   1.00 32.10 ? 34  VAL A O   1 
ATOM   331  C  CB  . VAL A 1 36  ? -16.961 -5.882  6.335   1.00 34.70 ? 34  VAL A CB  1 
ATOM   332  C  CG1 . VAL A 1 36  ? -16.046 -7.016  6.778   1.00 37.61 ? 34  VAL A CG1 1 
ATOM   333  C  CG2 . VAL A 1 36  ? -16.248 -4.532  6.367   1.00 29.35 ? 34  VAL A CG2 1 
ATOM   334  N  N   . PRO A 1 37  ? -19.916 -5.714  5.220   1.00 37.48 ? 35  PRO A N   1 
ATOM   335  C  CA  . PRO A 1 37  ? -21.070 -4.822  5.357   1.00 32.51 ? 35  PRO A CA  1 
ATOM   336  C  C   . PRO A 1 37  ? -20.725 -3.642  6.270   1.00 38.16 ? 35  PRO A C   1 
ATOM   337  O  O   . PRO A 1 37  ? -19.958 -3.804  7.233   1.00 35.65 ? 35  PRO A O   1 
ATOM   338  C  CB  . PRO A 1 37  ? -22.141 -5.721  6.000   1.00 36.82 ? 35  PRO A CB  1 
ATOM   339  C  CG  . PRO A 1 37  ? -21.719 -7.112  5.699   1.00 29.10 ? 35  PRO A CG  1 
ATOM   340  C  CD  . PRO A 1 37  ? -20.217 -7.087  5.667   1.00 30.27 ? 35  PRO A CD  1 
ATOM   341  N  N   . ASN A 1 38  ? -21.280 -2.473  5.975   1.00 32.90 ? 36  ASN A N   1 
ATOM   342  C  CA  . ASN A 1 38  ? -21.011 -1.291  6.786   1.00 43.14 ? 36  ASN A CA  1 
ATOM   343  C  C   . ASN A 1 38  ? -22.198 -0.331  6.804   1.00 43.32 ? 36  ASN A C   1 
ATOM   344  O  O   . ASN A 1 38  ? -23.094 -0.441  5.972   1.00 43.08 ? 36  ASN A O   1 
ATOM   345  C  CB  . ASN A 1 38  ? -19.751 -0.574  6.278   1.00 41.43 ? 36  ASN A CB  1 
ATOM   346  C  CG  . ASN A 1 38  ? -19.839 -0.210  4.811   1.00 43.07 ? 36  ASN A CG  1 
ATOM   347  O  OD1 . ASN A 1 38  ? -20.272 0.884   4.455   1.00 45.96 ? 36  ASN A OD1 1 
ATOM   348  N  ND2 . ASN A 1 38  ? -19.425 -1.130  3.948   1.00 36.97 ? 36  ASN A ND2 1 
ATOM   349  N  N   . ALA A 1 39  ? -22.190 0.609   7.748   1.00 41.37 ? 37  ALA A N   1 
ATOM   350  C  CA  . ALA A 1 39  ? -23.316 1.523   7.960   1.00 52.29 ? 37  ALA A CA  1 
ATOM   351  C  C   . ALA A 1 39  ? -23.480 2.541   6.831   1.00 58.78 ? 37  ALA A C   1 
ATOM   352  O  O   . ALA A 1 39  ? -24.504 3.210   6.730   1.00 59.00 ? 37  ALA A O   1 
ATOM   353  C  CB  . ALA A 1 39  ? -23.156 2.249   9.290   1.00 54.98 ? 37  ALA A CB  1 
ATOM   354  N  N   . TRP A 1 40  ? -22.463 2.664   5.991   1.00 54.80 ? 38  TRP A N   1 
ATOM   355  C  CA  . TRP A 1 40  ? -22.497 3.616   4.888   1.00 60.33 ? 38  TRP A CA  1 
ATOM   356  C  C   . TRP A 1 40  ? -22.891 2.879   3.617   1.00 58.06 ? 38  TRP A C   1 
ATOM   357  O  O   . TRP A 1 40  ? -23.227 1.691   3.646   1.00 69.07 ? 38  TRP A O   1 
ATOM   358  C  CB  . TRP A 1 40  ? -21.138 4.313   4.751   1.00 50.25 ? 38  TRP A CB  1 
ATOM   359  C  CG  . TRP A 1 40  ? -20.416 4.342   6.076   1.00 57.59 ? 38  TRP A CG  1 
ATOM   360  C  CD1 . TRP A 1 40  ? -19.310 3.615   6.426   1.00 62.69 ? 38  TRP A CD1 1 
ATOM   361  C  CD2 . TRP A 1 40  ? -20.800 5.076   7.251   1.00 65.51 ? 38  TRP A CD2 1 
ATOM   362  N  NE1 . TRP A 1 40  ? -18.968 3.873   7.736   1.00 63.42 ? 38  TRP A NE1 1 
ATOM   363  C  CE2 . TRP A 1 40  ? -19.866 4.765   8.264   1.00 63.41 ? 38  TRP A CE2 1 
ATOM   364  C  CE3 . TRP A 1 40  ? -21.837 5.973   7.541   1.00 68.00 ? 38  TRP A CE3 1 
ATOM   365  C  CZ2 . TRP A 1 40  ? -19.936 5.320   9.545   1.00 59.53 ? 38  TRP A CZ2 1 
ATOM   366  C  CZ3 . TRP A 1 40  ? -21.902 6.525   8.815   1.00 74.09 ? 38  TRP A CZ3 1 
ATOM   367  C  CH2 . TRP A 1 40  ? -20.957 6.197   9.800   1.00 67.88 ? 38  TRP A CH2 1 
ATOM   368  N  N   . ASN A 1 41  ? -22.882 3.587   2.502   1.00 56.78 ? 39  ASN A N   1 
ATOM   369  C  CA  . ASN A 1 41  ? -23.216 2.960   1.241   1.00 62.37 ? 39  ASN A CA  1 
ATOM   370  C  C   . ASN A 1 41  ? -21.942 2.969   0.408   1.00 66.53 ? 39  ASN A C   1 
ATOM   371  O  O   . ASN A 1 41  ? -21.838 3.687   -0.589  1.00 59.71 ? 39  ASN A O   1 
ATOM   372  C  CB  . ASN A 1 41  ? -24.368 3.704   0.555   1.00 66.39 ? 39  ASN A CB  1 
ATOM   373  C  CG  . ASN A 1 41  ? -24.726 3.126   -0.803  1.00 76.35 ? 39  ASN A CG  1 
ATOM   374  O  OD1 . ASN A 1 41  ? -24.164 2.117   -1.236  1.00 81.91 ? 39  ASN A OD1 1 
ATOM   375  N  ND2 . ASN A 1 41  ? -25.668 3.774   -1.489  1.00 72.90 ? 39  ASN A ND2 1 
ATOM   376  N  N   . GLU A 1 42  ? -20.960 2.183   0.842   1.00 57.07 ? 40  GLU A N   1 
ATOM   377  C  CA  . GLU A 1 42  ? -19.639 2.225   0.224   1.00 47.53 ? 40  GLU A CA  1 
ATOM   378  C  C   . GLU A 1 42  ? -18.898 0.899   0.347   1.00 43.21 ? 40  GLU A C   1 
ATOM   379  O  O   . GLU A 1 42  ? -19.294 0.016   1.108   1.00 37.09 ? 40  GLU A O   1 
ATOM   380  C  CB  . GLU A 1 42  ? -18.802 3.345   0.848   1.00 42.58 ? 40  GLU A CB  1 
ATOM   381  C  CG  . GLU A 1 42  ? -18.561 3.185   2.349   1.00 46.48 ? 40  GLU A CG  1 
ATOM   382  C  CD  . GLU A 1 42  ? -17.910 4.412   2.982   1.00 41.79 ? 40  GLU A CD  1 
ATOM   383  O  OE1 . GLU A 1 42  ? -18.146 5.531   2.482   1.00 49.70 ? 40  GLU A OE1 1 
ATOM   384  O  OE2 . GLU A 1 42  ? -17.169 4.257   3.980   1.00 41.46 ? 40  GLU A OE2 1 
ATOM   385  N  N   . VAL A 1 43  ? -17.812 0.764   -0.406  1.00 34.18 ? 41  VAL A N   1 
ATOM   386  C  CA  . VAL A 1 43  ? -16.983 -0.418  -0.279  1.00 32.58 ? 41  VAL A CA  1 
ATOM   387  C  C   . VAL A 1 43  ? -16.038 -0.224  0.897   1.00 31.86 ? 41  VAL A C   1 
ATOM   388  O  O   . VAL A 1 43  ? -15.292 0.755   0.950   1.00 29.92 ? 41  VAL A O   1 
ATOM   389  C  CB  . VAL A 1 43  ? -16.197 -0.694  -1.555  1.00 29.19 ? 41  VAL A CB  1 
ATOM   390  C  CG1 . VAL A 1 43  ? -15.279 -1.898  -1.365  1.00 32.14 ? 41  VAL A CG1 1 
ATOM   391  C  CG2 . VAL A 1 43  ? -17.161 -0.924  -2.711  1.00 33.30 ? 41  VAL A CG2 1 
ATOM   392  N  N   . VAL A 1 44  ? -16.101 -1.144  1.854   1.00 30.06 ? 42  VAL A N   1 
ATOM   393  C  CA  . VAL A 1 44  ? -15.242 -1.090  3.027   1.00 29.53 ? 42  VAL A CA  1 
ATOM   394  C  C   . VAL A 1 44  ? -14.564 -2.434  3.245   1.00 32.08 ? 42  VAL A C   1 
ATOM   395  O  O   . VAL A 1 44  ? -15.199 -3.484  3.127   1.00 27.68 ? 42  VAL A O   1 
ATOM   396  C  CB  . VAL A 1 44  ? -16.035 -0.701  4.293   1.00 31.98 ? 42  VAL A CB  1 
ATOM   397  C  CG1 . VAL A 1 44  ? -15.162 -0.835  5.542   1.00 27.04 ? 42  VAL A CG1 1 
ATOM   398  C  CG2 . VAL A 1 44  ? -16.570 0.722   4.160   1.00 35.41 ? 42  VAL A CG2 1 
ATOM   399  N  N   . TRP A 1 45  ? -13.267 -2.402  3.534   1.00 30.86 ? 43  TRP A N   1 
ATOM   400  C  CA  . TRP A 1 45  ? -12.556 -3.611  3.936   1.00 24.61 ? 43  TRP A CA  1 
ATOM   401  C  C   . TRP A 1 45  ? -12.174 -3.580  5.401   1.00 24.99 ? 43  TRP A C   1 
ATOM   402  O  O   . TRP A 1 45  ? -11.810 -2.536  5.939   1.00 26.33 ? 43  TRP A O   1 
ATOM   403  C  CB  . TRP A 1 45  ? -11.278 -3.808  3.136   1.00 24.57 ? 43  TRP A CB  1 
ATOM   404  C  CG  . TRP A 1 45  ? -11.420 -3.992  1.684   1.00 25.80 ? 43  TRP A CG  1 
ATOM   405  C  CD1 . TRP A 1 45  ? -11.499 -5.174  1.010   1.00 24.20 ? 43  TRP A CD1 1 
ATOM   406  C  CD2 . TRP A 1 45  ? -11.426 -2.960  0.694   1.00 23.68 ? 43  TRP A CD2 1 
ATOM   407  N  NE1 . TRP A 1 45  ? -11.584 -4.943  -0.342  1.00 25.20 ? 43  TRP A NE1 1 
ATOM   408  C  CE2 . TRP A 1 45  ? -11.536 -3.592  -0.564  1.00 25.82 ? 43  TRP A CE2 1 
ATOM   409  C  CE3 . TRP A 1 45  ? -11.365 -1.564  0.749   1.00 24.40 ? 43  TRP A CE3 1 
ATOM   410  C  CZ2 . TRP A 1 45  ? -11.580 -2.869  -1.760  1.00 26.17 ? 43  TRP A CZ2 1 
ATOM   411  C  CZ3 . TRP A 1 45  ? -11.402 -0.848  -0.447  1.00 25.25 ? 43  TRP A CZ3 1 
ATOM   412  C  CH2 . TRP A 1 45  ? -11.519 -1.508  -1.677  1.00 23.63 ? 43  TRP A CH2 1 
ATOM   413  N  N   . ARG A 1 46  ? -12.247 -4.751  6.030   1.00 25.62 ? 44  ARG A N   1 
ATOM   414  C  CA  . ARG A 1 46  ? -11.588 -4.998  7.293   1.00 27.04 ? 44  ARG A CA  1 
ATOM   415  C  C   . ARG A 1 46  ? -10.184 -5.494  6.980   1.00 24.30 ? 44  ARG A C   1 
ATOM   416  O  O   . ARG A 1 46  ? -10.008 -6.382  6.142   1.00 24.44 ? 44  ARG A O   1 
ATOM   417  C  CB  . ARG A 1 46  ? -12.364 -6.034  8.123   1.00 25.69 ? 44  ARG A CB  1 
ATOM   418  C  CG  . ARG A 1 46  ? -11.618 -6.500  9.369   1.00 28.16 ? 44  ARG A CG  1 
ATOM   419  C  CD  . ARG A 1 46  ? -12.283 -7.696  10.072  1.00 33.49 ? 44  ARG A CD  1 
ATOM   420  N  NE  . ARG A 1 46  ? -11.407 -8.171  11.144  1.00 37.75 ? 44  ARG A NE  1 
ATOM   421  C  CZ  . ARG A 1 46  ? -10.651 -9.264  11.088  1.00 28.46 ? 44  ARG A CZ  1 
ATOM   422  N  NH1 . ARG A 1 46  ? -10.681 -10.065 10.026  1.00 29.54 ? 44  ARG A NH1 1 
ATOM   423  N  NH2 . ARG A 1 46  ? -9.857  -9.559  12.108  1.00 31.41 ? 44  ARG A NH2 1 
ATOM   424  N  N   . LEU A 1 47  ? -9.182  -4.917  7.630   1.00 24.38 ? 45  LEU A N   1 
ATOM   425  C  CA  . LEU A 1 47  ? -7.805  -5.368  7.424   1.00 25.95 ? 45  LEU A CA  1 
ATOM   426  C  C   . LEU A 1 47  ? -7.250  -5.896  8.740   1.00 26.79 ? 45  LEU A C   1 
ATOM   427  O  O   . LEU A 1 47  ? -7.179  -5.159  9.720   1.00 27.94 ? 45  LEU A O   1 
ATOM   428  C  CB  . LEU A 1 47  ? -6.920  -4.228  6.880   1.00 23.95 ? 45  LEU A CB  1 
ATOM   429  C  CG  . LEU A 1 47  ? -7.162  -3.739  5.450   1.00 24.92 ? 45  LEU A CG  1 
ATOM   430  C  CD1 . LEU A 1 47  ? -8.386  -2.849  5.422   1.00 31.63 ? 45  LEU A CD1 1 
ATOM   431  C  CD2 . LEU A 1 47  ? -5.965  -2.947  4.958   1.00 31.26 ? 45  LEU A CD2 1 
ATOM   432  N  N   . PRO A 1 48  ? -6.877  -7.184  8.772   1.00 30.16 ? 46  PRO A N   1 
ATOM   433  C  CA  . PRO A 1 48  ? -6.224  -7.736  9.963   1.00 35.43 ? 46  PRO A CA  1 
ATOM   434  C  C   . PRO A 1 48  ? -4.891  -7.032  10.178  1.00 34.95 ? 46  PRO A C   1 
ATOM   435  O  O   . PRO A 1 48  ? -4.182  -6.797  9.197   1.00 31.71 ? 46  PRO A O   1 
ATOM   436  C  CB  . PRO A 1 48  ? -6.006  -9.212  9.614   1.00 36.98 ? 46  PRO A CB  1 
ATOM   437  C  CG  . PRO A 1 48  ? -6.851  -9.471  8.380   1.00 33.69 ? 46  PRO A CG  1 
ATOM   438  C  CD  . PRO A 1 48  ? -6.963  -8.161  7.673   1.00 32.81 ? 46  PRO A CD  1 
ATOM   439  N  N   . VAL A 1 49  ? -4.577  -6.688  11.425  1.00 33.64 ? 47  VAL A N   1 
ATOM   440  C  CA  . VAL A 1 49  ? -3.297  -6.069  11.771  1.00 31.21 ? 47  VAL A CA  1 
ATOM   441  C  C   . VAL A 1 49  ? -2.667  -6.861  12.901  1.00 36.53 ? 47  VAL A C   1 
ATOM   442  O  O   . VAL A 1 49  ? -3.226  -6.897  13.997  1.00 34.33 ? 47  VAL A O   1 
ATOM   443  C  CB  . VAL A 1 49  ? -3.457  -4.617  12.227  1.00 27.72 ? 47  VAL A CB  1 
ATOM   444  C  CG1 . VAL A 1 49  ? -2.094  -3.972  12.358  1.00 32.42 ? 47  VAL A CG1 1 
ATOM   445  C  CG2 . VAL A 1 49  ? -4.337  -3.838  11.267  1.00 30.35 ? 47  VAL A CG2 1 
ATOM   446  N  N   . PRO A 1 50  ? -1.514  -7.504  12.644  1.00 37.13 ? 48  PRO A N   1 
ATOM   447  C  CA  . PRO A 1 50  ? -0.877  -8.369  13.650  1.00 34.06 ? 48  PRO A CA  1 
ATOM   448  C  C   . PRO A 1 50  ? -0.698  -7.688  14.997  1.00 34.72 ? 48  PRO A C   1 
ATOM   449  O  O   . PRO A 1 50  ? -0.139  -6.590  15.041  1.00 38.75 ? 48  PRO A O   1 
ATOM   450  C  CB  . PRO A 1 50  ? 0.485   -8.688  13.032  1.00 35.79 ? 48  PRO A CB  1 
ATOM   451  C  CG  . PRO A 1 50  ? 0.263   -8.563  11.556  1.00 36.36 ? 48  PRO A CG  1 
ATOM   452  C  CD  . PRO A 1 50  ? -0.748  -7.461  11.384  1.00 31.02 ? 48  PRO A CD  1 
ATOM   453  N  N   . ASN A 1 51  ? -1.195  -8.326  16.061  1.00 39.79 ? 49  ASN A N   1 
ATOM   454  C  CA  . ASN A 1 51  ? -1.040  -7.842  17.437  1.00 34.55 ? 49  ASN A CA  1 
ATOM   455  C  C   . ASN A 1 51  ? -1.617  -6.449  17.645  1.00 34.40 ? 49  ASN A C   1 
ATOM   456  O  O   . ASN A 1 51  ? -1.082  -5.644  18.407  1.00 36.13 ? 49  ASN A O   1 
ATOM   457  C  CB  . ASN A 1 51  ? 0.439   -7.855  17.842  1.00 42.80 ? 49  ASN A CB  1 
ATOM   458  C  CG  . ASN A 1 51  ? 1.112   -9.181  17.538  1.00 50.57 ? 49  ASN A CG  1 
ATOM   459  O  OD1 . ASN A 1 51  ? 2.140   -9.231  16.859  1.00 57.85 ? 49  ASN A OD1 1 
ATOM   460  N  ND2 . ASN A 1 51  ? 0.523   -10.267 18.023  1.00 45.05 ? 49  ASN A ND2 1 
ATOM   461  N  N   . HIS A 1 52  ? -2.733  -6.178  16.982  1.00 32.17 ? 50  HIS A N   1 
ATOM   462  C  CA  . HIS A 1 52  ? -3.276  -4.831  16.930  1.00 33.19 ? 50  HIS A CA  1 
ATOM   463  C  C   . HIS A 1 52  ? -4.763  -4.929  16.618  1.00 29.71 ? 50  HIS A C   1 
ATOM   464  O  O   . HIS A 1 52  ? -5.200  -5.903  16.009  1.00 32.03 ? 50  HIS A O   1 
ATOM   465  C  CB  . HIS A 1 52  ? -2.517  -4.016  15.862  1.00 32.39 ? 50  HIS A CB  1 
ATOM   466  C  CG  . HIS A 1 52  ? -2.868  -2.560  15.815  1.00 30.56 ? 50  HIS A CG  1 
ATOM   467  N  ND1 . HIS A 1 52  ? -3.995  -2.083  15.179  1.00 33.70 ? 50  HIS A ND1 1 
ATOM   468  C  CD2 . HIS A 1 52  ? -2.211  -1.469  16.282  1.00 37.11 ? 50  HIS A CD2 1 
ATOM   469  C  CE1 . HIS A 1 52  ? -4.036  -0.765  15.289  1.00 31.83 ? 50  HIS A CE1 1 
ATOM   470  N  NE2 . HIS A 1 52  ? -2.963  -0.368  15.950  1.00 34.22 ? 50  HIS A NE2 1 
ATOM   471  N  N   . PRO A 1 53  ? -5.548  -3.934  17.052  1.00 28.82 ? 51  PRO A N   1 
ATOM   472  C  CA  . PRO A 1 53  ? -6.945  -3.863  16.618  1.00 35.10 ? 51  PRO A CA  1 
ATOM   473  C  C   . PRO A 1 53  ? -7.069  -3.795  15.094  1.00 37.95 ? 51  PRO A C   1 
ATOM   474  O  O   . PRO A 1 53  ? -6.203  -3.213  14.430  1.00 31.88 ? 51  PRO A O   1 
ATOM   475  C  CB  . PRO A 1 53  ? -7.444  -2.570  17.264  1.00 36.22 ? 51  PRO A CB  1 
ATOM   476  C  CG  . PRO A 1 53  ? -6.580  -2.395  18.468  1.00 34.78 ? 51  PRO A CG  1 
ATOM   477  C  CD  . PRO A 1 53  ? -5.229  -2.908  18.062  1.00 28.94 ? 51  PRO A CD  1 
ATOM   478  N  N   . ASP A 1 54  ? -8.133  -4.387  14.557  1.00 38.31 ? 52  ASP A N   1 
ATOM   479  C  CA  . ASP A 1 54  ? -8.425  -4.327  13.128  1.00 32.86 ? 52  ASP A CA  1 
ATOM   480  C  C   . ASP A 1 54  ? -8.342  -2.912  12.592  1.00 32.10 ? 52  ASP A C   1 
ATOM   481  O  O   . ASP A 1 54  ? -8.676  -1.962  13.298  1.00 32.47 ? 52  ASP A O   1 
ATOM   482  C  CB  . ASP A 1 54  ? -9.830  -4.863  12.831  1.00 35.99 ? 52  ASP A CB  1 
ATOM   483  C  CG  . ASP A 1 54  ? -10.007 -6.305  13.234  1.00 34.19 ? 52  ASP A CG  1 
ATOM   484  O  OD1 . ASP A 1 54  ? -8.990  -7.016  13.373  1.00 33.83 ? 52  ASP A OD1 1 
ATOM   485  O  OD2 . ASP A 1 54  ? -11.173 -6.732  13.371  1.00 36.15 ? 52  ASP A OD2 1 
ATOM   486  N  N   . ALA A 1 55  ? -7.917  -2.778  11.341  1.00 31.24 ? 53  ALA A N   1 
ATOM   487  C  CA  . ALA A 1 55  ? -8.032  -1.512  10.630  1.00 31.57 ? 53  ALA A CA  1 
ATOM   488  C  C   . ALA A 1 55  ? -9.147  -1.627  9.598   1.00 32.33 ? 53  ALA A C   1 
ATOM   489  O  O   . ALA A 1 55  ? -9.503  -2.736  9.177   1.00 27.44 ? 53  ALA A O   1 
ATOM   490  C  CB  . ALA A 1 55  ? -6.706  -1.132  9.964   1.00 28.31 ? 53  ALA A CB  1 
ATOM   491  N  N   . PHE A 1 56  ? -9.712  -0.486  9.212   1.00 27.87 ? 54  PHE A N   1 
ATOM   492  C  CA  . PHE A 1 56  ? -10.734 -0.444  8.175   1.00 28.73 ? 54  PHE A CA  1 
ATOM   493  C  C   . PHE A 1 56  ? -10.398 0.624   7.140   1.00 29.69 ? 54  PHE A C   1 
ATOM   494  O  O   . PHE A 1 56  ? -9.960  1.722   7.490   1.00 27.63 ? 54  PHE A O   1 
ATOM   495  C  CB  . PHE A 1 56  ? -12.112 -0.176  8.779   1.00 31.12 ? 54  PHE A CB  1 
ATOM   496  C  CG  . PHE A 1 56  ? -12.618 -1.303  9.629   1.00 26.77 ? 54  PHE A CG  1 
ATOM   497  C  CD1 . PHE A 1 56  ? -12.226 -1.415  10.954  1.00 29.21 ? 54  PHE A CD1 1 
ATOM   498  C  CD2 . PHE A 1 56  ? -13.466 -2.264  9.100   1.00 28.50 ? 54  PHE A CD2 1 
ATOM   499  C  CE1 . PHE A 1 56  ? -12.680 -2.472  11.742  1.00 32.49 ? 54  PHE A CE1 1 
ATOM   500  C  CE2 . PHE A 1 56  ? -13.932 -3.324  9.890   1.00 36.45 ? 54  PHE A CE2 1 
ATOM   501  C  CZ  . PHE A 1 56  ? -13.536 -3.425  11.209  1.00 30.82 ? 54  PHE A CZ  1 
ATOM   502  N  N   . MET A 1 57  ? -10.597 0.294   5.866   1.00 26.38 ? 55  MET A N   1 
ATOM   503  C  CA  . MET A 1 57  ? -10.368 1.239   4.790   1.00 25.99 ? 55  MET A CA  1 
ATOM   504  C  C   . MET A 1 57  ? -11.541 1.224   3.828   1.00 29.70 ? 55  MET A C   1 
ATOM   505  O  O   . MET A 1 57  ? -12.332 0.278   3.826   1.00 24.78 ? 55  MET A O   1 
ATOM   506  C  CB  . MET A 1 57  ? -9.056  0.926   4.056   1.00 24.06 ? 55  MET A CB  1 
ATOM   507  C  CG  . MET A 1 57  ? -7.834  0.948   4.968   1.00 21.88 ? 55  MET A CG  1 
ATOM   508  S  SD  . MET A 1 57  ? -6.289  0.874   4.040   1.00 25.73 ? 55  MET A SD  1 
ATOM   509  C  CE  . MET A 1 57  ? -6.114  2.610   3.642   1.00 24.66 ? 55  MET A CE  1 
ATOM   510  N  N   . THR A 1 58  ? -11.646 2.272   3.013   1.00 26.02 ? 56  THR A N   1 
ATOM   511  C  CA  . THR A 1 58  ? -12.776 2.419   2.111   1.00 25.04 ? 56  THR A CA  1 
ATOM   512  C  C   . THR A 1 58  ? -12.363 2.997   0.760   1.00 28.47 ? 56  THR A C   1 
ATOM   513  O  O   . THR A 1 58  ? -11.385 3.731   0.663   1.00 28.42 ? 56  THR A O   1 
ATOM   514  C  CB  . THR A 1 58  ? -13.867 3.326   2.716   1.00 26.06 ? 56  THR A CB  1 
ATOM   515  O  OG1 . THR A 1 58  ? -14.955 3.433   1.793   1.00 26.27 ? 56  THR A OG1 1 
ATOM   516  C  CG2 . THR A 1 58  ? -13.311 4.723   3.002   1.00 27.42 ? 56  THR A CG2 1 
ATOM   517  N  N   . ALA A 1 59  ? -13.120 2.665   -0.279  1.00 28.89 ? 57  ALA A N   1 
ATOM   518  C  CA  . ALA A 1 59  ? -12.887 3.233   -1.605  1.00 27.34 ? 57  ALA A CA  1 
ATOM   519  C  C   . ALA A 1 59  ? -13.871 4.366   -1.903  1.00 28.73 ? 57  ALA A C   1 
ATOM   520  O  O   . ALA A 1 59  ? -14.144 4.670   -3.066  1.00 29.74 ? 57  ALA A O   1 
ATOM   521  C  CB  . ALA A 1 59  ? -12.996 2.147   -2.671  1.00 29.19 ? 57  ALA A CB  1 
ATOM   522  N  N   . SER A 1 60  ? -14.402 4.989   -0.853  1.00 31.79 ? 58  SER A N   1 
ATOM   523  C  CA  . SER A 1 60  ? -15.455 5.984   -1.016  1.00 34.35 ? 58  SER A CA  1 
ATOM   524  C  C   . SER A 1 60  ? -14.984 7.191   -1.818  1.00 35.92 ? 58  SER A C   1 
ATOM   525  O  O   . SER A 1 60  ? -15.784 7.852   -2.477  1.00 38.90 ? 58  SER A O   1 
ATOM   526  C  CB  . SER A 1 60  ? -15.980 6.435   0.350   1.00 34.01 ? 58  SER A CB  1 
ATOM   527  O  OG  . SER A 1 60  ? -15.004 7.173   1.054   1.00 37.03 ? 58  SER A OG  1 
ATOM   528  N  N   . ASN A 1 61  ? -13.688 7.470   -1.770  1.00 33.68 ? 59  ASN A N   1 
ATOM   529  C  CA  . ASN A 1 61  ? -13.148 8.636   -2.449  1.00 35.80 ? 59  ASN A CA  1 
ATOM   530  C  C   . ASN A 1 61  ? -12.725 8.324   -3.886  1.00 39.80 ? 59  ASN A C   1 
ATOM   531  O  O   . ASN A 1 61  ? -12.303 9.210   -4.620  1.00 39.15 ? 59  ASN A O   1 
ATOM   532  C  CB  . ASN A 1 61  ? -11.964 9.216   -1.664  1.00 41.57 ? 59  ASN A CB  1 
ATOM   533  C  CG  . ASN A 1 61  ? -12.380 9.830   -0.311  1.00 48.85 ? 59  ASN A CG  1 
ATOM   534  O  OD1 . ASN A 1 61  ? -11.534 10.314  0.444   1.00 52.41 ? 59  ASN A OD1 1 
ATOM   535  N  ND2 . ASN A 1 61  ? -13.675 9.802   -0.005  1.00 44.69 ? 59  ASN A ND2 1 
ATOM   536  N  N   . ALA A 1 62  ? -12.862 7.068   -4.296  1.00 31.77 ? 60  ALA A N   1 
ATOM   537  C  CA  . ALA A 1 62  ? -12.469 6.656   -5.643  1.00 33.61 ? 60  ALA A CA  1 
ATOM   538  C  C   . ALA A 1 62  ? -13.468 7.067   -6.734  1.00 35.08 ? 60  ALA A C   1 
ATOM   539  O  O   . ALA A 1 62  ? -14.675 7.154   -6.494  1.00 32.10 ? 60  ALA A O   1 
ATOM   540  C  CB  . ALA A 1 62  ? -12.267 5.145   -5.682  1.00 27.81 ? 60  ALA A CB  1 
ATOM   541  N  N   . ALA A 1 63  ? -12.952 7.303   -7.942  1.00 33.66 ? 61  ALA A N   1 
ATOM   542  C  CA  . ALA A 1 63  ? -13.797 7.487   -9.116  1.00 29.25 ? 61  ALA A CA  1 
ATOM   543  C  C   . ALA A 1 63  ? -14.257 6.131   -9.642  1.00 33.78 ? 61  ALA A C   1 
ATOM   544  O  O   . ALA A 1 63  ? -13.588 5.115   -9.437  1.00 30.90 ? 61  ALA A O   1 
ATOM   545  C  CB  . ALA A 1 63  ? -13.047 8.261   -10.211 1.00 30.09 ? 61  ALA A CB  1 
ATOM   546  N  N   . GLN A 1 64  ? -15.399 6.117   -10.323 1.00 35.56 ? 62  GLN A N   1 
ATOM   547  C  CA  . GLN A 1 64  ? -15.895 4.907   -10.976 1.00 32.13 ? 62  GLN A CA  1 
ATOM   548  C  C   . GLN A 1 64  ? -14.877 4.332   -11.964 1.00 34.77 ? 62  GLN A C   1 
ATOM   549  O  O   . GLN A 1 64  ? -14.860 3.121   -12.235 1.00 32.46 ? 62  GLN A O   1 
ATOM   550  C  CB  . GLN A 1 64  ? -17.213 5.204   -11.698 1.00 33.90 ? 62  GLN A CB  1 
ATOM   551  C  CG  . GLN A 1 64  ? -18.391 5.460   -10.762 1.00 29.85 ? 62  GLN A CG  1 
ATOM   552  C  CD  . GLN A 1 64  ? -18.902 4.187   -10.144 1.00 37.38 ? 62  GLN A CD  1 
ATOM   553  O  OE1 . GLN A 1 64  ? -18.445 3.774   -9.080  1.00 33.99 ? 62  GLN A OE1 1 
ATOM   554  N  NE2 . GLN A 1 64  ? -19.851 3.546   -10.813 1.00 39.16 ? 62  GLN A NE2 1 
ATOM   555  N  N   . SER A 1 65  ? -14.032 5.215   -12.498 1.00 33.04 ? 63  SER A N   1 
ATOM   556  C  CA  . SER A 1 65  ? -13.056 4.853   -13.508 1.00 25.19 ? 63  SER A CA  1 
ATOM   557  C  C   . SER A 1 65  ? -11.752 4.321   -12.910 1.00 30.84 ? 63  SER A C   1 
ATOM   558  O  O   . SER A 1 65  ? -10.906 3.783   -13.632 1.00 28.20 ? 63  SER A O   1 
ATOM   559  C  CB  . SER A 1 65  ? -12.763 6.066   -14.398 1.00 25.99 ? 63  SER A CB  1 
ATOM   560  O  OG  . SER A 1 65  ? -12.209 7.124   -13.630 1.00 27.54 ? 63  SER A OG  1 
ATOM   561  N  N   . ASP A 1 66  ? -11.577 4.478   -11.600 1.00 30.27 ? 64  ASP A N   1 
ATOM   562  C  CA  . ASP A 1 66  ? -10.372 3.987   -10.934 1.00 24.46 ? 64  ASP A CA  1 
ATOM   563  C  C   . ASP A 1 66  ? -10.389 2.464   -10.866 1.00 26.99 ? 64  ASP A C   1 
ATOM   564  O  O   . ASP A 1 66  ? -11.426 1.835   -11.063 1.00 28.15 ? 64  ASP A O   1 
ATOM   565  C  CB  . ASP A 1 66  ? -10.254 4.539   -9.517  1.00 29.85 ? 64  ASP A CB  1 
ATOM   566  C  CG  . ASP A 1 66  ? -9.939  6.011   -9.481  1.00 29.54 ? 64  ASP A CG  1 
ATOM   567  O  OD1 . ASP A 1 66  ? -9.297  6.515   -10.430 1.00 32.50 ? 64  ASP A OD1 1 
ATOM   568  O  OD2 . ASP A 1 66  ? -10.326 6.658   -8.484  1.00 30.79 ? 64  ASP A OD2 1 
ATOM   569  N  N   . PHE A 1 67  ? -9.234  1.881   -10.576 1.00 22.57 ? 65  PHE A N   1 
ATOM   570  C  CA  . PHE A 1 67  ? -9.115  0.439   -10.417 1.00 24.66 ? 65  PHE A CA  1 
ATOM   571  C  C   . PHE A 1 67  ? -8.522  0.116   -9.061  1.00 29.08 ? 65  PHE A C   1 
ATOM   572  O  O   . PHE A 1 67  ? -7.671  0.847   -8.559  1.00 25.92 ? 65  PHE A O   1 
ATOM   573  C  CB  . PHE A 1 67  ? -8.242  -0.159  -11.522 1.00 23.73 ? 65  PHE A CB  1 
ATOM   574  C  CG  . PHE A 1 67  ? -8.961  -0.365  -12.815 1.00 28.03 ? 65  PHE A CG  1 
ATOM   575  C  CD1 . PHE A 1 67  ? -9.301  0.713   -13.615 1.00 32.42 ? 65  PHE A CD1 1 
ATOM   576  C  CD2 . PHE A 1 67  ? -9.306  -1.638  -13.228 1.00 28.12 ? 65  PHE A CD2 1 
ATOM   577  C  CE1 . PHE A 1 67  ? -9.976  0.517   -14.797 1.00 32.22 ? 65  PHE A CE1 1 
ATOM   578  C  CE2 . PHE A 1 67  ? -9.976  -1.842  -14.413 1.00 27.90 ? 65  PHE A CE2 1 
ATOM   579  C  CZ  . PHE A 1 67  ? -10.319 -0.766  -15.194 1.00 29.98 ? 65  PHE A CZ  1 
ATOM   580  N  N   . ILE A 1 68  ? -8.977  -0.975  -8.458  1.00 27.90 ? 66  ILE A N   1 
ATOM   581  C  CA  . ILE A 1 68  ? -8.385  -1.426  -7.211  1.00 24.13 ? 66  ILE A CA  1 
ATOM   582  C  C   . ILE A 1 68  ? -7.362  -2.520  -7.481  1.00 22.60 ? 66  ILE A C   1 
ATOM   583  O  O   . ILE A 1 68  ? -7.601  -3.442  -8.263  1.00 27.00 ? 66  ILE A O   1 
ATOM   584  C  CB  . ILE A 1 68  ? -9.461  -1.925  -6.235  1.00 26.38 ? 66  ILE A CB  1 
ATOM   585  C  CG1 . ILE A 1 68  ? -10.235 -0.720  -5.673  1.00 25.09 ? 66  ILE A CG1 1 
ATOM   586  C  CG2 . ILE A 1 68  ? -8.820  -2.720  -5.104  1.00 24.47 ? 66  ILE A CG2 1 
ATOM   587  C  CD1 . ILE A 1 68  ? -11.634 -1.058  -5.224  1.00 31.75 ? 66  ILE A CD1 1 
ATOM   588  N  N   . VAL A 1 69  ? -6.210  -2.395  -6.836  1.00 22.86 ? 67  VAL A N   1 
ATOM   589  C  CA  . VAL A 1 69  ? -5.214  -3.446  -6.839  1.00 22.26 ? 67  VAL A CA  1 
ATOM   590  C  C   . VAL A 1 69  ? -4.953  -3.866  -5.391  1.00 25.51 ? 67  VAL A C   1 
ATOM   591  O  O   . VAL A 1 69  ? -4.684  -3.027  -4.523  1.00 21.38 ? 67  VAL A O   1 
ATOM   592  C  CB  . VAL A 1 69  ? -3.895  -2.997  -7.497  1.00 23.85 ? 67  VAL A CB  1 
ATOM   593  C  CG1 . VAL A 1 69  ? -2.915  -4.157  -7.579  1.00 26.60 ? 67  VAL A CG1 1 
ATOM   594  C  CG2 . VAL A 1 69  ? -4.172  -2.406  -8.890  1.00 25.68 ? 67  VAL A CG2 1 
ATOM   595  N  N   . TYR A 1 70  ? -5.065  -5.159  -5.131  1.00 22.96 ? 68  TYR A N   1 
ATOM   596  C  CA  . TYR A 1 70  ? -4.683  -5.698  -3.830  1.00 21.95 ? 68  TYR A CA  1 
ATOM   597  C  C   . TYR A 1 70  ? -3.207  -6.009  -3.887  1.00 24.88 ? 68  TYR A C   1 
ATOM   598  O  O   . TYR A 1 70  ? -2.777  -6.833  -4.697  1.00 21.92 ? 68  TYR A O   1 
ATOM   599  C  CB  . TYR A 1 70  ? -5.481  -6.953  -3.491  1.00 21.05 ? 68  TYR A CB  1 
ATOM   600  C  CG  . TYR A 1 70  ? -6.961  -6.694  -3.392  1.00 23.11 ? 68  TYR A CG  1 
ATOM   601  C  CD1 . TYR A 1 70  ? -7.484  -5.933  -2.353  1.00 23.49 ? 68  TYR A CD1 1 
ATOM   602  C  CD2 . TYR A 1 70  ? -7.832  -7.187  -4.350  1.00 27.55 ? 68  TYR A CD2 1 
ATOM   603  C  CE1 . TYR A 1 70  ? -8.840  -5.678  -2.268  1.00 26.93 ? 68  TYR A CE1 1 
ATOM   604  C  CE2 . TYR A 1 70  ? -9.179  -6.932  -4.282  1.00 27.98 ? 68  TYR A CE2 1 
ATOM   605  C  CZ  . TYR A 1 70  ? -9.677  -6.189  -3.235  1.00 32.27 ? 68  TYR A CZ  1 
ATOM   606  O  OH  . TYR A 1 70  ? -11.021 -5.954  -3.170  1.00 31.32 ? 68  TYR A OH  1 
ATOM   607  N  N   . VAL A 1 71  ? -2.417  -5.350  -3.049  1.00 23.83 ? 69  VAL A N   1 
ATOM   608  C  CA  . VAL A 1 71  ? -0.981  -5.530  -3.174  1.00 24.43 ? 69  VAL A CA  1 
ATOM   609  C  C   . VAL A 1 71  ? -0.384  -6.313  -2.022  1.00 25.20 ? 69  VAL A C   1 
ATOM   610  O  O   . VAL A 1 71  ? -0.843  -6.259  -0.877  1.00 24.02 ? 69  VAL A O   1 
ATOM   611  C  CB  . VAL A 1 71  ? -0.217  -4.171  -3.307  1.00 24.41 ? 69  VAL A CB  1 
ATOM   612  C  CG1 . VAL A 1 71  ? -0.731  -3.383  -4.510  1.00 23.29 ? 69  VAL A CG1 1 
ATOM   613  C  CG2 . VAL A 1 71  ? -0.333  -3.347  -2.044  1.00 22.68 ? 69  VAL A CG2 1 
ATOM   614  N  N   . ASN A 1 72  ? 0.634   -7.081  -2.368  1.00 24.75 ? 70  ASN A N   1 
ATOM   615  C  CA  . ASN A 1 72  ? 1.518   -7.693  -1.409  1.00 24.95 ? 70  ASN A CA  1 
ATOM   616  C  C   . ASN A 1 72  ? 2.316   -6.584  -0.733  1.00 27.75 ? 70  ASN A C   1 
ATOM   617  O  O   . ASN A 1 72  ? 3.137   -5.921  -1.379  1.00 24.74 ? 70  ASN A O   1 
ATOM   618  C  CB  . ASN A 1 72  ? 2.426   -8.691  -2.136  1.00 24.59 ? 70  ASN A CB  1 
ATOM   619  C  CG  . ASN A 1 72  ? 3.406   -9.378  -1.220  1.00 31.11 ? 70  ASN A CG  1 
ATOM   620  O  OD1 . ASN A 1 72  ? 3.989   -8.763  -0.326  1.00 33.38 ? 70  ASN A OD1 1 
ATOM   621  N  ND2 . ASN A 1 72  ? 3.614   -10.669 -1.453  1.00 30.89 ? 70  ASN A ND2 1 
ATOM   622  N  N   . GLY A 1 73  ? 2.072   -6.366  0.555   1.00 24.47 ? 71  GLY A N   1 
ATOM   623  C  CA  . GLY A 1 73  ? 2.747   -5.300  1.289   1.00 25.62 ? 71  GLY A CA  1 
ATOM   624  C  C   . GLY A 1 73  ? 4.258   -5.242  1.115   1.00 28.06 ? 71  GLY A C   1 
ATOM   625  O  O   . GLY A 1 73  ? 4.820   -4.172  0.855   1.00 26.76 ? 71  GLY A O   1 
ATOM   626  N  N   . LEU A 1 74  ? 4.926   -6.385  1.257   1.00 23.06 ? 72  LEU A N   1 
ATOM   627  C  CA  . LEU A 1 74  ? 6.383   -6.428  1.103   1.00 26.04 ? 72  LEU A CA  1 
ATOM   628  C  C   . LEU A 1 74  ? 6.822   -6.061  -0.317  1.00 25.84 ? 72  LEU A C   1 
ATOM   629  O  O   . LEU A 1 74  ? 7.856   -5.423  -0.505  1.00 27.04 ? 72  LEU A O   1 
ATOM   630  C  CB  . LEU A 1 74  ? 6.924   -7.813  1.447   1.00 28.01 ? 72  LEU A CB  1 
ATOM   631  C  CG  . LEU A 1 74  ? 6.842   -8.275  2.905   1.00 34.83 ? 72  LEU A CG  1 
ATOM   632  C  CD1 . LEU A 1 74  ? 7.581   -9.592  3.048   1.00 33.29 ? 72  LEU A CD1 1 
ATOM   633  C  CD2 . LEU A 1 74  ? 7.394   -7.232  3.873   1.00 34.96 ? 72  LEU A CD2 1 
ATOM   634  N  N   . ALA A 1 75  ? 6.053   -6.495  -1.311  1.00 24.39 ? 73  ALA A N   1 
ATOM   635  C  CA  . ALA A 1 75  ? 6.387   -6.164  -2.698  1.00 23.43 ? 73  ALA A CA  1 
ATOM   636  C  C   . ALA A 1 75  ? 6.168   -4.678  -2.962  1.00 24.96 ? 73  ALA A C   1 
ATOM   637  O  O   . ALA A 1 75  ? 6.937   -4.041  -3.693  1.00 26.72 ? 73  ALA A O   1 
ATOM   638  C  CB  . ALA A 1 75  ? 5.570   -6.993  -3.653  1.00 27.72 ? 73  ALA A CB  1 
ATOM   639  N  N   . PHE A 1 76  ? 5.103   -4.141  -2.379  1.00 24.00 ? 74  PHE A N   1 
ATOM   640  C  CA  . PHE A 1 76  ? 4.762   -2.730  -2.526  1.00 23.34 ? 74  PHE A CA  1 
ATOM   641  C  C   . PHE A 1 76  ? 5.859   -1.875  -1.904  1.00 24.61 ? 74  PHE A C   1 
ATOM   642  O  O   . PHE A 1 76  ? 6.319   -0.902  -2.508  1.00 25.32 ? 74  PHE A O   1 
ATOM   643  C  CB  . PHE A 1 76  ? 3.403   -2.456  -1.871  1.00 21.52 ? 74  PHE A CB  1 
ATOM   644  C  CG  . PHE A 1 76  ? 2.945   -1.031  -1.973  1.00 23.09 ? 74  PHE A CG  1 
ATOM   645  C  CD1 . PHE A 1 76  ? 2.184   -0.609  -3.054  1.00 20.86 ? 74  PHE A CD1 1 
ATOM   646  C  CD2 . PHE A 1 76  ? 3.242   -0.121  -0.970  1.00 25.12 ? 74  PHE A CD2 1 
ATOM   647  C  CE1 . PHE A 1 76  ? 1.735   0.697   -3.132  1.00 21.76 ? 74  PHE A CE1 1 
ATOM   648  C  CE2 . PHE A 1 76  ? 2.791   1.183   -1.042  1.00 22.44 ? 74  PHE A CE2 1 
ATOM   649  C  CZ  . PHE A 1 76  ? 2.043   1.593   -2.131  1.00 25.69 ? 74  PHE A CZ  1 
ATOM   650  N  N   . TYR A 1 77  ? 6.264   -2.270  -0.695  1.00 24.62 ? 75  TYR A N   1 
ATOM   651  C  CA  . TYR A 1 77  ? 7.354   -1.642  0.038   1.00 24.68 ? 75  TYR A CA  1 
ATOM   652  C  C   . TYR A 1 77  ? 8.620   -1.618  -0.816  1.00 27.49 ? 75  TYR A C   1 
ATOM   653  O  O   . TYR A 1 77  ? 9.250   -0.574  -0.962  1.00 25.24 ? 75  TYR A O   1 
ATOM   654  C  CB  . TYR A 1 77  ? 7.582   -2.399  1.351   1.00 27.00 ? 75  TYR A CB  1 
ATOM   655  C  CG  . TYR A 1 77  ? 8.660   -1.878  2.286   1.00 26.77 ? 75  TYR A CG  1 
ATOM   656  C  CD1 . TYR A 1 77  ? 9.099   -0.553  2.244   1.00 28.53 ? 75  TYR A CD1 1 
ATOM   657  C  CD2 . TYR A 1 77  ? 9.222   -2.727  3.233   1.00 28.12 ? 75  TYR A CD2 1 
ATOM   658  C  CE1 . TYR A 1 77  ? 10.080  -0.103  3.125   1.00 30.62 ? 75  TYR A CE1 1 
ATOM   659  C  CE2 . TYR A 1 77  ? 10.189  -2.296  4.100   1.00 32.23 ? 75  TYR A CE2 1 
ATOM   660  C  CZ  . TYR A 1 77  ? 10.620  -0.992  4.049   1.00 32.21 ? 75  TYR A CZ  1 
ATOM   661  O  OH  . TYR A 1 77  ? 11.587  -0.595  4.933   1.00 31.51 ? 75  TYR A OH  1 
ATOM   662  N  N   A ARG A 1 78  ? 8.980   -2.769  -1.378  0.52 27.11 ? 76  ARG A N   1 
ATOM   663  N  N   B ARG A 1 78  ? 8.971   -2.773  -1.375  0.48 27.10 ? 76  ARG A N   1 
ATOM   664  C  CA  A ARG A 1 78  ? 10.165  -2.875  -2.234  0.52 26.16 ? 76  ARG A CA  1 
ATOM   665  C  CA  B ARG A 1 78  ? 10.148  -2.920  -2.234  0.48 26.16 ? 76  ARG A CA  1 
ATOM   666  C  C   A ARG A 1 78  ? 10.100  -1.960  -3.454  0.52 26.12 ? 76  ARG A C   1 
ATOM   667  C  C   B ARG A 1 78  ? 10.109  -2.016  -3.472  0.48 26.13 ? 76  ARG A C   1 
ATOM   668  O  O   A ARG A 1 78  ? 11.082  -1.296  -3.800  0.52 26.87 ? 76  ARG A O   1 
ATOM   669  O  O   B ARG A 1 78  ? 11.116  -1.409  -3.842  0.48 26.88 ? 76  ARG A O   1 
ATOM   670  C  CB  A ARG A 1 78  ? 10.361  -4.318  -2.695  0.52 25.56 ? 76  ARG A CB  1 
ATOM   671  C  CB  B ARG A 1 78  ? 10.285  -4.382  -2.659  0.48 25.60 ? 76  ARG A CB  1 
ATOM   672  C  CG  A ARG A 1 78  ? 11.518  -4.500  -3.660  0.52 28.77 ? 76  ARG A CG  1 
ATOM   673  C  CG  B ARG A 1 78  ? 11.485  -4.705  -3.528  0.48 28.60 ? 76  ARG A CG  1 
ATOM   674  C  CD  A ARG A 1 78  ? 11.683  -5.952  -4.077  0.52 26.91 ? 76  ARG A CD  1 
ATOM   675  C  CD  B ARG A 1 78  ? 11.074  -5.630  -4.661  0.48 30.55 ? 76  ARG A CD  1 
ATOM   676  N  NE  A ARG A 1 78  ? 12.831  -6.120  -4.969  0.52 32.17 ? 76  ARG A NE  1 
ATOM   677  N  NE  B ARG A 1 78  ? 11.670  -6.959  -4.593  0.48 33.72 ? 76  ARG A NE  1 
ATOM   678  C  CZ  A ARG A 1 78  ? 12.779  -5.970  -6.290  0.52 35.34 ? 76  ARG A CZ  1 
ATOM   679  C  CZ  B ARG A 1 78  ? 11.120  -8.059  -5.104  0.48 30.22 ? 76  ARG A CZ  1 
ATOM   680  N  NH1 A ARG A 1 78  ? 11.637  -5.651  -6.884  0.52 37.59 ? 76  ARG A NH1 1 
ATOM   681  N  NH1 B ARG A 1 78  ? 9.938   -8.010  -5.708  0.48 29.04 ? 76  ARG A NH1 1 
ATOM   682  N  NH2 A ARG A 1 78  ? 13.871  -6.139  -7.021  0.52 33.32 ? 76  ARG A NH2 1 
ATOM   683  N  NH2 B ARG A 1 78  ? 11.751  -9.217  -5.002  0.48 31.05 ? 76  ARG A NH2 1 
ATOM   684  N  N   . ALA A 1 79  ? 8.948   -1.935  -4.114  1.00 24.59 ? 77  ALA A N   1 
ATOM   685  C  CA  . ALA A 1 79  ? 8.772   -1.096  -5.298  1.00 23.48 ? 77  ALA A CA  1 
ATOM   686  C  C   . ALA A 1 79  ? 8.861   0.388   -4.938  1.00 24.27 ? 77  ALA A C   1 
ATOM   687  O  O   . ALA A 1 79  ? 9.374   1.212   -5.713  1.00 25.14 ? 77  ALA A O   1 
ATOM   688  C  CB  . ALA A 1 79  ? 7.442   -1.407  -5.970  1.00 25.02 ? 77  ALA A CB  1 
ATOM   689  N  N   . TRP A 1 80  ? 8.378   0.726   -3.748  1.00 25.41 ? 78  TRP A N   1 
ATOM   690  C  CA  . TRP A 1 80  ? 8.439   2.101   -3.252  1.00 25.34 ? 78  TRP A CA  1 
ATOM   691  C  C   . TRP A 1 80  ? 9.890   2.500   -2.971  1.00 27.56 ? 78  TRP A C   1 
ATOM   692  O  O   . TRP A 1 80  ? 10.321  3.593   -3.329  1.00 24.65 ? 78  TRP A O   1 
ATOM   693  C  CB  . TRP A 1 80  ? 7.574   2.246   -1.993  1.00 22.14 ? 78  TRP A CB  1 
ATOM   694  C  CG  . TRP A 1 80  ? 7.382   3.644   -1.497  1.00 23.20 ? 78  TRP A CG  1 
ATOM   695  C  CD1 . TRP A 1 80  ? 7.910   4.803   -2.028  1.00 26.43 ? 78  TRP A CD1 1 
ATOM   696  C  CD2 . TRP A 1 80  ? 6.627   4.035   -0.347  1.00 22.66 ? 78  TRP A CD2 1 
ATOM   697  N  NE1 . TRP A 1 80  ? 7.508   5.887   -1.275  1.00 24.17 ? 78  TRP A NE1 1 
ATOM   698  C  CE2 . TRP A 1 80  ? 6.725   5.444   -0.234  1.00 26.40 ? 78  TRP A CE2 1 
ATOM   699  C  CE3 . TRP A 1 80  ? 5.866   3.332   0.609   1.00 25.74 ? 78  TRP A CE3 1 
ATOM   700  C  CZ2 . TRP A 1 80  ? 6.091   6.161   0.777   1.00 29.99 ? 78  TRP A CZ2 1 
ATOM   701  C  CZ3 . TRP A 1 80  ? 5.235   4.043   1.612   1.00 23.37 ? 78  TRP A CZ3 1 
ATOM   702  C  CH2 . TRP A 1 80  ? 5.351   5.448   1.690   1.00 28.69 ? 78  TRP A CH2 1 
ATOM   703  N  N   . LEU A 1 81  ? 10.646  1.602   -2.348  1.00 28.16 ? 79  LEU A N   1 
ATOM   704  C  CA  . LEU A 1 81  ? 12.062  1.845   -2.115  1.00 24.69 ? 79  LEU A CA  1 
ATOM   705  C  C   . LEU A 1 81  ? 12.824  2.046   -3.430  1.00 27.84 ? 79  LEU A C   1 
ATOM   706  O  O   . LEU A 1 81  ? 13.864  2.701   -3.455  1.00 27.83 ? 79  LEU A O   1 
ATOM   707  C  CB  . LEU A 1 81  ? 12.681  0.692   -1.327  1.00 25.84 ? 79  LEU A CB  1 
ATOM   708  C  CG  . LEU A 1 81  ? 12.342  0.652   0.161   1.00 25.77 ? 79  LEU A CG  1 
ATOM   709  C  CD1 . LEU A 1 81  ? 12.720  -0.698  0.747   1.00 29.71 ? 79  LEU A CD1 1 
ATOM   710  C  CD2 . LEU A 1 81  ? 13.035  1.771   0.920   1.00 25.45 ? 79  LEU A CD2 1 
ATOM   711  N  N   . ALA A 1 82  ? 12.300  1.494   -4.521  1.00 28.22 ? 80  ALA A N   1 
ATOM   712  C  CA  . ALA A 1 82  ? 12.965  1.607   -5.820  1.00 33.28 ? 80  ALA A CA  1 
ATOM   713  C  C   . ALA A 1 82  ? 12.853  3.020   -6.414  1.00 30.09 ? 80  ALA A C   1 
ATOM   714  O  O   . ALA A 1 82  ? 13.464  3.330   -7.442  1.00 32.93 ? 80  ALA A O   1 
ATOM   715  C  CB  . ALA A 1 82  ? 12.403  0.572   -6.789  1.00 33.39 ? 80  ALA A CB  1 
ATOM   716  N  N   . LEU A 1 83  ? 12.082  3.881   -5.760  1.00 24.16 ? 81  LEU A N   1 
ATOM   717  C  CA  . LEU A 1 83  ? 12.041  5.280   -6.126  1.00 27.34 ? 81  LEU A CA  1 
ATOM   718  C  C   . LEU A 1 83  ? 13.406  5.915   -5.891  1.00 33.47 ? 81  LEU A C   1 
ATOM   719  O  O   . LEU A 1 83  ? 13.753  6.899   -6.529  1.00 31.36 ? 81  LEU A O   1 
ATOM   720  C  CB  . LEU A 1 83  ? 10.988  6.039   -5.323  1.00 29.48 ? 81  LEU A CB  1 
ATOM   721  C  CG  . LEU A 1 83  ? 9.576   6.220   -5.857  1.00 32.37 ? 81  LEU A CG  1 
ATOM   722  C  CD1 . LEU A 1 83  ? 8.901   7.362   -5.094  1.00 30.54 ? 81  LEU A CD1 1 
ATOM   723  C  CD2 . LEU A 1 83  ? 9.555   6.460   -7.354  1.00 27.49 ? 81  LEU A CD2 1 
ATOM   724  N  N   . GLY A 1 84  ? 14.167  5.356   -4.959  1.00 28.38 ? 82  GLY A N   1 
ATOM   725  C  CA  . GLY A 1 84  ? 15.464  5.902   -4.614  1.00 34.66 ? 82  GLY A CA  1 
ATOM   726  C  C   . GLY A 1 84  ? 15.392  6.711   -3.335  1.00 37.12 ? 82  GLY A C   1 
ATOM   727  O  O   . GLY A 1 84  ? 14.319  6.837   -2.746  1.00 37.66 ? 82  GLY A O   1 
ATOM   728  N  N   . VAL A 1 85  ? 16.520  7.275   -2.910  1.00 37.25 ? 83  VAL A N   1 
ATOM   729  C  CA  . VAL A 1 85  ? 16.600  7.890   -1.584  1.00 43.25 ? 83  VAL A CA  1 
ATOM   730  C  C   . VAL A 1 85  ? 16.459  9.410   -1.565  1.00 44.05 ? 83  VAL A C   1 
ATOM   731  O  O   . VAL A 1 85  ? 16.286  10.006  -0.497  1.00 48.43 ? 83  VAL A O   1 
ATOM   732  C  CB  . VAL A 1 85  ? 17.929  7.534   -0.888  1.00 41.59 ? 83  VAL A CB  1 
ATOM   733  C  CG1 . VAL A 1 85  ? 17.963  6.057   -0.537  1.00 43.25 ? 83  VAL A CG1 1 
ATOM   734  C  CG2 . VAL A 1 85  ? 19.106  7.914   -1.761  1.00 41.67 ? 83  VAL A CG2 1 
ATOM   735  N  N   . GLU A 1 86  ? 16.525  10.041  -2.729  1.00 44.94 ? 84  GLU A N   1 
ATOM   736  C  CA  . GLU A 1 86  ? 16.528  11.502  -2.776  1.00 47.95 ? 84  GLU A CA  1 
ATOM   737  C  C   . GLU A 1 86  ? 15.168  12.078  -3.153  1.00 51.85 ? 84  GLU A C   1 
ATOM   738  O  O   . GLU A 1 86  ? 14.891  13.243  -2.890  1.00 52.62 ? 84  GLU A O   1 
ATOM   739  C  CB  . GLU A 1 86  ? 17.601  11.987  -3.747  1.00 54.86 ? 84  GLU A CB  1 
ATOM   740  C  CG  . GLU A 1 86  ? 18.723  10.979  -3.932  1.00 60.21 ? 84  GLU A CG  1 
ATOM   741  C  CD  . GLU A 1 86  ? 19.796  11.453  -4.883  1.00 72.16 ? 84  GLU A CD  1 
ATOM   742  O  OE1 . GLU A 1 86  ? 20.408  12.508  -4.611  1.00 71.08 ? 84  GLU A OE1 1 
ATOM   743  O  OE2 . GLU A 1 86  ? 20.032  10.763  -5.896  1.00 78.02 ? 84  GLU A OE2 1 
ATOM   744  N  N   . ASP A 1 87  ? 14.322  11.249  -3.753  1.00 48.27 ? 85  ASP A N   1 
ATOM   745  C  CA  . ASP A 1 87  ? 12.969  11.645  -4.131  1.00 46.03 ? 85  ASP A CA  1 
ATOM   746  C  C   . ASP A 1 87  ? 12.236  12.304  -2.961  1.00 40.23 ? 85  ASP A C   1 
ATOM   747  O  O   . ASP A 1 87  ? 12.397  11.891  -1.816  1.00 39.06 ? 85  ASP A O   1 
ATOM   748  C  CB  . ASP A 1 87  ? 12.188  10.414  -4.614  1.00 46.49 ? 85  ASP A CB  1 
ATOM   749  C  CG  . ASP A 1 87  ? 11.122  10.754  -5.638  1.00 41.47 ? 85  ASP A CG  1 
ATOM   750  O  OD1 . ASP A 1 87  ? 10.122  11.404  -5.262  1.00 39.09 ? 85  ASP A OD1 1 
ATOM   751  O  OD2 . ASP A 1 87  ? 11.277  10.352  -6.813  1.00 42.02 ? 85  ASP A OD2 1 
ATOM   752  N  N   . SER A 1 88  ? 11.430  13.322  -3.232  1.00 29.32 ? 86  SER A N   1 
ATOM   753  C  CA  . SER A 1 88  ? 10.597  13.872  -2.175  1.00 29.73 ? 86  SER A CA  1 
ATOM   754  C  C   . SER A 1 88  ? 9.602   12.811  -1.656  1.00 30.99 ? 86  SER A C   1 
ATOM   755  O  O   . SER A 1 88  ? 9.085   12.921  -0.541  1.00 35.67 ? 86  SER A O   1 
ATOM   756  C  CB  . SER A 1 88  ? 9.832   15.098  -2.666  1.00 39.83 ? 86  SER A CB  1 
ATOM   757  O  OG  . SER A 1 88  ? 8.712   14.709  -3.444  1.00 41.35 ? 86  SER A OG  1 
ATOM   758  N  N   . GLN A 1 89  ? 9.323   11.801  -2.474  1.00 30.05 ? 87  GLN A N   1 
ATOM   759  C  CA  . GLN A 1 89  ? 8.456   10.697  -2.045  1.00 31.44 ? 87  GLN A CA  1 
ATOM   760  C  C   . GLN A 1 89  ? 9.268   9.498   -1.576  1.00 31.23 ? 87  GLN A C   1 
ATOM   761  O  O   . GLN A 1 89  ? 8.728   8.402   -1.449  1.00 32.19 ? 87  GLN A O   1 
ATOM   762  C  CB  . GLN A 1 89  ? 7.505   10.278  -3.174  1.00 26.90 ? 87  GLN A CB  1 
ATOM   763  C  CG  . GLN A 1 89  ? 6.583   11.408  -3.625  1.00 34.26 ? 87  GLN A CG  1 
ATOM   764  C  CD  . GLN A 1 89  ? 5.372   10.937  -4.424  1.00 25.98 ? 87  GLN A CD  1 
ATOM   765  O  OE1 . GLN A 1 89  ? 4.357   11.631  -4.497  1.00 32.15 ? 87  GLN A OE1 1 
ATOM   766  N  NE2 . GLN A 1 89  ? 5.482   9.765   -5.036  1.00 25.84 ? 87  GLN A NE2 1 
ATOM   767  N  N   . ALA A 1 90  ? 10.558  9.706   -1.318  1.00 27.77 ? 88  ALA A N   1 
ATOM   768  C  CA  . ALA A 1 90  ? 11.437  8.628   -0.847  1.00 29.41 ? 88  ALA A CA  1 
ATOM   769  C  C   . ALA A 1 90  ? 10.824  7.859   0.327   1.00 33.06 ? 88  ALA A C   1 
ATOM   770  O  O   . ALA A 1 90  ? 10.286  8.442   1.261   1.00 27.75 ? 88  ALA A O   1 
ATOM   771  C  CB  . ALA A 1 90  ? 12.789  9.175   -0.445  1.00 28.87 ? 88  ALA A CB  1 
ATOM   772  N  N   . CYS A 1 91  ? 10.913  6.542   0.271   1.00 25.30 ? 89  CYS A N   1 
ATOM   773  C  CA  . CYS A 1 91  ? 10.342  5.708   1.326   1.00 26.02 ? 89  CYS A CA  1 
ATOM   774  C  C   . CYS A 1 91  ? 11.314  5.527   2.484   1.00 28.43 ? 89  CYS A C   1 
ATOM   775  O  O   . CYS A 1 91  ? 12.433  5.046   2.286   1.00 31.46 ? 89  CYS A O   1 
ATOM   776  C  CB  . CYS A 1 91  ? 9.958   4.355   0.759   1.00 23.93 ? 89  CYS A CB  1 
ATOM   777  S  SG  . CYS A 1 91  ? 9.145   3.304   1.951   1.00 30.57 ? 89  CYS A SG  1 
ATOM   778  N  N   . PRO A 1 92  ? 10.903  5.931   3.698   1.00 31.83 ? 90  PRO A N   1 
ATOM   779  C  CA  . PRO A 1 92  ? 11.717  5.638   4.885   1.00 33.15 ? 90  PRO A CA  1 
ATOM   780  C  C   . PRO A 1 92  ? 11.803  4.131   5.128   1.00 33.36 ? 90  PRO A C   1 
ATOM   781  O  O   . PRO A 1 92  ? 10.932  3.399   4.653   1.00 36.49 ? 90  PRO A O   1 
ATOM   782  C  CB  . PRO A 1 92  ? 10.950  6.322   6.031   1.00 33.39 ? 90  PRO A CB  1 
ATOM   783  C  CG  . PRO A 1 92  ? 9.971   7.248   5.370   1.00 33.45 ? 90  PRO A CG  1 
ATOM   784  C  CD  . PRO A 1 92  ? 9.652   6.631   4.042   1.00 31.13 ? 90  PRO A CD  1 
ATOM   785  N  N   . LEU A 1 93  ? 12.826  3.664   5.840   1.00 31.33 ? 91  LEU A N   1 
ATOM   786  C  CA  . LEU A 1 93  ? 12.794  2.296   6.340   1.00 38.12 ? 91  LEU A CA  1 
ATOM   787  C  C   . LEU A 1 93  ? 11.593  2.152   7.265   1.00 31.65 ? 91  LEU A C   1 
ATOM   788  O  O   . LEU A 1 93  ? 11.185  3.117   7.912   1.00 32.14 ? 91  LEU A O   1 
ATOM   789  C  CB  . LEU A 1 93  ? 14.073  1.928   7.093   1.00 41.22 ? 91  LEU A CB  1 
ATOM   790  C  CG  . LEU A 1 93  ? 15.401  1.814   6.339   1.00 49.13 ? 91  LEU A CG  1 
ATOM   791  C  CD1 . LEU A 1 93  ? 16.465  1.309   7.296   1.00 44.94 ? 91  LEU A CD1 1 
ATOM   792  C  CD2 . LEU A 1 93  ? 15.286  0.898   5.131   1.00 41.61 ? 91  LEU A CD2 1 
ATOM   793  N  N   . LYS A 1 94  ? 11.037  0.949   7.319   1.00 35.66 ? 92  LYS A N   1 
ATOM   794  C  CA  . LYS A 1 94  ? 9.915   0.645   8.203   1.00 31.87 ? 92  LYS A CA  1 
ATOM   795  C  C   . LYS A 1 94  ? 10.152  1.163   9.620   1.00 37.82 ? 92  LYS A C   1 
ATOM   796  O  O   . LYS A 1 94  ? 9.309   1.856   10.179  1.00 36.85 ? 92  LYS A O   1 
ATOM   797  C  CB  . LYS A 1 94  ? 9.669   -0.862  8.233   1.00 37.10 ? 92  LYS A CB  1 
ATOM   798  C  CG  . LYS A 1 94  ? 8.314   -1.266  7.724   1.00 39.60 ? 92  LYS A CG  1 
ATOM   799  C  CD  . LYS A 1 94  ? 8.330   -2.682  7.143   1.00 42.99 ? 92  LYS A CD  1 
ATOM   800  C  CE  . LYS A 1 94  ? 8.407   -3.744  8.218   1.00 46.13 ? 92  LYS A CE  1 
ATOM   801  N  NZ  . LYS A 1 94  ? 8.252   -5.110  7.622   1.00 56.63 ? 92  LYS A NZ  1 
ATOM   802  N  N   . GLN A 1 95  ? 11.327  0.872   10.173  1.00 39.87 ? 93  GLN A N   1 
ATOM   803  C  CA  . GLN A 1 95  ? 11.660  1.292   11.535  1.00 40.47 ? 93  GLN A CA  1 
ATOM   804  C  C   . GLN A 1 95  ? 11.567  2.795   11.742  1.00 40.57 ? 93  GLN A C   1 
ATOM   805  O  O   . GLN A 1 95  ? 11.403  3.249   12.871  1.00 43.05 ? 93  GLN A O   1 
ATOM   806  C  CB  . GLN A 1 95  ? 13.064  0.811   11.920  1.00 43.84 ? 93  GLN A CB  1 
ATOM   807  C  CG  . GLN A 1 95  ? 14.159  1.189   10.941  1.00 50.58 ? 93  GLN A CG  1 
ATOM   808  C  CD  . GLN A 1 95  ? 15.498  0.545   11.285  1.00 62.16 ? 93  GLN A CD  1 
ATOM   809  O  OE1 . GLN A 1 95  ? 16.335  1.141   11.970  1.00 64.98 ? 93  GLN A OE1 1 
ATOM   810  N  NE2 . GLN A 1 95  ? 15.700  -0.683  10.813  1.00 53.86 ? 93  GLN A NE2 1 
ATOM   811  N  N   . ASP A 1 96  ? 11.665  3.565   10.661  1.00 31.10 ? 94  ASP A N   1 
ATOM   812  C  CA  . ASP A 1 96  ? 11.669  5.014   10.774  1.00 38.62 ? 94  ASP A CA  1 
ATOM   813  C  C   . ASP A 1 96  ? 10.349  5.634   10.355  1.00 39.42 ? 94  ASP A C   1 
ATOM   814  O  O   . ASP A 1 96  ? 10.140  6.838   10.515  1.00 39.18 ? 94  ASP A O   1 
ATOM   815  C  CB  . ASP A 1 96  ? 12.802  5.608   9.936   1.00 41.09 ? 94  ASP A CB  1 
ATOM   816  C  CG  . ASP A 1 96  ? 14.166  5.190   10.431  1.00 50.76 ? 94  ASP A CG  1 
ATOM   817  O  OD1 . ASP A 1 96  ? 14.350  5.117   11.663  1.00 50.60 ? 94  ASP A OD1 1 
ATOM   818  O  OD2 . ASP A 1 96  ? 15.049  4.927   9.591   1.00 48.00 ? 94  ASP A OD2 1 
ATOM   819  N  N   . MET A 1 97  ? 9.456   4.817   9.811   1.00 36.50 ? 95  MET A N   1 
ATOM   820  C  CA  . MET A 1 97  ? 8.181   5.344   9.351   1.00 36.01 ? 95  MET A CA  1 
ATOM   821  C  C   . MET A 1 97  ? 7.389   6.064   10.451  1.00 34.00 ? 95  MET A C   1 
ATOM   822  O  O   . MET A 1 97  ? 6.795   7.102   10.175  1.00 33.74 ? 95  MET A O   1 
ATOM   823  C  CB  . MET A 1 97  ? 7.337   4.229   8.728   1.00 36.68 ? 95  MET A CB  1 
ATOM   824  C  CG  . MET A 1 97  ? 7.798   3.845   7.331   1.00 32.66 ? 95  MET A CG  1 
ATOM   825  S  SD  . MET A 1 97  ? 6.900   2.424   6.687   1.00 29.88 ? 95  MET A SD  1 
ATOM   826  C  CE  . MET A 1 97  ? 7.797   2.111   5.166   1.00 30.13 ? 95  MET A CE  1 
ATOM   827  N  N   . PRO A 1 98  ? 7.388   5.542   11.700  1.00 35.36 ? 96  PRO A N   1 
ATOM   828  C  CA  . PRO A 1 98  ? 6.575   6.289   12.673  1.00 36.39 ? 96  PRO A CA  1 
ATOM   829  C  C   . PRO A 1 98  ? 7.125   7.671   13.008  1.00 38.60 ? 96  PRO A C   1 
ATOM   830  O  O   . PRO A 1 98  ? 6.409   8.460   13.620  1.00 40.98 ? 96  PRO A O   1 
ATOM   831  C  CB  . PRO A 1 98  ? 6.588   5.381   13.914  1.00 37.92 ? 96  PRO A CB  1 
ATOM   832  C  CG  . PRO A 1 98  ? 6.804   4.009   13.370  1.00 38.65 ? 96  PRO A CG  1 
ATOM   833  C  CD  . PRO A 1 98  ? 7.783   4.223   12.230  1.00 36.80 ? 96  PRO A CD  1 
ATOM   834  N  N   . LYS A 1 99  ? 8.353   7.975   12.587  1.00 42.11 ? 97  LYS A N   1 
ATOM   835  C  CA  . LYS A 1 99  ? 8.940   9.291   12.847  1.00 42.26 ? 97  LYS A CA  1 
ATOM   836  C  C   . LYS A 1 99  ? 8.409   10.349  11.893  1.00 45.20 ? 97  LYS A C   1 
ATOM   837  O  O   . LYS A 1 99  ? 8.602   11.542  12.124  1.00 46.36 ? 97  LYS A O   1 
ATOM   838  C  CB  . LYS A 1 99  ? 10.469  9.245   12.753  1.00 42.89 ? 97  LYS A CB  1 
ATOM   839  C  CG  . LYS A 1 99  ? 11.128  8.392   13.819  1.00 48.32 ? 97  LYS A CG  1 
ATOM   840  C  CD  . LYS A 1 99  ? 12.565  8.039   13.451  1.00 55.87 ? 97  LYS A CD  1 
ATOM   841  C  CE  . LYS A 1 99  ? 12.974  6.694   14.059  1.00 54.41 ? 97  LYS A CE  1 
ATOM   842  N  NZ  . LYS A 1 99  ? 13.571  6.810   15.419  1.00 66.21 ? 97  LYS A NZ  1 
ATOM   843  N  N   . ASP A 1 100 ? 7.754   9.912   10.819  1.00 38.77 ? 98  ASP A N   1 
ATOM   844  C  CA  . ASP A 1 100 ? 7.216   10.835  9.821   1.00 38.92 ? 98  ASP A CA  1 
ATOM   845  C  C   . ASP A 1 100 ? 6.251   11.804  10.500  1.00 48.16 ? 98  ASP A C   1 
ATOM   846  O  O   . ASP A 1 100 ? 5.532   11.418  11.421  1.00 43.38 ? 98  ASP A O   1 
ATOM   847  C  CB  . ASP A 1 100 ? 6.520   10.066  8.694   1.00 39.45 ? 98  ASP A CB  1 
ATOM   848  C  CG  . ASP A 1 100 ? 5.997   10.968  7.601   1.00 44.71 ? 98  ASP A CG  1 
ATOM   849  O  OD1 . ASP A 1 100 ? 4.891   11.527  7.761   1.00 45.86 ? 98  ASP A OD1 1 
ATOM   850  O  OD2 . ASP A 1 100 ? 6.675   11.094  6.561   1.00 45.11 ? 98  ASP A OD2 1 
ATOM   851  N  N   . ARG A 1 101 ? 6.238   13.059  10.057  1.00 43.32 ? 99  ARG A N   1 
ATOM   852  C  CA  . ARG A 1 101 ? 5.502   14.095  10.780  1.00 45.36 ? 99  ARG A CA  1 
ATOM   853  C  C   . ARG A 1 101 ? 3.988   13.895  10.738  1.00 42.09 ? 99  ARG A C   1 
ATOM   854  O  O   . ARG A 1 101 ? 3.283   14.322  11.654  1.00 46.01 ? 99  ARG A O   1 
ATOM   855  C  CB  . ARG A 1 101 ? 5.856   15.487  10.240  1.00 52.99 ? 99  ARG A CB  1 
ATOM   856  C  CG  . ARG A 1 101 ? 5.303   15.785  8.857   1.00 57.45 ? 99  ARG A CG  1 
ATOM   857  C  CD  . ARG A 1 101 ? 4.414   17.027  8.855   1.00 67.44 ? 99  ARG A CD  1 
ATOM   858  N  NE  . ARG A 1 101 ? 4.042   17.428  7.497   1.00 81.31 ? 99  ARG A NE  1 
ATOM   859  C  CZ  . ARG A 1 101 ? 2.857   17.932  7.158   1.00 84.60 ? 99  ARG A CZ  1 
ATOM   860  N  NH1 . ARG A 1 101 ? 2.611   18.263  5.897   1.00 83.24 ? 99  ARG A NH1 1 
ATOM   861  N  NH2 . ARG A 1 101 ? 1.915   18.104  8.076   1.00 84.58 ? 99  ARG A NH2 1 
ATOM   862  N  N   . LYS A 1 102 ? 3.493   13.240  9.703   1.00 41.57 ? 100 LYS A N   1 
ATOM   863  C  CA  . LYS A 1 102 ? 2.074   12.993  9.568   1.00 42.02 ? 100 LYS A CA  1 
ATOM   864  C  C   . LYS A 1 102 ? 1.585   11.702  10.144  1.00 34.99 ? 100 LYS A C   1 
ATOM   865  O  O   . LYS A 1 102 ? 0.445   11.415  10.106  1.00 35.12 ? 100 LYS A O   1 
ATOM   866  C  CB  . LYS A 1 102 ? 1.671   13.049  8.123   1.00 43.89 ? 100 LYS A CB  1 
ATOM   867  C  CG  . LYS A 1 102 ? 2.048   14.340  7.480   1.00 54.12 ? 100 LYS A CG  1 
ATOM   868  C  CD  . LYS A 1 102 ? 1.813   14.316  5.991   1.00 57.18 ? 100 LYS A CD  1 
ATOM   869  C  CE  . LYS A 1 102 ? 0.358   14.505  5.683   1.00 54.51 ? 100 LYS A CE  1 
ATOM   870  N  NZ  . LYS A 1 102 ? -0.011  13.612  4.566   1.00 62.50 ? 100 LYS A NZ  1 
ATOM   871  N  N   . TYR A 1 103 ? 2.488   10.925  10.654  1.00 32.36 ? 101 TYR A N   1 
ATOM   872  C  CA  . TYR A 1 103 ? 2.175   9.568   11.096  1.00 36.41 ? 101 TYR A CA  1 
ATOM   873  C  C   . TYR A 1 103 ? 1.236   9.524   12.315  1.00 37.21 ? 101 TYR A C   1 
ATOM   874  O  O   . TYR A 1 103 ? 0.343   8.670   12.363  1.00 32.69 ? 101 TYR A O   1 
ATOM   875  C  CB  . TYR A 1 103 ? 3.474   8.808   11.397  1.00 34.05 ? 101 TYR A CB  1 
ATOM   876  C  CG  . TYR A 1 103 ? 3.329   7.302   11.559  1.00 41.39 ? 101 TYR A CG  1 
ATOM   877  C  CD1 . TYR A 1 103 ? 2.976   6.743   12.784  1.00 36.92 ? 101 TYR A CD1 1 
ATOM   878  C  CD2 . TYR A 1 103 ? 3.584   6.441   10.497  1.00 31.85 ? 101 TYR A CD2 1 
ATOM   879  C  CE1 . TYR A 1 103 ? 2.864   5.363   12.944  1.00 35.15 ? 101 TYR A CE1 1 
ATOM   880  C  CE2 . TYR A 1 103 ? 3.479   5.074   10.648  1.00 32.30 ? 101 TYR A CE2 1 
ATOM   881  C  CZ  . TYR A 1 103 ? 3.115   4.536   11.876  1.00 35.84 ? 101 TYR A CZ  1 
ATOM   882  O  OH  . TYR A 1 103 ? 3.011   3.171   12.027  1.00 34.27 ? 101 TYR A OH  1 
ATOM   883  N  N   . PRO A 1 104 ? 1.439   10.421  13.312  1.00 41.11 ? 102 PRO A N   1 
ATOM   884  C  CA  . PRO A 1 104 ? 0.470   10.390  14.419  1.00 40.07 ? 102 PRO A CA  1 
ATOM   885  C  C   . PRO A 1 104 ? -0.954  10.694  13.957  1.00 35.19 ? 102 PRO A C   1 
ATOM   886  O  O   . PRO A 1 104 ? -1.900  10.090  14.454  1.00 36.85 ? 102 PRO A O   1 
ATOM   887  C  CB  . PRO A 1 104 ? 0.987   11.480  15.365  1.00 41.14 ? 102 PRO A CB  1 
ATOM   888  C  CG  . PRO A 1 104 ? 2.459   11.516  15.114  1.00 42.44 ? 102 PRO A CG  1 
ATOM   889  C  CD  . PRO A 1 104 ? 2.587   11.298  13.626  1.00 37.88 ? 102 PRO A CD  1 
ATOM   890  N  N   . SER A 1 105 ? -1.097  11.614  13.008  1.00 36.25 ? 103 SER A N   1 
ATOM   891  C  CA  . SER A 1 105 ? -2.408  11.939  12.464  1.00 34.07 ? 103 SER A CA  1 
ATOM   892  C  C   . SER A 1 105 ? -3.001  10.736  11.737  1.00 36.30 ? 103 SER A C   1 
ATOM   893  O  O   . SER A 1 105 ? -4.186  10.458  11.848  1.00 34.06 ? 103 SER A O   1 
ATOM   894  C  CB  . SER A 1 105 ? -2.317  13.134  11.515  1.00 39.54 ? 103 SER A CB  1 
ATOM   895  O  OG  . SER A 1 105 ? -3.554  13.351  10.864  1.00 45.09 ? 103 SER A OG  1 
ATOM   896  N  N   . SER A 1 106 ? -2.172  10.018  10.988  1.00 33.84 ? 104 SER A N   1 
ATOM   897  C  CA  . SER A 1 106 ? -2.649  8.815   10.319  1.00 39.59 ? 104 SER A CA  1 
ATOM   898  C  C   . SER A 1 106 ? -3.060  7.737   11.334  1.00 33.83 ? 104 SER A C   1 
ATOM   899  O  O   . SER A 1 106 ? -4.129  7.119   11.218  1.00 34.23 ? 104 SER A O   1 
ATOM   900  C  CB  . SER A 1 106 ? -1.574  8.275   9.378   1.00 35.19 ? 104 SER A CB  1 
ATOM   901  O  OG  . SER A 1 106 ? -2.078  7.180   8.634   1.00 35.26 ? 104 SER A OG  1 
ATOM   902  N  N   . ALA A 1 107 ? -2.206  7.511   12.329  1.00 34.77 ? 105 ALA A N   1 
ATOM   903  C  CA  . ALA A 1 107 ? -2.476  6.516   13.364  1.00 30.90 ? 105 ALA A CA  1 
ATOM   904  C  C   . ALA A 1 107 ? -3.798  6.803   14.073  1.00 34.95 ? 105 ALA A C   1 
ATOM   905  O  O   . ALA A 1 107 ? -4.576  5.884   14.373  1.00 31.74 ? 105 ALA A O   1 
ATOM   906  C  CB  . ALA A 1 107 ? -1.335  6.478   14.360  1.00 31.75 ? 105 ALA A CB  1 
ATOM   907  N  N   . ALA A 1 108 ? -4.049  8.083   14.323  1.00 33.50 ? 106 ALA A N   1 
ATOM   908  C  CA  . ALA A 1 108 ? -5.290  8.517   14.963  1.00 38.21 ? 106 ALA A CA  1 
ATOM   909  C  C   . ALA A 1 108 ? -6.503  8.160   14.118  1.00 35.80 ? 106 ALA A C   1 
ATOM   910  O  O   . ALA A 1 108 ? -7.493  7.655   14.633  1.00 35.73 ? 106 ALA A O   1 
ATOM   911  C  CB  . ALA A 1 108 ? -5.258  10.014  15.224  1.00 35.08 ? 106 ALA A CB  1 
ATOM   912  N  N   A HIS A 1 109 ? -6.437  8.422   12.815  0.52 34.08 ? 107 HIS A N   1 
ATOM   913  N  N   B HIS A 1 109 ? -6.413  8.434   12.820  0.48 34.08 ? 107 HIS A N   1 
ATOM   914  C  CA  A HIS A 1 109 ? -7.560  8.094   11.938  0.52 34.42 ? 107 HIS A CA  1 
ATOM   915  C  CA  B HIS A 1 109 ? -7.495  8.133   11.892  0.48 34.46 ? 107 HIS A CA  1 
ATOM   916  C  C   A HIS A 1 109 ? -7.756  6.588   11.894  0.52 30.78 ? 107 HIS A C   1 
ATOM   917  C  C   B HIS A 1 109 ? -7.735  6.625   11.806  0.48 30.75 ? 107 HIS A C   1 
ATOM   918  O  O   A HIS A 1 109 ? -8.883  6.100   11.951  0.52 34.37 ? 107 HIS A O   1 
ATOM   919  O  O   B HIS A 1 109 ? -8.878  6.178   11.751  0.48 34.45 ? 107 HIS A O   1 
ATOM   920  C  CB  A HIS A 1 109 ? -7.358  8.641   10.519  0.52 32.69 ? 107 HIS A CB  1 
ATOM   921  C  CB  B HIS A 1 109 ? -7.190  8.716   10.504  0.48 32.43 ? 107 HIS A CB  1 
ATOM   922  C  CG  A HIS A 1 109 ? -8.604  8.614   9.683   0.52 31.07 ? 107 HIS A CG  1 
ATOM   923  C  CG  B HIS A 1 109 ? -7.358  10.205  10.417  0.48 29.38 ? 107 HIS A CG  1 
ATOM   924  N  ND1 A HIS A 1 109 ? -8.633  9.033   8.370   0.52 30.44 ? 107 HIS A ND1 1 
ATOM   925  N  ND1 B HIS A 1 109 ? -8.230  10.805  9.534   0.48 33.67 ? 107 HIS A ND1 1 
ATOM   926  C  CD2 A HIS A 1 109 ? -9.868  8.226   9.982   0.52 29.40 ? 107 HIS A CD2 1 
ATOM   927  C  CD2 B HIS A 1 109 ? -6.765  11.212  11.100  0.48 34.74 ? 107 HIS A CD2 1 
ATOM   928  C  CE1 A HIS A 1 109 ? -9.860  8.904   7.895   0.52 27.76 ? 107 HIS A CE1 1 
ATOM   929  C  CE1 B HIS A 1 109 ? -8.160  12.118  9.673   0.48 36.66 ? 107 HIS A CE1 1 
ATOM   930  N  NE2 A HIS A 1 109 ? -10.628 8.416   8.853   0.52 30.63 ? 107 HIS A NE2 1 
ATOM   931  N  NE2 B HIS A 1 109 ? -7.279  12.391  10.615  0.48 31.25 ? 107 HIS A NE2 1 
ATOM   932  N  N   . PHE A 1 110 ? -6.654  5.846   11.817  1.00 29.36 ? 108 PHE A N   1 
ATOM   933  C  CA  . PHE A 1 110 ? -6.740  4.379   11.789  1.00 28.64 ? 108 PHE A CA  1 
ATOM   934  C  C   . PHE A 1 110 ? -7.293  3.820   13.101  1.00 34.37 ? 108 PHE A C   1 
ATOM   935  O  O   . PHE A 1 110 ? -7.790  2.690   13.153  1.00 28.51 ? 108 PHE A O   1 
ATOM   936  C  CB  . PHE A 1 110 ? -5.371  3.744   11.508  1.00 28.90 ? 108 PHE A CB  1 
ATOM   937  C  CG  . PHE A 1 110 ? -5.083  3.533   10.039  1.00 32.60 ? 108 PHE A CG  1 
ATOM   938  C  CD1 . PHE A 1 110 ? -5.743  2.543   9.320   1.00 31.12 ? 108 PHE A CD1 1 
ATOM   939  C  CD2 . PHE A 1 110 ? -4.137  4.314   9.380   1.00 30.93 ? 108 PHE A CD2 1 
ATOM   940  C  CE1 . PHE A 1 110 ? -5.473  2.339   7.963   1.00 27.34 ? 108 PHE A CE1 1 
ATOM   941  C  CE2 . PHE A 1 110 ? -3.867  4.119   8.023   1.00 29.79 ? 108 PHE A CE2 1 
ATOM   942  C  CZ  . PHE A 1 110 ? -4.529  3.134   7.317   1.00 25.50 ? 108 PHE A CZ  1 
ATOM   943  N  N   . ALA A 1 111 ? -7.201  4.614   14.161  1.00 31.21 ? 109 ALA A N   1 
ATOM   944  C  CA  . ALA A 1 111 ? -7.622  4.155   15.480  1.00 35.78 ? 109 ALA A CA  1 
ATOM   945  C  C   . ALA A 1 111 ? -9.143  4.099   15.598  1.00 35.96 ? 109 ALA A C   1 
ATOM   946  O  O   . ALA A 1 111 ? -9.682  3.317   16.392  1.00 36.95 ? 109 ALA A O   1 
ATOM   947  C  CB  . ALA A 1 111 ? -7.031  5.055   16.567  1.00 32.69 ? 109 ALA A CB  1 
ATOM   948  N  N   . VAL A 1 112 ? -9.838  4.907   14.802  1.00 34.80 ? 110 VAL A N   1 
ATOM   949  C  CA  . VAL A 1 112 ? -11.291 5.022   14.937  1.00 35.96 ? 110 VAL A CA  1 
ATOM   950  C  C   . VAL A 1 112 ? -12.042 3.745   14.572  1.00 40.23 ? 110 VAL A C   1 
ATOM   951  O  O   . VAL A 1 112 ? -12.883 3.273   15.349  1.00 33.45 ? 110 VAL A O   1 
ATOM   952  C  CB  . VAL A 1 112 ? -11.842 6.173   14.089  1.00 33.39 ? 110 VAL A CB  1 
ATOM   953  C  CG1 . VAL A 1 112 ? -13.361 6.161   14.118  1.00 32.34 ? 110 VAL A CG1 1 
ATOM   954  C  CG2 . VAL A 1 112 ? -11.306 7.490   14.608  1.00 34.76 ? 110 VAL A CG2 1 
ATOM   955  N  N   . GLY A 1 113 ? -11.759 3.188   13.398  1.00 37.19 ? 111 GLY A N   1 
ATOM   956  C  CA  . GLY A 1 113 ? -12.370 1.926   13.015  1.00 38.02 ? 111 GLY A CA  1 
ATOM   957  C  C   . GLY A 1 113 ? -13.453 2.039   11.963  1.00 39.64 ? 111 GLY A C   1 
ATOM   958  O  O   . GLY A 1 113 ? -13.432 2.958   11.137  1.00 29.84 ? 111 GLY A O   1 
ATOM   959  N  N   . ILE A 1 114 ? -14.408 1.110   12.003  1.00 31.14 ? 112 ILE A N   1 
ATOM   960  C  CA  . ILE A 1 114 ? -15.423 0.999   10.956  1.00 29.47 ? 112 ILE A CA  1 
ATOM   961  C  C   . ILE A 1 114 ? -16.294 2.253   10.861  1.00 33.72 ? 112 ILE A C   1 
ATOM   962  O  O   . ILE A 1 114 ? -16.820 2.564   9.795   1.00 37.34 ? 112 ILE A O   1 
ATOM   963  C  CB  . ILE A 1 114 ? -16.331 -0.244  11.153  1.00 35.74 ? 112 ILE A CB  1 
ATOM   964  C  CG1 . ILE A 1 114 ? -17.224 -0.444  9.923   1.00 41.17 ? 112 ILE A CG1 1 
ATOM   965  C  CG2 . ILE A 1 114 ? -17.160 -0.126  12.427  1.00 32.93 ? 112 ILE A CG2 1 
ATOM   966  C  CD1 . ILE A 1 114 ? -17.258 -1.862  9.397   1.00 41.49 ? 112 ILE A CD1 1 
ATOM   967  N  N   . ASP A 1 115 ? -16.426 2.988   11.960  1.00 35.76 ? 113 ASP A N   1 
ATOM   968  C  CA  . ASP A 1 115 ? -17.189 4.232   11.926  1.00 37.92 ? 113 ASP A CA  1 
ATOM   969  C  C   . ASP A 1 115 ? -16.535 5.295   11.043  1.00 40.31 ? 113 ASP A C   1 
ATOM   970  O  O   . ASP A 1 115 ? -17.197 6.227   10.593  1.00 39.05 ? 113 ASP A O   1 
ATOM   971  C  CB  . ASP A 1 115 ? -17.379 4.783   13.334  1.00 43.49 ? 113 ASP A CB  1 
ATOM   972  C  CG  . ASP A 1 115 ? -18.307 3.929   14.166  1.00 44.75 ? 113 ASP A CG  1 
ATOM   973  O  OD1 . ASP A 1 115 ? -19.059 3.125   13.575  1.00 42.73 ? 113 ASP A OD1 1 
ATOM   974  O  OD2 . ASP A 1 115 ? -18.277 4.062   15.406  1.00 46.78 ? 113 ASP A OD2 1 
ATOM   975  N  N   . SER A 1 116 ? -15.237 5.162   10.797  1.00 35.75 ? 114 SER A N   1 
ATOM   976  C  CA  . SER A 1 116 ? -14.555 6.091   9.895   1.00 35.37 ? 114 SER A CA  1 
ATOM   977  C  C   . SER A 1 116 ? -13.378 5.408   9.213   1.00 34.48 ? 114 SER A C   1 
ATOM   978  O  O   . SER A 1 116 ? -12.229 5.625   9.601   1.00 31.81 ? 114 SER A O   1 
ATOM   979  C  CB  . SER A 1 116 ? -14.072 7.333   10.652  1.00 34.92 ? 114 SER A CB  1 
ATOM   980  O  OG  . SER A 1 116 ? -13.614 8.335   9.750   1.00 38.80 ? 114 SER A OG  1 
ATOM   981  N  N   . PRO A 1 117 ? -13.665 4.560   8.208   1.00 30.85 ? 115 PRO A N   1 
ATOM   982  C  CA  . PRO A 1 117 ? -12.581 3.863   7.510   1.00 28.82 ? 115 PRO A CA  1 
ATOM   983  C  C   . PRO A 1 117 ? -11.665 4.843   6.779   1.00 28.47 ? 115 PRO A C   1 
ATOM   984  O  O   . PRO A 1 117 ? -12.122 5.877   6.296   1.00 28.29 ? 115 PRO A O   1 
ATOM   985  C  CB  . PRO A 1 117 ? -13.313 2.947   6.524   1.00 32.62 ? 115 PRO A CB  1 
ATOM   986  C  CG  . PRO A 1 117 ? -14.686 3.522   6.392   1.00 42.01 ? 115 PRO A CG  1 
ATOM   987  C  CD  . PRO A 1 117 ? -14.995 4.175   7.704   1.00 37.64 ? 115 PRO A CD  1 
ATOM   988  N  N   . VAL A 1 118 ? -10.383 4.505   6.717   1.00 29.67 ? 116 VAL A N   1 
ATOM   989  C  CA  . VAL A 1 118 ? -9.396  5.321   6.022   1.00 29.38 ? 116 VAL A CA  1 
ATOM   990  C  C   . VAL A 1 118 ? -9.492  5.132   4.503   1.00 24.83 ? 116 VAL A C   1 
ATOM   991  O  O   . VAL A 1 118 ? -9.430  4.009   4.017   1.00 25.72 ? 116 VAL A O   1 
ATOM   992  C  CB  . VAL A 1 118 ? -7.974  4.971   6.494   1.00 27.25 ? 116 VAL A CB  1 
ATOM   993  C  CG1 . VAL A 1 118 ? -6.922  5.813   5.736   1.00 23.84 ? 116 VAL A CG1 1 
ATOM   994  C  CG2 . VAL A 1 118 ? -7.860  5.184   7.997   1.00 30.80 ? 116 VAL A CG2 1 
ATOM   995  N  N   . PRO A 1 119 ? -9.647  6.231   3.747   1.00 29.90 ? 117 PRO A N   1 
ATOM   996  C  CA  . PRO A 1 119 ? -9.664  6.126   2.278   1.00 29.39 ? 117 PRO A CA  1 
ATOM   997  C  C   . PRO A 1 119 ? -8.361  5.552   1.718   1.00 24.85 ? 117 PRO A C   1 
ATOM   998  O  O   . PRO A 1 119 ? -7.292  5.738   2.305   1.00 23.07 ? 117 PRO A O   1 
ATOM   999  C  CB  . PRO A 1 119 ? -9.872  7.575   1.826   1.00 33.95 ? 117 PRO A CB  1 
ATOM   1000 C  CG  . PRO A 1 119 ? -10.570 8.223   2.995   1.00 35.62 ? 117 PRO A CG  1 
ATOM   1001 C  CD  . PRO A 1 119 ? -9.940  7.602   4.203   1.00 31.14 ? 117 PRO A CD  1 
ATOM   1002 N  N   . LEU A 1 120 ? -8.465  4.842   0.600   1.00 26.74 ? 118 LEU A N   1 
ATOM   1003 C  CA  . LEU A 1 120 ? -7.307  4.228   -0.036  1.00 24.86 ? 118 LEU A CA  1 
ATOM   1004 C  C   . LEU A 1 120 ? -6.307  5.262   -0.546  1.00 23.92 ? 118 LEU A C   1 
ATOM   1005 O  O   . LEU A 1 120 ? -6.674  6.382   -0.882  1.00 25.49 ? 118 LEU A O   1 
ATOM   1006 C  CB  . LEU A 1 120 ? -7.749  3.353   -1.208  1.00 22.78 ? 118 LEU A CB  1 
ATOM   1007 C  CG  . LEU A 1 120 ? -8.689  2.198   -0.848  1.00 25.47 ? 118 LEU A CG  1 
ATOM   1008 C  CD1 . LEU A 1 120 ? -8.956  1.375   -2.105  1.00 25.95 ? 118 LEU A CD1 1 
ATOM   1009 C  CD2 . LEU A 1 120 ? -8.066  1.366   0.246   1.00 26.50 ? 118 LEU A CD2 1 
ATOM   1010 N  N   . ALA A 1 121 ? -5.050  4.845   -0.611  1.00 20.30 ? 119 ALA A N   1 
ATOM   1011 C  CA  . ALA A 1 121 ? -4.004  5.580   -1.308  1.00 25.07 ? 119 ALA A CA  1 
ATOM   1012 C  C   . ALA A 1 121 ? -4.203  5.503   -2.813  1.00 27.33 ? 119 ALA A C   1 
ATOM   1013 O  O   . ALA A 1 121 ? -4.691  4.496   -3.343  1.00 28.96 ? 119 ALA A O   1 
ATOM   1014 C  CB  . ALA A 1 121 ? -2.645  5.027   -0.937  1.00 22.74 ? 119 ALA A CB  1 
ATOM   1015 N  N   . ASP A 1 122 ? -3.818  6.576   -3.490  1.00 23.78 ? 120 ASP A N   1 
ATOM   1016 C  CA  . ASP A 1 122 ? -3.789  6.635   -4.954  1.00 26.67 ? 120 ASP A CA  1 
ATOM   1017 C  C   . ASP A 1 122 ? -2.344  6.573   -5.437  1.00 29.35 ? 120 ASP A C   1 
ATOM   1018 O  O   . ASP A 1 122 ? -1.558  7.480   -5.171  1.00 26.41 ? 120 ASP A O   1 
ATOM   1019 C  CB  . ASP A 1 122 ? -4.457  7.913   -5.444  1.00 24.41 ? 120 ASP A CB  1 
ATOM   1020 C  CG  . ASP A 1 122 ? -5.939  7.946   -5.128  1.00 31.48 ? 120 ASP A CG  1 
ATOM   1021 O  OD1 . ASP A 1 122 ? -6.730  7.427   -5.942  1.00 26.16 ? 120 ASP A OD1 1 
ATOM   1022 O  OD2 . ASP A 1 122 ? -6.311  8.491   -4.066  1.00 29.14 ? 120 ASP A OD2 1 
ATOM   1023 N  N   . VAL A 1 123 ? -1.985  5.484   -6.111  1.00 27.36 ? 121 VAL A N   1 
ATOM   1024 C  CA  . VAL A 1 123 ? -0.599  5.273   -6.506  1.00 25.74 ? 121 VAL A CA  1 
ATOM   1025 C  C   . VAL A 1 123 ? -0.486  5.056   -8.011  1.00 26.66 ? 121 VAL A C   1 
ATOM   1026 O  O   . VAL A 1 123 ? -1.487  4.955   -8.720  1.00 24.72 ? 121 VAL A O   1 
ATOM   1027 C  CB  . VAL A 1 123 ? 0.036   4.064   -5.785  1.00 27.01 ? 121 VAL A CB  1 
ATOM   1028 C  CG1 . VAL A 1 123 ? -0.070  4.225   -4.256  1.00 21.50 ? 121 VAL A CG1 1 
ATOM   1029 C  CG2 . VAL A 1 123 ? -0.624  2.779   -6.252  1.00 25.86 ? 121 VAL A CG2 1 
ATOM   1030 N  N   A SER A 1 124 ? 0.750   4.979   -8.488  0.52 21.90 ? 122 SER A N   1 
ATOM   1031 N  N   B SER A 1 124 ? 0.748   4.993   -8.497  0.48 21.87 ? 122 SER A N   1 
ATOM   1032 C  CA  A SER A 1 124 ? 1.001   4.820   -9.906  0.52 24.40 ? 122 SER A CA  1 
ATOM   1033 C  CA  B SER A 1 124 ? 0.984   4.813   -9.917  0.48 24.40 ? 122 SER A CA  1 
ATOM   1034 C  C   A SER A 1 124 ? 2.283   4.046   -10.135 0.52 24.50 ? 122 SER A C   1 
ATOM   1035 C  C   B SER A 1 124 ? 2.279   4.061   -10.148 0.48 24.51 ? 122 SER A C   1 
ATOM   1036 O  O   A SER A 1 124 ? 3.255   4.214   -9.401  0.52 25.50 ? 122 SER A O   1 
ATOM   1037 O  O   B SER A 1 124 ? 3.257   4.260   -9.429  0.48 25.48 ? 122 SER A O   1 
ATOM   1038 C  CB  A SER A 1 124 ? 1.081   6.190   -10.586 0.52 25.22 ? 122 SER A CB  1 
ATOM   1039 C  CB  B SER A 1 124 ? 1.024   6.169   -10.632 0.48 25.24 ? 122 SER A CB  1 
ATOM   1040 O  OG  A SER A 1 124 ? -0.095  6.942   -10.349 0.52 27.97 ? 122 SER A OG  1 
ATOM   1041 O  OG  B SER A 1 124 ? 1.319   6.013   -12.011 0.48 24.97 ? 122 SER A OG  1 
ATOM   1042 N  N   . PRO A 1 125 ? 2.293   3.188   -11.162 1.00 22.30 ? 123 PRO A N   1 
ATOM   1043 C  CA  . PRO A 1 125 ? 3.547   2.572   -11.581 1.00 21.47 ? 123 PRO A CA  1 
ATOM   1044 C  C   . PRO A 1 125 ? 4.400   3.639   -12.257 1.00 24.19 ? 123 PRO A C   1 
ATOM   1045 O  O   . PRO A 1 125 ? 3.835   4.576   -12.821 1.00 26.75 ? 123 PRO A O   1 
ATOM   1046 C  CB  . PRO A 1 125 ? 3.105   1.512   -12.585 1.00 24.13 ? 123 PRO A CB  1 
ATOM   1047 C  CG  . PRO A 1 125 ? 1.816   2.036   -13.127 1.00 23.74 ? 123 PRO A CG  1 
ATOM   1048 C  CD  . PRO A 1 125 ? 1.160   2.788   -12.008 1.00 25.61 ? 123 PRO A CD  1 
ATOM   1049 N  N   . THR A 1 126 ? 5.720   3.507   -12.202 1.00 24.49 ? 124 THR A N   1 
ATOM   1050 C  CA  . THR A 1 126 ? 6.592   4.465   -12.865 1.00 23.11 ? 124 THR A CA  1 
ATOM   1051 C  C   . THR A 1 126 ? 7.948   3.818   -13.135 1.00 26.75 ? 124 THR A C   1 
ATOM   1052 O  O   . THR A 1 126 ? 8.185   2.664   -12.766 1.00 26.63 ? 124 THR A O   1 
ATOM   1053 C  CB  . THR A 1 126 ? 6.750   5.779   -12.024 1.00 23.29 ? 124 THR A CB  1 
ATOM   1054 O  OG1 . THR A 1 126 ? 7.340   6.816   -12.828 1.00 25.72 ? 124 THR A OG1 1 
ATOM   1055 C  CG2 . THR A 1 126 ? 7.578   5.552   -10.763 1.00 25.24 ? 124 THR A CG2 1 
ATOM   1056 N  N   . MET A 1 127 ? 8.828   4.567   -13.794 1.00 30.38 ? 125 MET A N   1 
ATOM   1057 C  CA  . MET A 1 127 ? 10.154  4.087   -14.162 1.00 32.47 ? 125 MET A CA  1 
ATOM   1058 C  C   . MET A 1 127 ? 11.195  5.029   -13.565 1.00 31.64 ? 125 MET A C   1 
ATOM   1059 O  O   . MET A 1 127 ? 11.102  6.245   -13.725 1.00 31.44 ? 125 MET A O   1 
ATOM   1060 C  CB  . MET A 1 127 ? 10.290  4.004   -15.690 1.00 30.58 ? 125 MET A CB  1 
ATOM   1061 C  CG  . MET A 1 127 ? 11.555  3.324   -16.215 1.00 36.59 ? 125 MET A CG  1 
ATOM   1062 S  SD  . MET A 1 127 ? 13.002  4.401   -16.189 1.00 41.19 ? 125 MET A SD  1 
ATOM   1063 C  CE  . MET A 1 127 ? 12.470  5.685   -17.307 1.00 43.02 ? 125 MET A CE  1 
ATOM   1064 N  N   . ILE A 1 128 ? 12.168  4.462   -12.861 1.00 28.06 ? 126 ILE A N   1 
ATOM   1065 C  CA  . ILE A 1 128 ? 13.225  5.234   -12.222 1.00 29.26 ? 126 ILE A CA  1 
ATOM   1066 C  C   . ILE A 1 128 ? 14.546  4.580   -12.565 1.00 35.51 ? 126 ILE A C   1 
ATOM   1067 O  O   . ILE A 1 128 ? 14.731  3.397   -12.293 1.00 31.10 ? 126 ILE A O   1 
ATOM   1068 C  CB  . ILE A 1 128 ? 13.070  5.289   -10.686 1.00 33.17 ? 126 ILE A CB  1 
ATOM   1069 C  CG1 . ILE A 1 128 ? 11.817  6.086   -10.294 1.00 30.73 ? 126 ILE A CG1 1 
ATOM   1070 C  CG2 . ILE A 1 128 ? 14.319  5.887   -10.044 1.00 34.91 ? 126 ILE A CG2 1 
ATOM   1071 C  CD1 . ILE A 1 128 ? 11.884  7.571   -10.614 1.00 35.76 ? 126 ILE A CD1 1 
ATOM   1072 N  N   . LEU A 1 129 ? 15.444  5.344   -13.194 1.00 39.43 ? 127 LEU A N   1 
ATOM   1073 C  CA  . LEU A 1 129 ? 16.769  4.846   -13.572 1.00 39.46 ? 127 LEU A CA  1 
ATOM   1074 C  C   . LEU A 1 129 ? 16.711  3.474   -14.230 1.00 37.40 ? 127 LEU A C   1 
ATOM   1075 O  O   . LEU A 1 129 ? 17.475  2.573   -13.887 1.00 43.33 ? 127 LEU A O   1 
ATOM   1076 C  CB  . LEU A 1 129 ? 17.689  4.794   -12.349 1.00 39.14 ? 127 LEU A CB  1 
ATOM   1077 C  CG  . LEU A 1 129 ? 17.995  6.173   -11.759 1.00 43.05 ? 127 LEU A CG  1 
ATOM   1078 C  CD1 . LEU A 1 129 ? 18.891  6.040   -10.538 1.00 49.38 ? 127 LEU A CD1 1 
ATOM   1079 C  CD2 . LEU A 1 129 ? 18.628  7.090   -12.808 1.00 45.90 ? 127 LEU A CD2 1 
ATOM   1080 N  N   . GLY A 1 130 ? 15.775  3.308   -15.149 1.00 34.21 ? 128 GLY A N   1 
ATOM   1081 C  CA  . GLY A 1 130 ? 15.652  2.059   -15.868 1.00 42.16 ? 128 GLY A CA  1 
ATOM   1082 C  C   . GLY A 1 130 ? 15.019  0.907   -15.108 1.00 39.03 ? 128 GLY A C   1 
ATOM   1083 O  O   . GLY A 1 130 ? 15.093  -0.226  -15.576 1.00 51.09 ? 128 GLY A O   1 
ATOM   1084 N  N   . HIS A 1 131 ? 14.403  1.163   -13.952 1.00 36.31 ? 129 HIS A N   1 
ATOM   1085 C  CA  . HIS A 1 131 ? 13.682  0.084   -13.262 1.00 35.17 ? 129 HIS A CA  1 
ATOM   1086 C  C   . HIS A 1 131 ? 12.272  0.463   -12.810 1.00 32.25 ? 129 HIS A C   1 
ATOM   1087 O  O   . HIS A 1 131 ? 11.910  1.637   -12.715 1.00 30.28 ? 129 HIS A O   1 
ATOM   1088 C  CB  . HIS A 1 131 ? 14.483  -0.441  -12.054 1.00 40.46 ? 129 HIS A CB  1 
ATOM   1089 C  CG  . HIS A 1 131 ? 14.821  0.596   -11.026 1.00 44.16 ? 129 HIS A CG  1 
ATOM   1090 N  ND1 . HIS A 1 131 ? 16.086  1.124   -10.893 1.00 39.70 ? 129 HIS A ND1 1 
ATOM   1091 C  CD2 . HIS A 1 131 ? 14.068  1.182   -10.060 1.00 37.52 ? 129 HIS A CD2 1 
ATOM   1092 C  CE1 . HIS A 1 131 ? 16.099  1.999   -9.900  1.00 39.18 ? 129 HIS A CE1 1 
ATOM   1093 N  NE2 . HIS A 1 131 ? 14.886  2.057   -9.384  1.00 35.91 ? 129 HIS A NE2 1 
ATOM   1094 N  N   . PHE A 1 132 ? 11.472  -0.560  -12.549 1.00 31.35 ? 130 PHE A N   1 
ATOM   1095 C  CA  . PHE A 1 132 ? 10.103  -0.368  -12.103 1.00 25.59 ? 130 PHE A CA  1 
ATOM   1096 C  C   . PHE A 1 132 ? 10.066  0.232   -10.699 1.00 26.23 ? 130 PHE A C   1 
ATOM   1097 O  O   . PHE A 1 132 ? 10.874  -0.127  -9.844  1.00 29.04 ? 130 PHE A O   1 
ATOM   1098 C  CB  . PHE A 1 132 ? 9.342   -1.696  -12.122 1.00 24.30 ? 130 PHE A CB  1 
ATOM   1099 C  CG  . PHE A 1 132 ? 7.917   -1.559  -11.718 1.00 28.74 ? 130 PHE A CG  1 
ATOM   1100 C  CD1 . PHE A 1 132 ? 6.955   -1.217  -12.653 1.00 30.24 ? 130 PHE A CD1 1 
ATOM   1101 C  CD2 . PHE A 1 132 ? 7.537   -1.723  -10.390 1.00 23.41 ? 130 PHE A CD2 1 
ATOM   1102 C  CE1 . PHE A 1 132 ? 5.634   -1.062  -12.280 1.00 30.16 ? 130 PHE A CE1 1 
ATOM   1103 C  CE2 . PHE A 1 132 ? 6.222   -1.567  -10.013 1.00 26.89 ? 130 PHE A CE2 1 
ATOM   1104 C  CZ  . PHE A 1 132 ? 5.265   -1.238  -10.962 1.00 24.29 ? 130 PHE A CZ  1 
ATOM   1105 N  N   . ALA A 1 133 ? 9.120   1.136   -10.463 1.00 24.96 ? 131 ALA A N   1 
ATOM   1106 C  CA  . ALA A 1 133 ? 8.892   1.654   -9.124  1.00 28.62 ? 131 ALA A CA  1 
ATOM   1107 C  C   . ALA A 1 133 ? 7.441   2.083   -8.954  1.00 25.53 ? 131 ALA A C   1 
ATOM   1108 O  O   . ALA A 1 133 ? 6.684   2.141   -9.917  1.00 24.32 ? 131 ALA A O   1 
ATOM   1109 C  CB  . ALA A 1 133 ? 9.838   2.836   -8.828  1.00 22.38 ? 131 ALA A CB  1 
ATOM   1110 N  N   . VAL A 1 134 ? 7.054   2.370   -7.715  1.00 25.36 ? 132 VAL A N   1 
ATOM   1111 C  CA  A VAL A 1 134 ? 5.736   2.942   -7.478  0.53 25.10 ? 132 VAL A CA  1 
ATOM   1112 C  CA  B VAL A 1 134 ? 5.735   2.905   -7.402  0.47 25.11 ? 132 VAL A CA  1 
ATOM   1113 C  C   . VAL A 1 134 ? 5.872   4.327   -6.866  1.00 25.68 ? 132 VAL A C   1 
ATOM   1114 O  O   . VAL A 1 134 ? 6.763   4.591   -6.057  1.00 25.57 ? 132 VAL A O   1 
ATOM   1115 C  CB  A VAL A 1 134 ? 4.855   2.051   -6.567  0.53 23.88 ? 132 VAL A CB  1 
ATOM   1116 C  CB  B VAL A 1 134 ? 5.005   2.030   -6.358  0.47 23.81 ? 132 VAL A CB  1 
ATOM   1117 C  CG1 A VAL A 1 134 ? 4.621   0.703   -7.215  0.53 24.61 ? 132 VAL A CG1 1 
ATOM   1118 C  CG1 B VAL A 1 134 ? 3.765   2.730   -5.823  0.47 22.20 ? 132 VAL A CG1 1 
ATOM   1119 C  CG2 A VAL A 1 134 ? 5.482   1.876   -5.206  0.53 21.70 ? 132 VAL A CG2 1 
ATOM   1120 C  CG2 B VAL A 1 134 ? 4.648   0.682   -6.951  0.47 24.55 ? 132 VAL A CG2 1 
ATOM   1121 N  N   . CYS A 1 135 ? 4.998   5.229   -7.299  1.00 24.89 ? 133 CYS A N   1 
ATOM   1122 C  CA  . CYS A 1 135 ? 4.970   6.585   -6.770  1.00 21.02 ? 133 CYS A CA  1 
ATOM   1123 C  C   . CYS A 1 135 ? 3.520   6.924   -6.418  1.00 24.45 ? 133 CYS A C   1 
ATOM   1124 O  O   . CYS A 1 135 ? 2.608   6.111   -6.635  1.00 24.11 ? 133 CYS A O   1 
ATOM   1125 C  CB  . CYS A 1 135 ? 5.559   7.601   -7.778  1.00 20.71 ? 133 CYS A CB  1 
ATOM   1126 S  SG  . CYS A 1 135 ? 4.677   7.659   -9.364  1.00 24.60 ? 133 CYS A SG  1 
ATOM   1127 N  N   . PHE A 1 136 ? 3.314   8.125   -5.883  1.00 24.69 ? 134 PHE A N   1 
ATOM   1128 C  CA  . PHE A 1 136 ? 2.052   8.457   -5.237  1.00 23.84 ? 134 PHE A CA  1 
ATOM   1129 C  C   . PHE A 1 136 ? 1.402   9.709   -5.776  1.00 30.33 ? 134 PHE A C   1 
ATOM   1130 O  O   . PHE A 1 136 ? 2.070   10.705  -6.073  1.00 24.91 ? 134 PHE A O   1 
ATOM   1131 C  CB  . PHE A 1 136 ? 2.260   8.631   -3.729  1.00 25.56 ? 134 PHE A CB  1 
ATOM   1132 C  CG  . PHE A 1 136 ? 2.589   7.365   -3.004  1.00 25.23 ? 134 PHE A CG  1 
ATOM   1133 C  CD1 . PHE A 1 136 ? 3.867   6.838   -3.042  1.00 24.89 ? 134 PHE A CD1 1 
ATOM   1134 C  CD2 . PHE A 1 136 ? 1.616   6.708   -2.251  1.00 24.96 ? 134 PHE A CD2 1 
ATOM   1135 C  CE1 . PHE A 1 136 ? 4.168   5.680   -2.370  1.00 25.15 ? 134 PHE A CE1 1 
ATOM   1136 C  CE2 . PHE A 1 136 ? 1.915   5.544   -1.575  1.00 26.16 ? 134 PHE A CE2 1 
ATOM   1137 C  CZ  . PHE A 1 136 ? 3.184   5.029   -1.616  1.00 23.69 ? 134 PHE A CZ  1 
ATOM   1138 N  N   . THR A 1 137 ? 0.080   9.663   -5.876  1.00 25.45 ? 135 THR A N   1 
ATOM   1139 C  CA  . THR A 1 137 ? -0.694  10.880  -6.044  1.00 26.22 ? 135 THR A CA  1 
ATOM   1140 C  C   . THR A 1 137 ? -1.087  11.352  -4.646  1.00 27.03 ? 135 THR A C   1 
ATOM   1141 O  O   . THR A 1 137 ? -1.039  12.538  -4.339  1.00 26.50 ? 135 THR A O   1 
ATOM   1142 C  CB  . THR A 1 137 ? -1.924  10.654  -6.920  1.00 27.12 ? 135 THR A CB  1 
ATOM   1143 O  OG1 . THR A 1 137 ? -1.502  10.385  -8.263  1.00 30.66 ? 135 THR A OG1 1 
ATOM   1144 C  CG2 . THR A 1 137 ? -2.842  11.864  -6.898  1.00 29.97 ? 135 THR A CG2 1 
ATOM   1145 N  N   . ASP A 1 138 ? -1.463  10.399  -3.797  1.00 27.21 ? 136 ASP A N   1 
ATOM   1146 C  CA  . ASP A 1 138 ? -1.704  10.670  -2.388  1.00 26.14 ? 136 ASP A CA  1 
ATOM   1147 C  C   . ASP A 1 138 ? -1.675  9.361   -1.594  1.00 29.29 ? 136 ASP A C   1 
ATOM   1148 O  O   . ASP A 1 138 ? -1.653  8.270   -2.172  1.00 25.90 ? 136 ASP A O   1 
ATOM   1149 C  CB  . ASP A 1 138 ? -3.044  11.394  -2.197  1.00 23.69 ? 136 ASP A CB  1 
ATOM   1150 C  CG  . ASP A 1 138 ? -4.191  10.693  -2.905  1.00 32.13 ? 136 ASP A CG  1 
ATOM   1151 O  OD1 . ASP A 1 138 ? -4.422  9.507   -2.619  1.00 28.68 ? 136 ASP A OD1 1 
ATOM   1152 O  OD2 . ASP A 1 138 ? -4.851  11.308  -3.772  1.00 36.24 ? 136 ASP A OD2 1 
ATOM   1153 N  N   . GLY A 1 139 ? -1.658  9.478   -0.269  1.00 27.00 ? 137 GLY A N   1 
ATOM   1154 C  CA  . GLY A 1 139 ? -1.745  8.324   0.605   1.00 26.08 ? 137 GLY A CA  1 
ATOM   1155 C  C   . GLY A 1 139 ? -0.422  7.753   1.086   1.00 28.43 ? 137 GLY A C   1 
ATOM   1156 O  O   . GLY A 1 139 ? -0.373  6.602   1.501   1.00 29.16 ? 137 GLY A O   1 
ATOM   1157 N  N   . MET A 1 140 ? 0.649   8.546   1.072   1.00 25.34 ? 138 MET A N   1 
ATOM   1158 C  CA  . MET A 1 140 ? 1.947   8.032   1.505   1.00 23.51 ? 138 MET A CA  1 
ATOM   1159 C  C   . MET A 1 140 ? 1.981   7.685   2.990   1.00 25.29 ? 138 MET A C   1 
ATOM   1160 O  O   . MET A 1 140 ? 2.482   6.636   3.366   1.00 26.27 ? 138 MET A O   1 
ATOM   1161 C  CB  . MET A 1 140 ? 3.067   9.043   1.192   1.00 29.40 ? 138 MET A CB  1 
ATOM   1162 C  CG  . MET A 1 140 ? 3.549   8.969   -0.237  1.00 26.53 ? 138 MET A CG  1 
ATOM   1163 S  SD  . MET A 1 140 ? 5.041   9.959   -0.537  1.00 30.63 ? 138 MET A SD  1 
ATOM   1164 C  CE  . MET A 1 140 ? 4.379   11.586  -0.224  1.00 31.08 ? 138 MET A CE  1 
ATOM   1165 N  N   . THR A 1 141 ? 1.464   8.555   3.843   1.00 29.32 ? 139 THR A N   1 
ATOM   1166 C  CA  . THR A 1 141 ? 1.578   8.290   5.274   1.00 25.82 ? 139 THR A CA  1 
ATOM   1167 C  C   . THR A 1 141 ? 0.703   7.117   5.708   1.00 26.40 ? 139 THR A C   1 
ATOM   1168 O  O   . THR A 1 141 ? 1.129   6.305   6.515   1.00 25.84 ? 139 THR A O   1 
ATOM   1169 C  CB  . THR A 1 141 ? 1.218   9.509   6.119   1.00 27.58 ? 139 THR A CB  1 
ATOM   1170 O  OG1 . THR A 1 141 ? 1.788   10.686  5.539   1.00 31.36 ? 139 THR A OG1 1 
ATOM   1171 C  CG2 . THR A 1 141 ? 1.771   9.340   7.517   1.00 32.07 ? 139 THR A CG2 1 
ATOM   1172 N  N   . ARG A 1 142 ? -0.510  7.015   5.179   1.00 25.87 ? 140 ARG A N   1 
ATOM   1173 C  CA  . ARG A 1 142 ? -1.361  5.888   5.550   1.00 26.89 ? 140 ARG A CA  1 
ATOM   1174 C  C   . ARG A 1 142 ? -0.744  4.590   5.027   1.00 27.25 ? 140 ARG A C   1 
ATOM   1175 O  O   . ARG A 1 142 ? -0.910  3.541   5.633   1.00 24.77 ? 140 ARG A O   1 
ATOM   1176 C  CB  . ARG A 1 142 ? -2.790  6.072   5.033   1.00 26.75 ? 140 ARG A CB  1 
ATOM   1177 C  CG  . ARG A 1 142 ? -2.963  5.913   3.533   1.00 25.52 ? 140 ARG A CG  1 
ATOM   1178 C  CD  . ARG A 1 142 ? -4.256  6.567   3.064   1.00 28.06 ? 140 ARG A CD  1 
ATOM   1179 N  NE  . ARG A 1 142 ? -4.216  8.025   3.197   1.00 29.49 ? 140 ARG A NE  1 
ATOM   1180 C  CZ  . ARG A 1 142 ? -5.296  8.800   3.258   1.00 32.04 ? 140 ARG A CZ  1 
ATOM   1181 N  NH1 . ARG A 1 142 ? -6.511  8.261   3.203   1.00 31.87 ? 140 ARG A NH1 1 
ATOM   1182 N  NH2 . ARG A 1 142 ? -5.167  10.110  3.385   1.00 36.61 ? 140 ARG A NH2 1 
ATOM   1183 N  N   . SER A 1 143 ? -0.005  4.672   3.919   1.00 24.07 ? 141 SER A N   1 
ATOM   1184 C  CA  . SER A 1 143 ? 0.745   3.516   3.408   1.00 19.78 ? 141 SER A CA  1 
ATOM   1185 C  C   . SER A 1 143 ? 1.863   3.122   4.372   1.00 22.65 ? 141 SER A C   1 
ATOM   1186 O  O   . SER A 1 143 ? 2.116   1.930   4.585   1.00 26.90 ? 141 SER A O   1 
ATOM   1187 C  CB  . SER A 1 143 ? 1.348   3.807   2.019   1.00 24.96 ? 141 SER A CB  1 
ATOM   1188 O  OG  . SER A 1 143 ? 0.342   3.991   1.032   1.00 23.96 ? 141 SER A OG  1 
ATOM   1189 N  N   . MET A 1 144 ? 2.538   4.117   4.947   1.00 29.20 ? 142 MET A N   1 
ATOM   1190 C  CA  . MET A 1 144 ? 3.580   3.845   5.938   1.00 25.54 ? 142 MET A CA  1 
ATOM   1191 C  C   . MET A 1 144 ? 3.008   3.138   7.166   1.00 26.38 ? 142 MET A C   1 
ATOM   1192 O  O   . MET A 1 144 ? 3.616   2.215   7.713   1.00 27.45 ? 142 MET A O   1 
ATOM   1193 C  CB  . MET A 1 144 ? 4.274   5.138   6.374   1.00 24.76 ? 142 MET A CB  1 
ATOM   1194 C  CG  . MET A 1 144 ? 5.065   5.840   5.282   1.00 26.19 ? 142 MET A CG  1 
ATOM   1195 S  SD  . MET A 1 144 ? 5.860   7.301   5.976   1.00 29.53 ? 142 MET A SD  1 
ATOM   1196 C  CE  . MET A 1 144 ? 6.396   8.162   4.484   1.00 31.78 ? 142 MET A CE  1 
ATOM   1197 N  N   . TRP A 1 145 ? 1.840   3.598   7.599   1.00 23.86 ? 143 TRP A N   1 
ATOM   1198 C  CA  . TRP A 1 145 ? 1.187   3.032   8.774   1.00 26.33 ? 143 TRP A CA  1 
ATOM   1199 C  C   . TRP A 1 145 ? 0.958   1.540   8.537   1.00 29.03 ? 143 TRP A C   1 
ATOM   1200 O  O   . TRP A 1 145 ? 1.350   0.710   9.356   1.00 25.11 ? 143 TRP A O   1 
ATOM   1201 C  CB  . TRP A 1 145 ? -0.132  3.763   9.069   1.00 26.49 ? 143 TRP A CB  1 
ATOM   1202 C  CG  . TRP A 1 145 ? -0.773  3.371   10.396  1.00 30.41 ? 143 TRP A CG  1 
ATOM   1203 C  CD1 . TRP A 1 145 ? -0.622  4.001   11.607  1.00 32.68 ? 143 TRP A CD1 1 
ATOM   1204 C  CD2 . TRP A 1 145 ? -1.655  2.262   10.632  1.00 33.81 ? 143 TRP A CD2 1 
ATOM   1205 N  NE1 . TRP A 1 145 ? -1.358  3.352   12.575  1.00 31.41 ? 143 TRP A NE1 1 
ATOM   1206 C  CE2 . TRP A 1 145 ? -1.999  2.281   12.003  1.00 30.62 ? 143 TRP A CE2 1 
ATOM   1207 C  CE3 . TRP A 1 145 ? -2.184  1.251   9.816   1.00 28.45 ? 143 TRP A CE3 1 
ATOM   1208 C  CZ2 . TRP A 1 145 ? -2.849  1.337   12.574  1.00 30.73 ? 143 TRP A CZ2 1 
ATOM   1209 C  CZ3 . TRP A 1 145 ? -3.028  0.316   10.385  1.00 27.39 ? 143 TRP A CZ3 1 
ATOM   1210 C  CH2 . TRP A 1 145 ? -3.355  0.367   11.754  1.00 29.14 ? 143 TRP A CH2 1 
ATOM   1211 N  N   . LEU A 1 146 ? 0.381   1.207   7.380   1.00 25.34 ? 144 LEU A N   1 
ATOM   1212 C  CA  . LEU A 1 146 ? 0.065   -0.179  7.044   1.00 29.46 ? 144 LEU A CA  1 
ATOM   1213 C  C   . LEU A 1 146 ? 1.329   -1.017  6.973   1.00 30.64 ? 144 LEU A C   1 
ATOM   1214 O  O   . LEU A 1 146 ? 1.380   -2.128  7.492   1.00 26.70 ? 144 LEU A O   1 
ATOM   1215 C  CB  . LEU A 1 146 ? -0.706  -0.266  5.713   1.00 24.17 ? 144 LEU A CB  1 
ATOM   1216 C  CG  . LEU A 1 146 ? -2.115  0.347   5.659   1.00 26.87 ? 144 LEU A CG  1 
ATOM   1217 C  CD1 . LEU A 1 146 ? -2.507  0.659   4.221   1.00 23.17 ? 144 LEU A CD1 1 
ATOM   1218 C  CD2 . LEU A 1 146 ? -3.131  -0.595  6.282   1.00 24.36 ? 144 LEU A CD2 1 
ATOM   1219 N  N   . LEU A 1 147 ? 2.355   -0.467  6.341   1.00 25.79 ? 145 LEU A N   1 
ATOM   1220 C  CA  . LEU A 1 147 ? 3.619   -1.180  6.181   1.00 26.23 ? 145 LEU A CA  1 
ATOM   1221 C  C   . LEU A 1 147 ? 4.315   -1.411  7.527   1.00 29.49 ? 145 LEU A C   1 
ATOM   1222 O  O   . LEU A 1 147 ? 4.767   -2.524  7.828   1.00 26.89 ? 145 LEU A O   1 
ATOM   1223 C  CB  . LEU A 1 147 ? 4.527   -0.413  5.227   1.00 24.79 ? 145 LEU A CB  1 
ATOM   1224 C  CG  . LEU A 1 147 ? 4.094   -0.484  3.765   1.00 25.14 ? 145 LEU A CG  1 
ATOM   1225 C  CD1 . LEU A 1 147 ? 5.068   0.320   2.912   1.00 28.11 ? 145 LEU A CD1 1 
ATOM   1226 C  CD2 . LEU A 1 147 ? 4.012   -1.944  3.302   1.00 25.01 ? 145 LEU A CD2 1 
ATOM   1227 N  N   . ALA A 1 148 ? 4.376   -0.363  8.342   1.00 29.46 ? 146 ALA A N   1 
ATOM   1228 C  CA  . ALA A 1 148 ? 5.029   -0.452  9.646   1.00 29.28 ? 146 ALA A CA  1 
ATOM   1229 C  C   . ALA A 1 148 ? 4.269   -1.404  10.561  1.00 28.01 ? 146 ALA A C   1 
ATOM   1230 O  O   . ALA A 1 148 ? 4.862   -2.021  11.446  1.00 30.51 ? 146 ALA A O   1 
ATOM   1231 C  CB  . ALA A 1 148 ? 5.151   0.933   10.289  1.00 29.49 ? 146 ALA A CB  1 
ATOM   1232 N  N   . HIS A 1 149 ? 2.964   -1.540  10.335  1.00 27.90 ? 147 HIS A N   1 
ATOM   1233 C  CA  . HIS A 1 149 ? 2.148   -2.460  11.145  1.00 29.91 ? 147 HIS A CA  1 
ATOM   1234 C  C   . HIS A 1 149 ? 2.057   -3.852  10.524  1.00 30.22 ? 147 HIS A C   1 
ATOM   1235 O  O   . HIS A 1 149 ? 1.325   -4.716  11.015  1.00 31.09 ? 147 HIS A O   1 
ATOM   1236 C  CB  . HIS A 1 149 ? 0.744   -1.897  11.353  1.00 26.81 ? 147 HIS A CB  1 
ATOM   1237 C  CG  . HIS A 1 149 ? 0.683   -0.812  12.379  1.00 31.90 ? 147 HIS A CG  1 
ATOM   1238 N  ND1 . HIS A 1 149 ? 0.888   0.514   12.074  1.00 28.24 ? 147 HIS A ND1 1 
ATOM   1239 C  CD2 . HIS A 1 149 ? 0.450   -0.862  13.713  1.00 32.87 ? 147 HIS A CD2 1 
ATOM   1240 C  CE1 . HIS A 1 149 ? 0.782   1.237   13.175  1.00 33.08 ? 147 HIS A CE1 1 
ATOM   1241 N  NE2 . HIS A 1 149 ? 0.510   0.426   14.183  1.00 31.57 ? 147 HIS A NE2 1 
ATOM   1242 N  N   . GLU A 1 150 ? 2.816   -4.065  9.454   1.00 28.69 ? 148 GLU A N   1 
ATOM   1243 C  CA  . GLU A 1 150 ? 2.895   -5.379  8.818   1.00 28.72 ? 148 GLU A CA  1 
ATOM   1244 C  C   . GLU A 1 150 ? 1.542   -5.888  8.325   1.00 31.84 ? 148 GLU A C   1 
ATOM   1245 O  O   . GLU A 1 150 ? 1.239   -7.072  8.442   1.00 29.39 ? 148 GLU A O   1 
ATOM   1246 C  CB  . GLU A 1 150 ? 3.489   -6.407  9.785   1.00 36.00 ? 148 GLU A CB  1 
ATOM   1247 C  CG  . GLU A 1 150 ? 4.729   -5.942  10.527  1.00 41.28 ? 148 GLU A CG  1 
ATOM   1248 C  CD  . GLU A 1 150 ? 5.988   -6.165  9.733   1.00 51.62 ? 148 GLU A CD  1 
ATOM   1249 O  OE1 . GLU A 1 150 ? 5.889   -6.690  8.600   1.00 58.69 ? 148 GLU A OE1 1 
ATOM   1250 O  OE2 . GLU A 1 150 ? 7.082   -5.826  10.242  1.00 67.51 ? 148 GLU A OE2 1 
ATOM   1251 N  N   . VAL A 1 151 ? 0.708   -4.998  7.804   1.00 30.70 ? 149 VAL A N   1 
ATOM   1252 C  CA  . VAL A 1 151 ? -0.503  -5.446  7.134   1.00 27.25 ? 149 VAL A CA  1 
ATOM   1253 C  C   . VAL A 1 151 ? -0.075  -6.187  5.864   1.00 27.13 ? 149 VAL A C   1 
ATOM   1254 O  O   . VAL A 1 151 ? 0.620   -5.617  5.004   1.00 28.62 ? 149 VAL A O   1 
ATOM   1255 C  CB  . VAL A 1 151 ? -1.433  -4.276  6.802   1.00 28.37 ? 149 VAL A CB  1 
ATOM   1256 C  CG1 . VAL A 1 151 ? -2.661  -4.773  6.067   1.00 29.38 ? 149 VAL A CG1 1 
ATOM   1257 C  CG2 . VAL A 1 151 ? -1.807  -3.545  8.082   1.00 28.67 ? 149 VAL A CG2 1 
ATOM   1258 N  N   . ALA A 1 152 ? -0.463  -7.458  5.760   1.00 24.73 ? 150 ALA A N   1 
ATOM   1259 C  CA  . ALA A 1 152 ? 0.074   -8.351  4.727   1.00 31.81 ? 150 ALA A CA  1 
ATOM   1260 C  C   . ALA A 1 152 ? -0.319  -7.945  3.308   1.00 27.82 ? 150 ALA A C   1 
ATOM   1261 O  O   . ALA A 1 152 ? 0.512   -7.941  2.384   1.00 26.16 ? 150 ALA A O   1 
ATOM   1262 C  CB  . ALA A 1 152 ? -0.378  -9.780  4.993   1.00 29.65 ? 150 ALA A CB  1 
ATOM   1263 N  N   . VAL A 1 153 ? -1.599  -7.629  3.150   1.00 25.74 ? 151 VAL A N   1 
ATOM   1264 C  CA  . VAL A 1 153 ? -2.175  -7.246  1.864   1.00 22.26 ? 151 VAL A CA  1 
ATOM   1265 C  C   . VAL A 1 153 ? -3.135  -6.088  2.107   1.00 27.16 ? 151 VAL A C   1 
ATOM   1266 O  O   . VAL A 1 153 ? -3.873  -6.072  3.100   1.00 23.02 ? 151 VAL A O   1 
ATOM   1267 C  CB  . VAL A 1 153 ? -2.917  -8.439  1.181   1.00 28.95 ? 151 VAL A CB  1 
ATOM   1268 C  CG1 . VAL A 1 153 ? -3.561  -8.013  -0.137  1.00 25.21 ? 151 VAL A CG1 1 
ATOM   1269 C  CG2 . VAL A 1 153 ? -1.967  -9.605  0.944   1.00 26.30 ? 151 VAL A CG2 1 
ATOM   1270 N  N   . PHE A 1 154 ? -3.106  -5.094  1.223   1.00 25.16 ? 152 PHE A N   1 
ATOM   1271 C  CA  . PHE A 1 154 ? -4.061  -4.014  1.315   1.00 23.48 ? 152 PHE A CA  1 
ATOM   1272 C  C   . PHE A 1 154 ? -4.375  -3.507  -0.088  1.00 24.49 ? 152 PHE A C   1 
ATOM   1273 O  O   . PHE A 1 154 ? -3.581  -3.698  -1.012  1.00 25.51 ? 152 PHE A O   1 
ATOM   1274 C  CB  . PHE A 1 154 ? -3.544  -2.889  2.240   1.00 25.57 ? 152 PHE A CB  1 
ATOM   1275 C  CG  . PHE A 1 154 ? -2.138  -2.417  1.937   1.00 25.83 ? 152 PHE A CG  1 
ATOM   1276 C  CD1 . PHE A 1 154 ? -1.912  -1.453  0.971   1.00 26.08 ? 152 PHE A CD1 1 
ATOM   1277 C  CD2 . PHE A 1 154 ? -1.060  -2.898  2.665   1.00 24.25 ? 152 PHE A CD2 1 
ATOM   1278 C  CE1 . PHE A 1 154 ? -0.629  -1.000  0.702   1.00 26.76 ? 152 PHE A CE1 1 
ATOM   1279 C  CE2 . PHE A 1 154 ? 0.228   -2.448  2.411   1.00 28.01 ? 152 PHE A CE2 1 
ATOM   1280 C  CZ  . PHE A 1 154 ? 0.446   -1.499  1.428   1.00 27.06 ? 152 PHE A CZ  1 
ATOM   1281 N  N   . PRO A 1 155 ? -5.551  -2.898  -0.261  1.00 23.41 ? 153 PRO A N   1 
ATOM   1282 C  CA  . PRO A 1 155 ? -5.903  -2.350  -1.573  1.00 23.76 ? 153 PRO A CA  1 
ATOM   1283 C  C   . PRO A 1 155 ? -5.315  -0.957  -1.789  1.00 23.03 ? 153 PRO A C   1 
ATOM   1284 O  O   . PRO A 1 155 ? -5.106  -0.219  -0.822  1.00 22.45 ? 153 PRO A O   1 
ATOM   1285 C  CB  . PRO A 1 155 ? -7.431  -2.288  -1.541  1.00 22.25 ? 153 PRO A CB  1 
ATOM   1286 C  CG  . PRO A 1 155 ? -7.804  -2.291  -0.094  1.00 25.65 ? 153 PRO A CG  1 
ATOM   1287 C  CD  . PRO A 1 155 ? -6.641  -2.765  0.719   1.00 25.31 ? 153 PRO A CD  1 
ATOM   1288 N  N   . VAL A 1 156 ? -5.051  -0.629  -3.046  1.00 24.60 ? 154 VAL A N   1 
ATOM   1289 C  CA  . VAL A 1 156 ? -4.647  0.715   -3.439  1.00 21.56 ? 154 VAL A CA  1 
ATOM   1290 C  C   . VAL A 1 156 ? -5.432  1.062   -4.695  1.00 23.09 ? 154 VAL A C   1 
ATOM   1291 O  O   . VAL A 1 156 ? -6.013  0.181   -5.336  1.00 25.44 ? 154 VAL A O   1 
ATOM   1292 C  CB  . VAL A 1 156 ? -3.131  0.835   -3.707  1.00 23.01 ? 154 VAL A CB  1 
ATOM   1293 C  CG1 . VAL A 1 156 ? -2.325  0.607   -2.434  1.00 23.23 ? 154 VAL A CG1 1 
ATOM   1294 C  CG2 . VAL A 1 156 ? -2.699  -0.138  -4.805  1.00 26.40 ? 154 VAL A CG2 1 
ATOM   1295 N  N   . LEU A 1 157 ? -5.451  2.344   -5.032  1.00 21.66 ? 155 LEU A N   1 
ATOM   1296 C  CA  . LEU A 1 157 ? -6.203  2.851   -6.177  1.00 23.01 ? 155 LEU A CA  1 
ATOM   1297 C  C   . LEU A 1 157 ? -5.279  3.268   -7.316  1.00 26.56 ? 155 LEU A C   1 
ATOM   1298 O  O   . LEU A 1 157 ? -4.241  3.873   -7.085  1.00 26.74 ? 155 LEU A O   1 
ATOM   1299 C  CB  . LEU A 1 157 ? -7.061  4.048   -5.760  1.00 25.14 ? 155 LEU A CB  1 
ATOM   1300 C  CG  . LEU A 1 157 ? -8.283  3.738   -4.893  1.00 23.47 ? 155 LEU A CG  1 
ATOM   1301 C  CD1 . LEU A 1 157 ? -8.860  5.038   -4.367  1.00 23.64 ? 155 LEU A CD1 1 
ATOM   1302 C  CD2 . LEU A 1 157 ? -9.311  3.000   -5.740  1.00 23.60 ? 155 LEU A CD2 1 
ATOM   1303 N  N   . SER A 1 158 ? -5.683  2.935   -8.538  1.00 23.07 ? 156 SER A N   1 
ATOM   1304 C  CA  . SER A 1 158 ? -4.924  3.240   -9.738  1.00 24.16 ? 156 SER A CA  1 
ATOM   1305 C  C   . SER A 1 158 ? -5.839  3.905   -10.756 1.00 29.71 ? 156 SER A C   1 
ATOM   1306 O  O   . SER A 1 158 ? -7.026  3.590   -10.841 1.00 26.56 ? 156 SER A O   1 
ATOM   1307 C  CB  . SER A 1 158 ? -4.304  1.966   -10.308 1.00 25.25 ? 156 SER A CB  1 
ATOM   1308 O  OG  . SER A 1 158 ? -3.771  2.177   -11.595 1.00 28.81 ? 156 SER A OG  1 
ATOM   1309 N  N   . ARG A 1 159 ? -5.259  4.806   -11.543 1.00 24.33 ? 157 ARG A N   1 
ATOM   1310 C  CA  . ARG A 1 159 ? -5.992  5.737   -12.392 1.00 27.42 ? 157 ARG A CA  1 
ATOM   1311 C  C   . ARG A 1 159 ? -6.689  5.072   -13.581 1.00 25.02 ? 157 ARG A C   1 
ATOM   1312 O  O   . ARG A 1 159 ? -7.684  5.587   -14.092 1.00 29.29 ? 157 ARG A O   1 
ATOM   1313 C  CB  . ARG A 1 159 ? -5.003  6.810   -12.896 1.00 33.51 ? 157 ARG A CB  1 
ATOM   1314 C  CG  . ARG A 1 159 ? -5.519  8.239   -12.991 1.00 58.12 ? 157 ARG A CG  1 
ATOM   1315 C  CD  . ARG A 1 159 ? -4.374  9.191   -13.392 1.00 46.60 ? 157 ARG A CD  1 
ATOM   1316 N  NE  . ARG A 1 159 ? -3.293  9.184   -12.398 1.00 57.88 ? 157 ARG A NE  1 
ATOM   1317 C  CZ  . ARG A 1 159 ? -1.985  9.217   -12.676 1.00 53.54 ? 157 ARG A CZ  1 
ATOM   1318 N  NH1 . ARG A 1 159 ? -1.551  9.264   -13.935 1.00 49.89 ? 157 ARG A NH1 1 
ATOM   1319 N  NH2 . ARG A 1 159 ? -1.103  9.199   -11.681 1.00 32.95 ? 157 ARG A NH2 1 
ATOM   1320 N  N   . ASP A 1 160 ? -6.154  3.945   -14.039 1.00 26.37 ? 158 ASP A N   1 
ATOM   1321 C  CA  . ASP A 1 160 ? -6.641  3.318   -15.268 1.00 26.57 ? 158 ASP A CA  1 
ATOM   1322 C  C   . ASP A 1 160 ? -6.254  1.843   -15.360 1.00 29.94 ? 158 ASP A C   1 
ATOM   1323 O  O   . ASP A 1 160 ? -5.419  1.357   -14.595 1.00 28.57 ? 158 ASP A O   1 
ATOM   1324 C  CB  . ASP A 1 160 ? -6.110  4.074   -16.496 1.00 25.09 ? 158 ASP A CB  1 
ATOM   1325 C  CG  . ASP A 1 160 ? -4.599  4.165   -16.505 1.00 26.51 ? 158 ASP A CG  1 
ATOM   1326 O  OD1 . ASP A 1 160 ? -3.933  3.179   -16.868 1.00 29.74 ? 158 ASP A OD1 1 
ATOM   1327 O  OD2 . ASP A 1 160 ? -4.075  5.229   -16.133 1.00 40.64 ? 158 ASP A OD2 1 
ATOM   1328 N  N   . GLU A 1 161 ? -6.863  1.134   -16.306 1.00 27.37 ? 159 GLU A N   1 
ATOM   1329 C  CA  . GLU A 1 161 ? -6.725  -0.314  -16.352 1.00 29.77 ? 159 GLU A CA  1 
ATOM   1330 C  C   . GLU A 1 161 ? -5.280  -0.759  -16.570 1.00 28.09 ? 159 GLU A C   1 
ATOM   1331 O  O   . GLU A 1 161 ? -4.791  -1.635  -15.846 1.00 27.29 ? 159 GLU A O   1 
ATOM   1332 C  CB  . GLU A 1 161 ? -7.616  -0.918  -17.438 1.00 31.50 ? 159 GLU A CB  1 
ATOM   1333 C  CG  . GLU A 1 161 ? -7.655  -2.435  -17.379 1.00 26.74 ? 159 GLU A CG  1 
ATOM   1334 C  CD  . GLU A 1 161 ? -8.702  -3.038  -18.295 1.00 36.73 ? 159 GLU A CD  1 
ATOM   1335 O  OE1 . GLU A 1 161 ? -9.115  -2.363  -19.257 1.00 42.16 ? 159 GLU A OE1 1 
ATOM   1336 O  OE2 . GLU A 1 161 ? -9.112  -4.188  -18.047 1.00 37.41 ? 159 GLU A OE2 1 
ATOM   1337 N  N   . ALA A 1 162 ? -4.592  -0.150  -17.539 1.00 26.83 ? 160 ALA A N   1 
ATOM   1338 C  CA  . ALA A 1 162 ? -3.233  -0.568  -17.854 1.00 28.94 ? 160 ALA A CA  1 
ATOM   1339 C  C   . ALA A 1 162 ? -2.294  -0.328  -16.681 1.00 24.22 ? 160 ALA A C   1 
ATOM   1340 O  O   . ALA A 1 162 ? -1.457  -1.169  -16.371 1.00 26.84 ? 160 ALA A O   1 
ATOM   1341 C  CB  . ALA A 1 162 ? -2.723  0.153   -19.082 1.00 31.05 ? 160 ALA A CB  1 
ATOM   1342 N  N   . SER A 1 163 ? -2.427  0.832   -16.049 1.00 24.24 ? 161 SER A N   1 
ATOM   1343 C  CA  . SER A 1 163 ? -1.639  1.154   -14.867 1.00 24.11 ? 161 SER A CA  1 
ATOM   1344 C  C   . SER A 1 163 ? -1.918  0.141   -13.765 1.00 26.39 ? 161 SER A C   1 
ATOM   1345 O  O   . SER A 1 163 ? -1.001  -0.302  -13.078 1.00 25.29 ? 161 SER A O   1 
ATOM   1346 C  CB  . SER A 1 163 ? -1.955  2.570   -14.370 1.00 24.23 ? 161 SER A CB  1 
ATOM   1347 O  OG  . SER A 1 163 ? -1.605  3.554   -15.347 1.00 28.57 ? 161 SER A OG  1 
ATOM   1348 N  N   . ALA A 1 164 ? -3.188  -0.230  -13.615 1.00 24.57 ? 162 ALA A N   1 
ATOM   1349 C  CA  . ALA A 1 164 ? -3.593  -1.180  -12.589 1.00 28.23 ? 162 ALA A CA  1 
ATOM   1350 C  C   . ALA A 1 164 ? -3.020  -2.559  -12.884 1.00 26.74 ? 162 ALA A C   1 
ATOM   1351 O  O   . ALA A 1 164 ? -2.539  -3.244  -11.989 1.00 21.88 ? 162 ALA A O   1 
ATOM   1352 C  CB  . ALA A 1 164 ? -5.119  -1.243  -12.482 1.00 21.37 ? 162 ALA A CB  1 
ATOM   1353 N  N   . VAL A 1 165 ? -3.033  -2.954  -14.153 1.00 25.81 ? 163 VAL A N   1 
ATOM   1354 C  CA  . VAL A 1 165 ? -2.518  -4.267  -14.507 1.00 24.07 ? 163 VAL A CA  1 
ATOM   1355 C  C   . VAL A 1 165 ? -1.003  -4.322  -14.289 1.00 28.83 ? 163 VAL A C   1 
ATOM   1356 O  O   . VAL A 1 165 ? -0.478  -5.336  -13.811 1.00 25.10 ? 163 VAL A O   1 
ATOM   1357 C  CB  . VAL A 1 165 ? -2.886  -4.647  -15.966 1.00 25.61 ? 163 VAL A CB  1 
ATOM   1358 C  CG1 . VAL A 1 165 ? -2.102  -5.872  -16.421 1.00 27.94 ? 163 VAL A CG1 1 
ATOM   1359 C  CG2 . VAL A 1 165 ? -4.387  -4.920  -16.068 1.00 29.15 ? 163 VAL A CG2 1 
ATOM   1360 N  N   . MET A 1 166 ? -0.313  -3.224  -14.604 1.00 25.20 ? 164 MET A N   1 
ATOM   1361 C  CA  . MET A 1 166 ? 1.122   -3.100  -14.354 1.00 22.39 ? 164 MET A CA  1 
ATOM   1362 C  C   . MET A 1 166 ? 1.463   -3.197  -12.864 1.00 22.48 ? 164 MET A C   1 
ATOM   1363 O  O   . MET A 1 166 ? 2.401   -3.896  -12.479 1.00 24.26 ? 164 MET A O   1 
ATOM   1364 C  CB  . MET A 1 166 ? 1.641   -1.768  -14.914 1.00 21.38 ? 164 MET A CB  1 
ATOM   1365 C  CG  . MET A 1 166 ? 3.092   -1.797  -15.278 1.00 28.28 ? 164 MET A CG  1 
ATOM   1366 S  SD  . MET A 1 166 ? 3.564   -0.192  -15.988 1.00 34.97 ? 164 MET A SD  1 
ATOM   1367 C  CE  . MET A 1 166 ? 2.319   0.018   -17.252 1.00 23.80 ? 164 MET A CE  1 
ATOM   1368 N  N   . LEU A 1 167 ? 0.710   -2.486  -12.026 1.00 21.96 ? 165 LEU A N   1 
ATOM   1369 C  CA  . LEU A 1 167 ? 0.865   -2.624  -10.579 1.00 26.83 ? 165 LEU A CA  1 
ATOM   1370 C  C   . LEU A 1 167 ? 0.653   -4.077  -10.129 1.00 25.82 ? 165 LEU A C   1 
ATOM   1371 O  O   . LEU A 1 167 ? 1.484   -4.655  -9.416  1.00 26.38 ? 165 LEU A O   1 
ATOM   1372 C  CB  . LEU A 1 167 ? -0.112  -1.700  -9.846  1.00 29.10 ? 165 LEU A CB  1 
ATOM   1373 C  CG  . LEU A 1 167 ? 0.256   -0.213  -9.885  1.00 29.01 ? 165 LEU A CG  1 
ATOM   1374 C  CD1 . LEU A 1 167 ? -0.939  0.652   -9.492  1.00 24.63 ? 165 LEU A CD1 1 
ATOM   1375 C  CD2 . LEU A 1 167 ? 1.448   0.077   -8.985  1.00 27.24 ? 165 LEU A CD2 1 
ATOM   1376 N  N   . ALA A 1 168 ? -0.462  -4.668  -10.547 1.00 24.87 ? 166 ALA A N   1 
ATOM   1377 C  CA  . ALA A 1 168 ? -0.761  -6.052  -10.193 1.00 27.78 ? 166 ALA A CA  1 
ATOM   1378 C  C   . ALA A 1 168 ? 0.378   -6.986  -10.620 1.00 27.48 ? 166 ALA A C   1 
ATOM   1379 O  O   . ALA A 1 168 ? 0.797   -7.845  -9.848  1.00 25.20 ? 166 ALA A O   1 
ATOM   1380 C  CB  . ALA A 1 168 ? -2.083  -6.488  -10.821 1.00 23.92 ? 166 ALA A CB  1 
ATOM   1381 N  N   . GLU A 1 169 ? 0.907   -6.780  -11.829 1.00 25.55 ? 167 GLU A N   1 
ATOM   1382 C  CA  . GLU A 1 169 ? 2.043   -7.567  -12.309 1.00 24.11 ? 167 GLU A CA  1 
ATOM   1383 C  C   . GLU A 1 169 ? 3.220   -7.574  -11.337 1.00 29.12 ? 167 GLU A C   1 
ATOM   1384 O  O   . GLU A 1 169 ? 3.742   -8.633  -10.987 1.00 29.93 ? 167 GLU A O   1 
ATOM   1385 C  CB  . GLU A 1 169 ? 2.539   -7.039  -13.661 1.00 26.82 ? 167 GLU A CB  1 
ATOM   1386 C  CG  . GLU A 1 169 ? 3.800   -7.745  -14.145 1.00 31.47 ? 167 GLU A CG  1 
ATOM   1387 C  CD  . GLU A 1 169 ? 4.364   -7.146  -15.425 1.00 35.19 ? 167 GLU A CD  1 
ATOM   1388 O  OE1 . GLU A 1 169 ? 3.696   -6.288  -16.034 1.00 33.19 ? 167 GLU A OE1 1 
ATOM   1389 O  OE2 . GLU A 1 169 ? 5.484   -7.528  -15.816 1.00 35.77 ? 167 GLU A OE2 1 
ATOM   1390 N  N   . HIS A 1 170 ? 3.644   -6.391  -10.902 1.00 23.53 ? 168 HIS A N   1 
ATOM   1391 C  CA  . HIS A 1 170 ? 4.852   -6.285  -10.092 1.00 26.89 ? 168 HIS A CA  1 
ATOM   1392 C  C   . HIS A 1 170 ? 4.625   -6.463  -8.589  1.00 28.58 ? 168 HIS A C   1 
ATOM   1393 O  O   . HIS A 1 170 ? 5.486   -7.001  -7.907  1.00 29.50 ? 168 HIS A O   1 
ATOM   1394 C  CB  . HIS A 1 170 ? 5.531   -4.935  -10.359 1.00 27.88 ? 168 HIS A CB  1 
ATOM   1395 C  CG  . HIS A 1 170 ? 6.085   -4.811  -11.744 1.00 27.98 ? 168 HIS A CG  1 
ATOM   1396 N  ND1 . HIS A 1 170 ? 7.371   -5.186  -12.065 1.00 30.65 ? 168 HIS A ND1 1 
ATOM   1397 C  CD2 . HIS A 1 170 ? 5.518   -4.386  -12.899 1.00 25.02 ? 168 HIS A CD2 1 
ATOM   1398 C  CE1 . HIS A 1 170 ? 7.579   -4.980  -13.357 1.00 30.36 ? 168 HIS A CE1 1 
ATOM   1399 N  NE2 . HIS A 1 170 ? 6.467   -4.504  -13.887 1.00 25.26 ? 168 HIS A NE2 1 
ATOM   1400 N  N   . VAL A 1 171 ? 3.484   -6.016  -8.061  1.00 26.54 ? 169 VAL A N   1 
ATOM   1401 C  CA  . VAL A 1 171 ? 3.277   -6.062  -6.608  1.00 26.91 ? 169 VAL A CA  1 
ATOM   1402 C  C   . VAL A 1 171 ? 1.905   -6.585  -6.168  1.00 27.01 ? 169 VAL A C   1 
ATOM   1403 O  O   . VAL A 1 171 ? 1.587   -6.559  -4.980  1.00 26.20 ? 169 VAL A O   1 
ATOM   1404 C  CB  . VAL A 1 171 ? 3.502   -4.660  -5.961  1.00 22.60 ? 169 VAL A CB  1 
ATOM   1405 C  CG1 . VAL A 1 171 ? 4.876   -4.081  -6.371  1.00 24.61 ? 169 VAL A CG1 1 
ATOM   1406 C  CG2 . VAL A 1 171 ? 2.396   -3.679  -6.354  1.00 24.49 ? 169 VAL A CG2 1 
ATOM   1407 N  N   . GLY A 1 172 ? 1.103   -7.092  -7.102  1.00 22.30 ? 170 GLY A N   1 
ATOM   1408 C  CA  . GLY A 1 172 ? -0.244  -7.531  -6.770  1.00 23.56 ? 170 GLY A CA  1 
ATOM   1409 C  C   . GLY A 1 172 ? -0.369  -8.992  -6.357  1.00 25.00 ? 170 GLY A C   1 
ATOM   1410 O  O   . GLY A 1 172 ? 0.486   -9.817  -6.676  1.00 22.76 ? 170 GLY A O   1 
ATOM   1411 N  N   . VAL A 1 173 ? -1.432  -9.307  -5.624  1.00 24.34 ? 171 VAL A N   1 
ATOM   1412 C  CA  . VAL A 1 173 ? -1.710  -10.697 -5.264  1.00 27.39 ? 171 VAL A CA  1 
ATOM   1413 C  C   . VAL A 1 173 ? -2.878  -11.223 -6.092  1.00 26.61 ? 171 VAL A C   1 
ATOM   1414 O  O   . VAL A 1 173 ? -3.224  -12.390 -5.999  1.00 30.48 ? 171 VAL A O   1 
ATOM   1415 C  CB  . VAL A 1 173 ? -2.022  -10.869 -3.752  1.00 30.42 ? 171 VAL A CB  1 
ATOM   1416 C  CG1 . VAL A 1 173 ? -0.817  -10.483 -2.895  1.00 27.77 ? 171 VAL A CG1 1 
ATOM   1417 C  CG2 . VAL A 1 173 ? -3.259  -10.077 -3.342  1.00 29.11 ? 171 VAL A CG2 1 
ATOM   1418 N  N   . ALA A 1 174 ? -3.470  -10.357 -6.914  1.00 26.00 ? 172 ALA A N   1 
ATOM   1419 C  CA  . ALA A 1 174 ? -4.600  -10.736 -7.765  1.00 26.72 ? 172 ALA A CA  1 
ATOM   1420 C  C   . ALA A 1 174 ? -4.792  -9.724  -8.884  1.00 33.07 ? 172 ALA A C   1 
ATOM   1421 O  O   . ALA A 1 174 ? -4.269  -8.604  -8.816  1.00 27.42 ? 172 ALA A O   1 
ATOM   1422 C  CB  . ALA A 1 174 ? -5.876  -10.851 -6.949  1.00 26.09 ? 172 ALA A CB  1 
ATOM   1423 N  N   . ALA A 1 175 ? -5.549  -10.114 -9.904  1.00 27.91 ? 173 ALA A N   1 
ATOM   1424 C  CA  . ALA A 1 175 ? -5.933  -9.190  -10.966 1.00 30.42 ? 173 ALA A CA  1 
ATOM   1425 C  C   . ALA A 1 175 ? -6.629  -7.947  -10.401 1.00 29.17 ? 173 ALA A C   1 
ATOM   1426 O  O   . ALA A 1 175 ? -7.317  -8.024  -9.373  1.00 29.60 ? 173 ALA A O   1 
ATOM   1427 C  CB  . ALA A 1 175 ? -6.845  -9.894  -11.975 1.00 32.15 ? 173 ALA A CB  1 
ATOM   1428 N  N   . PRO A 1 176 ? -6.466  -6.794  -11.075 1.00 25.16 ? 174 PRO A N   1 
ATOM   1429 C  CA  . PRO A 1 176 ? -7.157  -5.597  -10.607 1.00 23.00 ? 174 PRO A CA  1 
ATOM   1430 C  C   . PRO A 1 176 ? -8.646  -5.736  -10.815 1.00 23.92 ? 174 PRO A C   1 
ATOM   1431 O  O   . PRO A 1 176 ? -9.057  -6.601  -11.578 1.00 26.13 ? 174 PRO A O   1 
ATOM   1432 C  CB  . PRO A 1 176 ? -6.605  -4.477  -11.506 1.00 25.37 ? 174 PRO A CB  1 
ATOM   1433 C  CG  . PRO A 1 176 ? -5.466  -5.071  -12.251 1.00 33.30 ? 174 PRO A CG  1 
ATOM   1434 C  CD  . PRO A 1 176 ? -5.713  -6.539  -12.314 1.00 22.88 ? 174 PRO A CD  1 
ATOM   1435 N  N   . ILE A 1 177 ? -9.432  -4.870  -10.189 1.00 24.40 ? 175 ILE A N   1 
ATOM   1436 C  CA  . ILE A 1 177 ? -10.861 -4.807  -10.469 1.00 27.14 ? 175 ILE A CA  1 
ATOM   1437 C  C   . ILE A 1 177 ? -11.293 -3.347  -10.502 1.00 26.56 ? 175 ILE A C   1 
ATOM   1438 O  O   . ILE A 1 177 ? -10.886 -2.547  -9.656  1.00 25.81 ? 175 ILE A O   1 
ATOM   1439 C  CB  . ILE A 1 177 ? -11.704 -5.606  -9.419  1.00 28.76 ? 175 ILE A CB  1 
ATOM   1440 C  CG1 . ILE A 1 177 ? -13.184 -5.595  -9.803  1.00 26.65 ? 175 ILE A CG1 1 
ATOM   1441 C  CG2 . ILE A 1 177 ? -11.494 -5.062  -7.994  1.00 27.11 ? 175 ILE A CG2 1 
ATOM   1442 C  CD1 . ILE A 1 177 ? -14.034 -6.547  -8.965  1.00 28.65 ? 175 ILE A CD1 1 
ATOM   1443 N  N   . GLN A 1 178 ? -12.098 -2.985  -11.495 1.00 27.60 ? 176 GLN A N   1 
ATOM   1444 C  CA  . GLN A 1 178 ? -12.526 -1.593  -11.619 1.00 25.30 ? 176 GLN A CA  1 
ATOM   1445 C  C   . GLN A 1 178 ? -13.464 -1.226  -10.481 1.00 28.24 ? 176 GLN A C   1 
ATOM   1446 O  O   . GLN A 1 178 ? -14.309 -2.027  -10.079 1.00 27.56 ? 176 GLN A O   1 
ATOM   1447 C  CB  . GLN A 1 178 ? -13.202 -1.346  -12.966 1.00 29.77 ? 176 GLN A CB  1 
ATOM   1448 C  CG  . GLN A 1 178 ? -13.575 0.110   -13.194 1.00 30.84 ? 176 GLN A CG  1 
ATOM   1449 C  CD  . GLN A 1 178 ? -13.968 0.387   -14.629 1.00 35.13 ? 176 GLN A CD  1 
ATOM   1450 O  OE1 . GLN A 1 178 ? -13.818 -0.473  -15.496 1.00 35.70 ? 176 GLN A OE1 1 
ATOM   1451 N  NE2 . GLN A 1 178 ? -14.479 1.589   -14.887 1.00 31.64 ? 176 GLN A NE2 1 
ATOM   1452 N  N   . VAL A 1 179 ? -13.297 -0.024  -9.946  1.00 26.55 ? 177 VAL A N   1 
ATOM   1453 C  CA  . VAL A 1 179 ? -14.084 0.414   -8.803  1.00 31.73 ? 177 VAL A CA  1 
ATOM   1454 C  C   . VAL A 1 179 ? -15.586 0.288   -9.063  1.00 31.60 ? 177 VAL A C   1 
ATOM   1455 O  O   . VAL A 1 179 ? -16.329 -0.195  -8.211  1.00 29.02 ? 177 VAL A O   1 
ATOM   1456 C  CB  . VAL A 1 179 ? -13.730 1.860   -8.419  1.00 26.00 ? 177 VAL A CB  1 
ATOM   1457 C  CG1 . VAL A 1 179 ? -14.767 2.434   -7.442  1.00 25.69 ? 177 VAL A CG1 1 
ATOM   1458 C  CG2 . VAL A 1 179 ? -12.349 1.891   -7.803  1.00 26.75 ? 177 VAL A CG2 1 
ATOM   1459 N  N   . SER A 1 180 ? -16.026 0.683   -10.254 1.00 31.95 ? 178 SER A N   1 
ATOM   1460 C  CA  . SER A 1 180 ? -17.445 0.615   -10.599 1.00 34.03 ? 178 SER A CA  1 
ATOM   1461 C  C   . SER A 1 180 ? -17.978 -0.822  -10.541 1.00 34.84 ? 178 SER A C   1 
ATOM   1462 O  O   . SER A 1 180 ? -19.096 -1.061  -10.086 1.00 30.98 ? 178 SER A O   1 
ATOM   1463 C  CB  . SER A 1 180 ? -17.677 1.214   -11.992 1.00 34.64 ? 178 SER A CB  1 
ATOM   1464 O  OG  . SER A 1 180 ? -17.052 0.421   -12.980 1.00 31.36 ? 178 SER A OG  1 
ATOM   1465 N  N   . LYS A 1 181 ? -17.175 -1.775  -11.001 1.00 30.50 ? 179 LYS A N   1 
ATOM   1466 C  CA  . LYS A 1 181 ? -17.590 -3.166  -11.012 1.00 27.57 ? 179 LYS A CA  1 
ATOM   1467 C  C   . LYS A 1 181 ? -17.636 -3.730  -9.590  1.00 34.10 ? 179 LYS A C   1 
ATOM   1468 O  O   . LYS A 1 181 ? -18.536 -4.507  -9.246  1.00 31.78 ? 179 LYS A O   1 
ATOM   1469 C  CB  . LYS A 1 181 ? -16.653 -3.998  -11.889 1.00 31.31 ? 179 LYS A CB  1 
ATOM   1470 C  CG  . LYS A 1 181 ? -17.025 -5.479  -11.979 1.00 41.21 ? 179 LYS A CG  1 
ATOM   1471 C  CD  . LYS A 1 181 ? -16.177 -6.187  -13.027 1.00 51.33 ? 179 LYS A CD  1 
ATOM   1472 C  CE  . LYS A 1 181 ? -16.606 -7.635  -13.224 1.00 57.57 ? 179 LYS A CE  1 
ATOM   1473 N  NZ  . LYS A 1 181 ? -16.231 -8.493  -12.067 1.00 58.24 ? 179 LYS A NZ  1 
ATOM   1474 N  N   . LEU A 1 182 ? -16.672 -3.336  -8.761  1.00 30.93 ? 180 LEU A N   1 
ATOM   1475 C  CA  . LEU A 1 182 ? -16.635 -3.829  -7.386  1.00 29.06 ? 180 LEU A CA  1 
ATOM   1476 C  C   . LEU A 1 182 ? -17.817 -3.268  -6.600  1.00 35.07 ? 180 LEU A C   1 
ATOM   1477 O  O   . LEU A 1 182 ? -18.493 -4.005  -5.868  1.00 34.28 ? 180 LEU A O   1 
ATOM   1478 C  CB  . LEU A 1 182 ? -15.313 -3.465  -6.696  1.00 26.81 ? 180 LEU A CB  1 
ATOM   1479 C  CG  . LEU A 1 182 ? -15.171 -4.054  -5.287  1.00 33.42 ? 180 LEU A CG  1 
ATOM   1480 C  CD1 . LEU A 1 182 ? -15.289 -5.568  -5.329  1.00 36.77 ? 180 LEU A CD1 1 
ATOM   1481 C  CD2 . LEU A 1 182 ? -13.866 -3.665  -4.633  1.00 28.76 ? 180 LEU A CD2 1 
ATOM   1482 N  N   . ARG A 1 183 ? -18.071 -1.970  -6.758  1.00 29.00 ? 181 ARG A N   1 
ATOM   1483 C  CA  . ARG A 1 183 ? -19.207 -1.337  -6.087  1.00 32.10 ? 181 ARG A CA  1 
ATOM   1484 C  C   . ARG A 1 183 ? -20.504 -2.061  -6.450  1.00 33.06 ? 181 ARG A C   1 
ATOM   1485 O  O   . ARG A 1 183 ? -21.325 -2.381  -5.584  1.00 31.20 ? 181 ARG A O   1 
ATOM   1486 C  CB  . ARG A 1 183 ? -19.291 0.145   -6.456  1.00 30.25 ? 181 ARG A CB  1 
ATOM   1487 C  CG  . ARG A 1 183 ? -18.338 1.025   -5.659  1.00 37.95 ? 181 ARG A CG  1 
ATOM   1488 C  CD  . ARG A 1 183 ? -18.307 2.455   -6.182  1.00 33.19 ? 181 ARG A CD  1 
ATOM   1489 N  NE  . ARG A 1 183 ? -17.461 3.318   -5.362  1.00 32.98 ? 181 ARG A NE  1 
ATOM   1490 C  CZ  . ARG A 1 183 ? -16.978 4.494   -5.766  1.00 31.23 ? 181 ARG A CZ  1 
ATOM   1491 N  NH1 . ARG A 1 183 ? -17.256 4.945   -6.981  1.00 28.28 ? 181 ARG A NH1 1 
ATOM   1492 N  NH2 . ARG A 1 183 ? -16.214 5.221   -4.960  1.00 27.19 ? 181 ARG A NH2 1 
ATOM   1493 N  N   . GLU A 1 184 ? -20.664 -2.353  -7.733  1.00 33.67 ? 182 GLU A N   1 
ATOM   1494 C  CA  . GLU A 1 184 ? -21.857 -3.036  -8.209  1.00 37.75 ? 182 GLU A CA  1 
ATOM   1495 C  C   . GLU A 1 184 ? -21.963 -4.465  -7.652  1.00 37.36 ? 182 GLU A C   1 
ATOM   1496 O  O   . GLU A 1 184 ? -23.047 -4.894  -7.280  1.00 35.11 ? 182 GLU A O   1 
ATOM   1497 C  CB  . GLU A 1 184 ? -21.874 -3.032  -9.745  1.00 40.11 ? 182 GLU A CB  1 
ATOM   1498 C  CG  . GLU A 1 184 ? -22.536 -4.226  -10.417 1.00 56.69 ? 182 GLU A CG  1 
ATOM   1499 C  CD  . GLU A 1 184 ? -22.654 -4.045  -11.930 1.00 76.98 ? 182 GLU A CD  1 
ATOM   1500 O  OE1 . GLU A 1 184 ? -21.667 -3.603  -12.569 1.00 68.34 ? 182 GLU A OE1 1 
ATOM   1501 O  OE2 . GLU A 1 184 ? -23.735 -4.347  -12.482 1.00 83.14 ? 182 GLU A OE2 1 
ATOM   1502 N  N   . GLN A 1 185 ? -20.852 -5.198  -7.597  1.00 33.48 ? 183 GLN A N   1 
ATOM   1503 C  CA  . GLN A 1 185 ? -20.863 -6.542  -7.014  1.00 32.49 ? 183 GLN A CA  1 
ATOM   1504 C  C   . GLN A 1 185 ? -21.255 -6.520  -5.537  1.00 32.68 ? 183 GLN A C   1 
ATOM   1505 O  O   . GLN A 1 185 ? -22.073 -7.323  -5.093  1.00 37.35 ? 183 GLN A O   1 
ATOM   1506 C  CB  . GLN A 1 185 ? -19.498 -7.209  -7.149  1.00 36.25 ? 183 GLN A CB  1 
ATOM   1507 C  CG  . GLN A 1 185 ? -19.143 -7.705  -8.530  1.00 30.81 ? 183 GLN A CG  1 
ATOM   1508 C  CD  . GLN A 1 185 ? -17.763 -8.337  -8.558  1.00 39.35 ? 183 GLN A CD  1 
ATOM   1509 O  OE1 . GLN A 1 185 ? -16.909 -8.025  -7.724  1.00 39.32 ? 183 GLN A OE1 1 
ATOM   1510 N  NE2 . GLN A 1 185 ? -17.534 -9.219  -9.524  1.00 44.02 ? 183 GLN A NE2 1 
ATOM   1511 N  N   . CYS A 1 186 ? -20.641 -5.616  -4.780  1.00 30.79 ? 184 CYS A N   1 
ATOM   1512 C  CA  . CYS A 1 186 ? -20.948 -5.447  -3.366  1.00 33.41 ? 184 CYS A CA  1 
ATOM   1513 C  C   . CYS A 1 186 ? -22.422 -5.141  -3.172  1.00 43.96 ? 184 CYS A C   1 
ATOM   1514 O  O   . CYS A 1 186 ? -23.056 -5.665  -2.254  1.00 33.45 ? 184 CYS A O   1 
ATOM   1515 C  CB  . CYS A 1 186 ? -20.092 -4.341  -2.747  1.00 30.14 ? 184 CYS A CB  1 
ATOM   1516 S  SG  . CYS A 1 186 ? -18.383 -4.835  -2.498  1.00 35.52 ? 184 CYS A SG  1 
ATOM   1517 N  N   . ARG A 1 187 ? -22.955 -4.300  -4.052  1.00 33.65 ? 185 ARG A N   1 
ATOM   1518 C  CA  . ARG A 1 187 ? -24.378 -3.991  -4.078  1.00 38.60 ? 185 ARG A CA  1 
ATOM   1519 C  C   . ARG A 1 187 ? -25.262 -5.233  -4.252  1.00 36.06 ? 185 ARG A C   1 
ATOM   1520 O  O   . ARG A 1 187 ? -26.229 -5.417  -3.509  1.00 40.57 ? 185 ARG A O   1 
ATOM   1521 C  CB  . ARG A 1 187 ? -24.673 -2.987  -5.197  1.00 41.23 ? 185 ARG A CB  1 
ATOM   1522 C  CG  . ARG A 1 187 ? -25.585 -1.850  -4.787  1.00 44.62 ? 185 ARG A CG  1 
ATOM   1523 N  N   . LYS A 1 188 ? -24.937 -6.073  -5.233  1.00 36.43 ? 186 LYS A N   1 
ATOM   1524 C  CA  . LYS A 1 188 ? -25.778 -7.223  -5.574  1.00 36.82 ? 186 LYS A CA  1 
ATOM   1525 C  C   . LYS A 1 188 ? -25.649 -8.386  -4.589  1.00 45.44 ? 186 LYS A C   1 
ATOM   1526 O  O   . LYS A 1 188 ? -26.600 -9.150  -4.408  1.00 39.09 ? 186 LYS A O   1 
ATOM   1527 C  CB  . LYS A 1 188 ? -25.453 -7.727  -6.983  1.00 39.02 ? 186 LYS A CB  1 
ATOM   1528 C  CG  . LYS A 1 188 ? -25.774 -6.743  -8.094  1.00 47.81 ? 186 LYS A CG  1 
ATOM   1529 N  N   . ILE A 1 189 ? -24.481 -8.521  -3.959  1.00 42.91 ? 187 ILE A N   1 
ATOM   1530 C  CA  . ILE A 1 189 ? -24.201 -9.657  -3.069  1.00 42.97 ? 187 ILE A CA  1 
ATOM   1531 C  C   . ILE A 1 189 ? -24.401 -9.360  -1.588  1.00 47.08 ? 187 ILE A C   1 
ATOM   1532 O  O   . ILE A 1 189 ? -25.067 -10.113 -0.881  1.00 44.11 ? 187 ILE A O   1 
ATOM   1533 C  CB  . ILE A 1 189 ? -22.765 -10.171 -3.253  1.00 43.33 ? 187 ILE A CB  1 
ATOM   1534 C  CG1 . ILE A 1 189 ? -22.602 -10.792 -4.641  1.00 43.84 ? 187 ILE A CG1 1 
ATOM   1535 C  CG2 . ILE A 1 189 ? -22.418 -11.182 -2.157  1.00 41.88 ? 187 ILE A CG2 1 
ATOM   1536 C  CD1 . ILE A 1 189 ? -23.654 -11.836 -4.969  1.00 44.82 ? 187 ILE A CD1 1 
ATOM   1537 N  N   . LEU A 1 190 ? -23.815 -8.272  -1.108  1.00 39.50 ? 188 LEU A N   1 
ATOM   1538 C  CA  . LEU A 1 190 ? -23.972 -7.918  0.298   1.00 41.44 ? 188 LEU A CA  1 
ATOM   1539 C  C   . LEU A 1 190 ? -25.353 -7.315  0.558   1.00 55.46 ? 188 LEU A C   1 
ATOM   1540 O  O   . LEU A 1 190 ? -26.378 -8.022  0.516   1.00 49.21 ? 188 LEU A O   1 
ATOM   1541 C  CB  . LEU A 1 190 ? -22.871 -6.947  0.738   1.00 45.75 ? 188 LEU A CB  1 
ATOM   1542 C  CG  . LEU A 1 190 ? -21.453 -7.532  0.805   1.00 44.21 ? 188 LEU A CG  1 
ATOM   1543 C  CD1 . LEU A 1 190 ? -20.462 -6.520  1.370   1.00 50.30 ? 188 LEU A CD1 1 
ATOM   1544 C  CD2 . LEU A 1 190 ? -21.427 -8.805  1.619   1.00 37.10 ? 188 LEU A CD2 1 
ATOM   1545 O  OXT . LEU A 1 190 ? -25.468 -6.110  0.812   1.00 50.72 ? 188 LEU A OXT 1 
HETATM 1546 P  P   . PO4 B 2 .   ? -1.617  10.686  3.954   0.99 35.20 ? 201 PO4 A P   1 
HETATM 1547 O  O1  . PO4 B 2 .   ? -2.551  11.492  3.097   0.99 42.73 ? 201 PO4 A O1  1 
HETATM 1548 O  O2  . PO4 B 2 .   ? -0.190  11.032  3.606   0.99 34.06 ? 201 PO4 A O2  1 
HETATM 1549 O  O3  . PO4 B 2 .   ? -1.889  10.951  5.412   0.99 50.39 ? 201 PO4 A O3  1 
HETATM 1550 O  O4  . PO4 B 2 .   ? -1.815  9.205   3.706   0.99 29.62 ? 201 PO4 A O4  1 
HETATM 1551 P  P   . PO4 C 2 .   ? -0.863  2.628   16.579  1.00 45.99 ? 202 PO4 A P   1 
HETATM 1552 O  O1  . PO4 C 2 .   ? -0.116  3.425   15.520  1.00 40.55 ? 202 PO4 A O1  1 
HETATM 1553 O  O2  . PO4 C 2 .   ? -0.308  1.225   16.653  1.00 42.82 ? 202 PO4 A O2  1 
HETATM 1554 O  O3  . PO4 C 2 .   ? -0.717  3.280   17.933  1.00 56.34 ? 202 PO4 A O3  1 
HETATM 1555 O  O4  . PO4 C 2 .   ? -2.331  2.580   16.232  1.00 46.01 ? 202 PO4 A O4  1 
HETATM 1556 CL CL  . CL  D 3 .   ? -17.033 3.106   -2.356  0.89 33.08 ? 203 CL  A CL  1 
HETATM 1557 C  C1  . IPA E 4 .   ? -8.523  11.077  3.085   1.00 37.80 ? 204 IPA A C1  1 
HETATM 1558 C  C2  . IPA E 4 .   ? -8.633  11.748  4.450   1.00 32.89 ? 204 IPA A C2  1 
HETATM 1559 C  C3  . IPA E 4 .   ? -9.752  11.113  5.268   1.00 37.85 ? 204 IPA A C3  1 
HETATM 1560 O  O2  . IPA E 4 .   ? -7.417  11.593  5.140   1.00 48.30 ? 204 IPA A O2  1 
HETATM 1561 C  C1  . IPA F 4 .   ? 11.427  -5.351  -10.283 1.00 42.02 ? 205 IPA A C1  1 
HETATM 1562 C  C2  . IPA F 4 .   ? 10.316  -6.310  -10.692 1.00 50.42 ? 205 IPA A C2  1 
HETATM 1563 C  C3  . IPA F 4 .   ? 10.388  -7.593  -9.871  1.00 51.76 ? 205 IPA A C3  1 
HETATM 1564 O  O2  . IPA F 4 .   ? 9.065   -5.697  -10.465 1.00 48.92 ? 205 IPA A O2  1 
HETATM 1565 O  O   . HOH G 5 .   ? -4.441  2.292   0.396   1.00 24.82 ? 301 HOH A O   1 
HETATM 1566 O  O   . HOH G 5 .   ? -9.068  7.580   -1.774  1.00 29.03 ? 302 HOH A O   1 
HETATM 1567 O  O   . HOH G 5 .   ? -8.983  2.264   -17.755 1.00 33.31 ? 303 HOH A O   1 
HETATM 1568 O  O   . HOH G 5 .   ? 3.441   -5.468  4.994   1.00 32.53 ? 304 HOH A O   1 
HETATM 1569 O  O   . HOH G 5 .   ? -0.889  5.738   -13.558 1.00 31.20 ? 305 HOH A O   1 
HETATM 1570 O  O   . HOH G 5 .   ? 9.161   10.309  -8.205  1.00 44.54 ? 306 HOH A O   1 
HETATM 1571 O  O   . HOH G 5 .   ? -13.645 -10.023 0.933   1.00 31.04 ? 307 HOH A O   1 
HETATM 1572 O  O   . HOH G 5 .   ? -2.388  4.823   -11.339 1.00 26.42 ? 308 HOH A O   1 
HETATM 1573 O  O   . HOH G 5 .   ? -3.758  8.925   6.946   1.00 36.72 ? 309 HOH A O   1 
HETATM 1574 O  O   . HOH G 5 .   ? 15.025  8.193   -13.779 1.00 40.15 ? 310 HOH A O   1 
HETATM 1575 O  O   . HOH G 5 .   ? 8.951   13.600  -5.919  1.00 33.55 ? 311 HOH A O   1 
HETATM 1576 O  O   . HOH G 5 .   ? -2.869  -8.206  7.407   1.00 29.08 ? 312 HOH A O   1 
HETATM 1577 O  O   . HOH G 5 .   ? -2.891  -10.316 11.730  1.00 36.32 ? 313 HOH A O   1 
HETATM 1578 O  O   . HOH G 5 .   ? -5.641  -6.854  -7.352  1.00 27.43 ? 314 HOH A O   1 
HETATM 1579 O  O   . HOH G 5 .   ? 18.139  -3.645  6.142   1.00 36.44 ? 315 HOH A O   1 
HETATM 1580 O  O   . HOH G 5 .   ? 8.357   -5.300  -5.722  1.00 27.75 ? 316 HOH A O   1 
HETATM 1581 O  O   . HOH G 5 .   ? 27.792  10.298  0.514   1.00 38.21 ? 317 HOH A O   1 
HETATM 1582 O  O   . HOH G 5 .   ? 18.922  5.959   -4.748  1.00 49.50 ? 318 HOH A O   1 
HETATM 1583 O  O   . HOH G 5 .   ? 15.262  4.065   -1.586  1.00 34.50 ? 319 HOH A O   1 
HETATM 1584 O  O   . HOH G 5 .   ? 12.009  5.371   -1.864  1.00 25.02 ? 320 HOH A O   1 
HETATM 1585 O  O   . HOH G 5 .   ? 14.418  5.426   0.555   1.00 38.38 ? 321 HOH A O   1 
HETATM 1586 O  O   . HOH G 5 .   ? 15.582  7.246   2.447   1.00 48.19 ? 322 HOH A O   1 
HETATM 1587 O  O   . HOH G 5 .   ? -8.796  -12.636 5.649   1.00 37.28 ? 323 HOH A O   1 
HETATM 1588 O  O   . HOH G 5 .   ? -11.312 -11.512 1.219   1.00 38.58 ? 324 HOH A O   1 
HETATM 1589 O  O   . HOH G 5 .   ? -11.050 -10.566 -1.462  1.00 51.16 ? 325 HOH A O   1 
HETATM 1590 O  O   . HOH G 5 .   ? -12.582 -7.826  -4.286  1.00 32.99 ? 326 HOH A O   1 
HETATM 1591 O  O   . HOH G 5 .   ? -14.205 -9.738  -7.485  1.00 50.10 ? 327 HOH A O   1 
HETATM 1592 O  O   . HOH G 5 .   ? -14.549 -10.585 -10.090 1.00 47.98 ? 328 HOH A O   1 
HETATM 1593 O  O   . HOH G 5 .   ? 17.141  -4.583  -7.662  1.00 56.69 ? 329 HOH A O   1 
HETATM 1594 O  O   . HOH G 5 .   ? 8.842   -4.145  -8.121  1.00 36.42 ? 330 HOH A O   1 
HETATM 1595 O  O   . HOH G 5 .   ? 9.801   11.489  2.191   1.00 45.94 ? 331 HOH A O   1 
HETATM 1596 O  O   . HOH G 5 .   ? -4.100  3.652   15.494  1.00 41.68 ? 332 HOH A O   1 
HETATM 1597 O  O   . HOH G 5 .   ? -3.739  7.454   17.679  1.00 43.57 ? 333 HOH A O   1 
HETATM 1598 O  O   . HOH G 5 .   ? -2.031  9.407   17.031  1.00 37.68 ? 334 HOH A O   1 
HETATM 1599 O  O   . HOH G 5 .   ? -5.945  8.585   18.647  1.00 37.47 ? 335 HOH A O   1 
HETATM 1600 O  O   . HOH G 5 .   ? 4.567   8.230   15.572  1.00 43.26 ? 336 HOH A O   1 
HETATM 1601 O  O   . HOH G 5 .   ? 2.149   7.898   16.105  1.00 40.84 ? 337 HOH A O   1 
HETATM 1602 O  O   . HOH G 5 .   ? 5.962   11.701  13.967  1.00 47.66 ? 338 HOH A O   1 
HETATM 1603 O  O   . HOH G 5 .   ? 0.547   13.816  12.468  1.00 35.74 ? 339 HOH A O   1 
HETATM 1604 O  O   . HOH G 5 .   ? -5.013  8.734   -0.040  1.00 32.54 ? 340 HOH A O   1 
HETATM 1605 O  O   . HOH G 5 .   ? -5.888  9.983   7.069   1.00 41.71 ? 341 HOH A O   1 
HETATM 1606 O  O   . HOH G 5 .   ? -10.468 4.071   10.992  1.00 29.58 ? 342 HOH A O   1 
HETATM 1607 O  O   . HOH G 5 .   ? -9.258  1.790   10.956  1.00 32.03 ? 343 HOH A O   1 
HETATM 1608 O  O   . HOH G 5 .   ? -14.041 7.454   5.809   1.00 42.84 ? 344 HOH A O   1 
HETATM 1609 O  O   . HOH G 5 .   ? -15.448 2.612   14.790  1.00 34.01 ? 345 HOH A O   1 
HETATM 1610 O  O   . HOH G 5 .   ? -11.119 6.103   -1.244  1.00 37.08 ? 346 HOH A O   1 
HETATM 1611 O  O   . HOH G 5 .   ? -15.931 9.429   -4.989  1.00 45.70 ? 347 HOH A O   1 
HETATM 1612 O  O   . HOH G 5 .   ? -17.282 7.744   -7.561  1.00 43.59 ? 348 HOH A O   1 
HETATM 1613 O  O   . HOH G 5 .   ? -16.899 8.957   -10.587 1.00 42.97 ? 349 HOH A O   1 
HETATM 1614 O  O   . HOH G 5 .   ? -15.424 8.143   -13.074 1.00 39.23 ? 350 HOH A O   1 
HETATM 1615 O  O   . HOH G 5 .   ? -9.611  7.001   -13.097 1.00 33.28 ? 351 HOH A O   1 
HETATM 1616 O  O   . HOH G 5 .   ? -1.528  7.077   -15.783 1.00 45.47 ? 352 HOH A O   1 
HETATM 1617 O  O   . HOH G 5 .   ? -3.049  8.950   -9.586  1.00 42.98 ? 353 HOH A O   1 
HETATM 1618 O  O   . HOH G 5 .   ? -3.706  6.674   -8.770  1.00 28.20 ? 354 HOH A O   1 
HETATM 1619 O  O   . HOH G 5 .   ? -6.563  6.461   -8.509  1.00 27.10 ? 355 HOH A O   1 
HETATM 1620 O  O   . HOH G 5 .   ? -6.244  11.052  -6.071  1.00 39.86 ? 356 HOH A O   1 
HETATM 1621 O  O   . HOH G 5 .   ? -2.044  12.364  0.896   1.00 40.36 ? 357 HOH A O   1 
HETATM 1622 O  O   . HOH G 5 .   ? 0.825   11.426  0.374   1.00 33.70 ? 358 HOH A O   1 
HETATM 1623 O  O   . HOH G 5 .   ? 4.597   14.283  -2.838  1.00 38.89 ? 359 HOH A O   1 
HETATM 1624 O  O   . HOH G 5 .   ? -8.303  -12.236 11.495  1.00 42.36 ? 360 HOH A O   1 
HETATM 1625 O  O   . HOH G 5 .   ? -1.815  2.079   1.019   1.00 27.30 ? 361 HOH A O   1 
HETATM 1626 O  O   . HOH G 5 .   ? -20.895 0.748   -10.044 1.00 36.01 ? 362 HOH A O   1 
HETATM 1627 O  O   . HOH G 5 .   ? -22.069 -0.128  -12.468 1.00 53.98 ? 363 HOH A O   1 
HETATM 1628 O  O   . HOH G 5 .   ? -13.416 0.008   -18.175 1.00 46.84 ? 364 HOH A O   1 
HETATM 1629 O  O   . HOH G 5 .   ? -12.520 -4.871  -13.622 1.00 33.21 ? 365 HOH A O   1 
HETATM 1630 O  O   . HOH G 5 .   ? -6.595  -12.832 -10.091 1.00 33.53 ? 366 HOH A O   1 
HETATM 1631 O  O   . HOH G 5 .   ? -9.482  -9.447  -7.909  1.00 41.12 ? 367 HOH A O   1 
HETATM 1632 O  O   . HOH G 5 .   ? -10.440 3.992   -16.257 1.00 33.99 ? 368 HOH A O   1 
HETATM 1633 O  O   . HOH G 5 .   ? 25.807  -11.033 -0.128  1.00 35.47 ? 369 HOH A O   1 
HETATM 1634 O  O   . HOH G 5 .   ? -9.431  6.449   -16.876 1.00 40.81 ? 370 HOH A O   1 
HETATM 1635 O  O   . HOH G 5 .   ? 2.203   -10.173 -8.838  1.00 38.24 ? 371 HOH A O   1 
HETATM 1636 O  O   . HOH G 5 .   ? 27.989  7.918   4.114   1.00 41.66 ? 372 HOH A O   1 
HETATM 1637 O  O   . HOH G 5 .   ? 11.864  -3.446  -13.411 1.00 39.89 ? 373 HOH A O   1 
HETATM 1638 O  O   . HOH G 5 .   ? -26.460 -12.577 -2.285  1.00 43.56 ? 374 HOH A O   1 
HETATM 1639 O  O   . HOH G 5 .   ? 4.829   -5.174  -17.972 1.00 34.59 ? 375 HOH A O   1 
HETATM 1640 O  O   . HOH G 5 .   ? -0.438  -12.902 5.913   1.00 38.97 ? 376 HOH A O   1 
HETATM 1641 O  O   . HOH G 5 .   ? -2.203  -10.453 8.988   1.00 41.25 ? 377 HOH A O   1 
HETATM 1642 O  O   . HOH G 5 .   ? 3.092   -8.774  2.753   1.00 33.76 ? 378 HOH A O   1 
HETATM 1643 O  O   . HOH G 5 .   ? 4.036   -10.877 3.960   1.00 43.10 ? 379 HOH A O   1 
HETATM 1644 O  O   . HOH G 5 .   ? 6.165   -12.070 5.778   1.00 46.51 ? 380 HOH A O   1 
HETATM 1645 O  O   . HOH G 5 .   ? -4.174  -8.162  4.926   1.00 28.40 ? 381 HOH A O   1 
HETATM 1646 O  O   . HOH G 5 .   ? -3.412  -10.263 15.652  1.00 43.52 ? 382 HOH A O   1 
HETATM 1647 O  O   . HOH G 5 .   ? -6.260  -7.312  13.630  1.00 31.59 ? 383 HOH A O   1 
HETATM 1648 O  O   . HOH G 5 .   ? 1.241   -4.813  13.609  1.00 35.53 ? 384 HOH A O   1 
HETATM 1649 O  O   . HOH G 5 .   ? 4.222   -0.663  14.811  1.00 51.00 ? 385 HOH A O   1 
HETATM 1650 O  O   . HOH G 5 .   ? 3.871   2.065   14.369  1.00 44.16 ? 386 HOH A O   1 
HETATM 1651 O  O   . HOH G 5 .   ? 8.311   0.701   12.500  1.00 40.18 ? 387 HOH A O   1 
HETATM 1652 O  O   . HOH G 5 .   ? 5.580   -4.524  6.157   1.00 36.40 ? 388 HOH A O   1 
HETATM 1653 O  O   . HOH G 5 .   ? 13.238  -1.114  8.886   1.00 40.73 ? 389 HOH A O   1 
HETATM 1654 O  O   . HOH G 5 .   ? -9.909  -5.506  16.460  1.00 33.02 ? 390 HOH A O   1 
HETATM 1655 O  O   . HOH G 5 .   ? -10.979 -1.242  15.267  1.00 46.89 ? 391 HOH A O   1 
HETATM 1656 O  O   . HOH G 5 .   ? -6.899  0.342   14.163  1.00 41.83 ? 392 HOH A O   1 
HETATM 1657 O  O   . HOH G 5 .   ? 19.108  -3.229  -5.286  1.00 44.87 ? 393 HOH A O   1 
HETATM 1658 O  O   . HOH G 5 .   ? 19.364  -4.708  -3.471  1.00 41.83 ? 394 HOH A O   1 
HETATM 1659 O  O   . HOH G 5 .   ? 16.289  -6.209  -6.099  1.00 49.01 ? 395 HOH A O   1 
HETATM 1660 O  O   . HOH G 5 .   ? 12.575  -12.209 -4.185  1.00 42.57 ? 396 HOH A O   1 
HETATM 1661 O  O   . HOH G 5 .   ? -18.263 -3.041  1.481   1.00 35.64 ? 397 HOH A O   1 
HETATM 1662 O  O   . HOH G 5 .   ? -22.463 -2.604  3.491   1.00 42.18 ? 398 HOH A O   1 
HETATM 1663 O  O   . HOH G 5 .   ? -10.813 -7.907  15.883  1.00 39.40 ? 399 HOH A O   1 
HETATM 1664 O  O   . HOH G 5 .   ? -14.114 -0.765  14.347  1.00 42.11 ? 400 HOH A O   1 
HETATM 1665 O  O   . HOH G 5 .   ? -7.031  10.870  0.177   1.00 51.52 ? 401 HOH A O   1 
HETATM 1666 O  O   . HOH G 5 .   ? -8.542  10.862  -1.767  1.00 56.87 ? 402 HOH A O   1 
HETATM 1667 O  O   . HOH G 5 .   ? 0.936   9.218   -9.121  1.00 35.58 ? 403 HOH A O   1 
HETATM 1668 O  O   . HOH G 5 .   ? 14.757  -3.555  -14.939 1.00 59.75 ? 404 HOH A O   1 
HETATM 1669 O  O   . HOH G 5 .   ? 3.790   11.308  3.931   1.00 43.16 ? 405 HOH A O   1 
HETATM 1670 O  O   . HOH G 5 .   ? -11.650 -8.978  -6.788  1.00 51.94 ? 406 HOH A O   1 
HETATM 1671 O  O   . HOH G 5 .   ? -18.792 -1.672  -14.118 1.00 53.26 ? 407 HOH A O   1 
HETATM 1672 O  O   . HOH G 5 .   ? -17.298 2.628   -14.965 1.00 48.35 ? 408 HOH A O   1 
HETATM 1673 O  O   . HOH G 5 .   ? -28.739 -7.748  -0.510  1.00 47.69 ? 409 HOH A O   1 
HETATM 1674 O  O   . HOH G 5 .   ? 20.133  -7.415  3.708   1.00 42.94 ? 410 HOH A O   1 
HETATM 1675 O  O   . HOH G 5 .   ? 13.819  12.266  0.312   1.00 50.96 ? 411 HOH A O   1 
# 
